data_1UON
#
_entry.id   1UON
#
_cell.length_a   1.000
_cell.length_b   1.000
_cell.length_c   1.000
_cell.angle_alpha   90.00
_cell.angle_beta   90.00
_cell.angle_gamma   90.00
#
_symmetry.space_group_name_H-M   'P 1'
#
loop_
_entity.id
_entity.type
_entity.pdbx_description
1 polymer 'MINOR CORE PROTEIN LAMBDA 3'
2 polymer "5'-R(*GP*GP*GP*GP*GP*)-3'"
3 polymer "5'-R(*UP*AP*GP*CP*CP*CP*CP*CP*)-3'"
4 non-polymer "3'-DEOXY-CYTIDINE-5'-TRIPHOSPHATE"
5 non-polymer 'MANGANESE (II) ION'
6 water water
#
loop_
_entity_poly.entity_id
_entity_poly.type
_entity_poly.pdbx_seq_one_letter_code
_entity_poly.pdbx_strand_id
1 'polypeptide(L)'
;MSSMILTQFGPFIESISGITDQSNDVFEDAAKAFSMFTRSDVYKALDEIPFSDDAMLPIPPTIYTKPSHDSYYYIDALNR
VRRKTYQGPDDVYVPNCSIVELLEPHETLTSYGRLSEAIENRAKDGDSQARIATTYGRIAESQARQIKAPLEKFVLALLV
AEAGGSLYDPVLQKYDEIPDLSHNCPLWCFREICRHISGPLPDRAPYLYLSAGVFWLMSPRMTSAIPPLLSDLVNLAILQ
QTAGLDPSLVKLGVQICLHAAASSSYSWFILKTKSIFPQNTLHSMYESLEGGYCPNLEWLEPRSDYKFMYMGVMPLSAKY
ARSAPSNDKKARELGEKYGLSSVVGELRKRTKTYVKHDFASVRYIRDAMACTSGIFLVRTPTETVLQEYTQSPEIKVPIP
QKDWTGPIGEIRILKDTTSSIARYLYRTWYLAAARMAAQPRTWDPLFQAIMRSQYVTARGGSGAALRESLYAINVSLPDF
KGLPVKAATKIFQAAQLANLPFSHTSVAILADTSMGLRNQVQRRPRSIMPLNVPQQQVSAPHTLTADYINYHMNLSPTSG
SAVIEKVIPLGVYASSPPNQSINIDISACDASITWDFFLSVIMAAIHEGVASSSIGKPFMGVPASIVNDESVVGVRAARP
ISGMQNMIQHLSKLYKRGFSYRVNDSFSPGNDFTHMTTTFPSGSTATSTEHTANNSTMMETFLTVWGPEHTDDPDVLRLM
KSLTIQRNYVCQGDDGLMIIDGTTAGKVNSETIQNDLELISKYGEEFGWKYDIAYDGTAEYLKLYFIFGCRIPNLSRHPI
VGKERANSSAEEPWPAILDQIMGVFFNGVHDGLQWQRWIRYSWALCCAFSRQRTMIGESVGYLQYPMWSFVYWGLPLVKA
FGSDPWIFSWYMPTGDLGMYSWISLIRPLMTRWMVANGYVTDRCSTVFGNADYRRCFNELKLYQGYYMAQLPRNPKKSGR
AASREVREQFTQALSDYLMQNPELKSRVLRGRSEWEKYGAGIIHNPPSLFDVPHKWYQGAQEAAIATREELAEMDETLMR
ARRHSYSSFSKLLEAYLLVKWRMCEAREPSVDLRLPLCAGIDPLNSDPFLKMVSVGPMLQSTRKYFAQTLFMAKTVSGLD
VNAIDSALLRLRTLGADKKALTAQLLMVGLQESEADALAGKIMLQDVNTVQLARVVNLAVPDTWMSLDFDSMFKHHVKLL
PKDGRHLNTDIPPRMGWLRAILRFLGAGMVMTATGVAVDIYLEDIHGGGRSLGQRFMTWMRQEGRSA
;
A
2 'polyribonucleotide' GGGGG B
3 'polyribonucleotide' UAGCCCCC C
#
# COMPACT_ATOMS: atom_id res chain seq x y z
N SER A 2 -15.81 35.11 -0.96
CA SER A 2 -14.77 34.54 -1.87
C SER A 2 -13.87 35.64 -2.45
N SER A 3 -14.12 36.89 -2.05
CA SER A 3 -13.32 38.03 -2.52
C SER A 3 -12.00 37.99 -1.76
N MET A 4 -12.06 37.50 -0.53
CA MET A 4 -10.87 37.38 0.30
C MET A 4 -9.94 36.43 -0.46
N ILE A 5 -10.46 35.25 -0.80
CA ILE A 5 -9.68 34.25 -1.54
C ILE A 5 -9.25 34.78 -2.92
N LEU A 6 -10.21 35.35 -3.66
CA LEU A 6 -9.94 35.91 -4.98
C LEU A 6 -8.78 36.92 -4.97
N THR A 7 -8.84 37.88 -4.05
CA THR A 7 -7.79 38.89 -3.98
C THR A 7 -6.42 38.25 -3.72
N GLN A 8 -6.35 37.43 -2.69
CA GLN A 8 -5.10 36.78 -2.31
C GLN A 8 -4.49 35.78 -3.29
N PHE A 9 -5.32 35.01 -3.99
CA PHE A 9 -4.79 34.00 -4.91
C PHE A 9 -5.25 34.17 -6.36
N GLY A 10 -5.83 35.32 -6.67
CA GLY A 10 -6.33 35.61 -8.00
C GLY A 10 -5.56 35.02 -9.15
N PRO A 11 -4.38 35.58 -9.47
CA PRO A 11 -3.52 35.13 -10.56
C PRO A 11 -3.19 33.64 -10.53
N PHE A 12 -3.00 33.08 -9.33
CA PHE A 12 -2.68 31.67 -9.19
C PHE A 12 -3.89 30.83 -9.58
N ILE A 13 -5.05 31.26 -9.11
CA ILE A 13 -6.30 30.57 -9.42
C ILE A 13 -6.42 30.41 -10.93
N GLU A 14 -6.20 31.51 -11.66
CA GLU A 14 -6.32 31.45 -13.12
C GLU A 14 -5.24 30.58 -13.74
N SER A 15 -4.10 30.49 -13.08
CA SER A 15 -3.00 29.70 -13.60
C SER A 15 -3.31 28.20 -13.56
N ILE A 16 -4.14 27.79 -12.61
CA ILE A 16 -4.48 26.38 -12.48
C ILE A 16 -5.89 26.05 -12.97
N SER A 17 -6.50 26.99 -13.70
CA SER A 17 -7.84 26.75 -14.24
C SER A 17 -7.79 26.69 -15.77
N GLY A 18 -6.59 26.85 -16.32
CA GLY A 18 -6.42 26.80 -17.77
C GLY A 18 -6.64 28.14 -18.44
N ILE A 19 -6.89 29.18 -17.65
CA ILE A 19 -7.12 30.51 -18.19
C ILE A 19 -5.79 31.23 -18.44
N THR A 20 -4.86 31.11 -17.51
CA THR A 20 -3.57 31.77 -17.67
C THR A 20 -2.42 30.76 -17.52
N ASP A 21 -1.22 31.13 -17.96
CA ASP A 21 -0.06 30.25 -17.84
C ASP A 21 0.41 30.09 -16.39
N GLN A 22 1.02 28.95 -16.09
CA GLN A 22 1.55 28.75 -14.75
C GLN A 22 2.95 29.36 -14.74
N SER A 23 3.33 29.96 -13.63
CA SER A 23 4.65 30.56 -13.52
C SER A 23 5.09 30.37 -12.08
N ASN A 24 6.37 30.09 -11.89
CA ASN A 24 6.88 29.87 -10.56
C ASN A 24 6.70 31.10 -9.67
N ASP A 25 6.79 32.28 -10.27
CA ASP A 25 6.62 33.51 -9.52
C ASP A 25 5.25 33.58 -8.90
N VAL A 26 4.21 33.26 -9.66
CA VAL A 26 2.88 33.30 -9.10
C VAL A 26 2.71 32.18 -8.09
N PHE A 27 3.23 30.99 -8.44
CA PHE A 27 3.15 29.83 -7.58
C PHE A 27 3.74 30.08 -6.20
N GLU A 28 4.96 30.59 -6.17
CA GLU A 28 5.62 30.84 -4.89
C GLU A 28 4.91 31.91 -4.08
N ASP A 29 4.31 32.88 -4.76
CA ASP A 29 3.57 33.91 -4.06
C ASP A 29 2.32 33.27 -3.47
N ALA A 30 1.70 32.40 -4.25
CA ALA A 30 0.51 31.70 -3.78
C ALA A 30 0.92 30.90 -2.53
N ALA A 31 2.09 30.28 -2.59
CA ALA A 31 2.61 29.50 -1.46
C ALA A 31 2.77 30.40 -0.24
N LYS A 32 3.41 31.55 -0.42
CA LYS A 32 3.60 32.49 0.68
C LYS A 32 2.23 32.93 1.22
N ALA A 33 1.28 33.15 0.33
CA ALA A 33 -0.06 33.57 0.74
C ALA A 33 -0.72 32.48 1.59
N PHE A 34 -0.50 31.22 1.20
CA PHE A 34 -1.08 30.10 1.94
C PHE A 34 -0.53 30.05 3.36
N SER A 35 0.77 30.27 3.49
CA SER A 35 1.41 30.22 4.79
C SER A 35 1.12 31.43 5.66
N MET A 36 0.69 32.53 5.06
CA MET A 36 0.39 33.73 5.82
C MET A 36 -1.07 33.80 6.22
N PHE A 37 -1.87 32.89 5.67
CA PHE A 37 -3.30 32.81 5.99
C PHE A 37 -3.41 32.19 7.39
N THR A 38 -4.17 32.81 8.27
CA THR A 38 -4.34 32.27 9.61
C THR A 38 -5.55 31.36 9.60
N ARG A 39 -5.54 30.32 10.45
CA ARG A 39 -6.65 29.38 10.53
C ARG A 39 -8.00 30.08 10.54
N SER A 40 -8.18 30.99 11.48
CA SER A 40 -9.45 31.71 11.59
C SER A 40 -9.81 32.40 10.31
N ASP A 41 -8.82 32.73 9.50
CA ASP A 41 -9.12 33.39 8.24
C ASP A 41 -9.83 32.42 7.30
N VAL A 42 -9.46 31.15 7.35
CA VAL A 42 -10.10 30.17 6.47
C VAL A 42 -11.59 30.12 6.77
N TYR A 43 -11.94 30.24 8.06
CA TYR A 43 -13.34 30.21 8.48
C TYR A 43 -14.02 31.51 8.04
N LYS A 44 -13.29 32.63 8.12
CA LYS A 44 -13.82 33.92 7.69
C LYS A 44 -14.11 33.81 6.20
N ALA A 45 -13.26 33.07 5.49
CA ALA A 45 -13.44 32.89 4.06
C ALA A 45 -14.68 32.03 3.86
N LEU A 46 -14.84 31.01 4.70
CA LEU A 46 -15.99 30.14 4.59
C LEU A 46 -17.29 30.92 4.80
N ASP A 47 -17.24 31.91 5.69
CA ASP A 47 -18.42 32.74 5.95
C ASP A 47 -18.85 33.49 4.70
N GLU A 48 -17.90 33.87 3.85
CA GLU A 48 -18.20 34.61 2.62
C GLU A 48 -18.98 33.81 1.58
N ILE A 49 -19.20 32.52 1.83
CA ILE A 49 -19.93 31.71 0.85
C ILE A 49 -21.47 31.72 1.02
N PRO A 50 -22.18 32.12 -0.03
CA PRO A 50 -23.64 32.21 -0.11
C PRO A 50 -24.27 30.84 -0.31
N PHE A 51 -24.19 30.01 0.71
CA PHE A 51 -24.74 28.65 0.64
C PHE A 51 -26.20 28.56 0.22
N SER A 52 -26.50 27.57 -0.62
CA SER A 52 -27.85 27.33 -1.10
C SER A 52 -28.58 26.49 -0.08
N ASP A 53 -29.91 26.56 -0.05
CA ASP A 53 -30.68 25.79 0.91
C ASP A 53 -30.49 24.27 0.75
N ASP A 54 -30.20 23.82 -0.47
CA ASP A 54 -30.02 22.39 -0.72
C ASP A 54 -28.77 21.86 -0.03
N ALA A 55 -27.87 22.77 0.36
CA ALA A 55 -26.63 22.40 1.02
C ALA A 55 -26.79 22.32 2.53
N MET A 56 -28.02 22.47 3.01
CA MET A 56 -28.25 22.44 4.45
C MET A 56 -29.11 21.28 4.86
N LEU A 57 -28.95 20.87 6.11
CA LEU A 57 -29.71 19.78 6.68
C LEU A 57 -29.68 19.93 8.20
N PRO A 58 -30.76 19.53 8.88
CA PRO A 58 -30.86 19.62 10.35
C PRO A 58 -29.67 19.05 11.10
N ILE A 59 -29.01 19.87 11.88
CA ILE A 59 -27.89 19.41 12.67
C ILE A 59 -28.34 19.11 14.10
N PRO A 60 -28.16 17.85 14.54
CA PRO A 60 -28.53 17.34 15.87
C PRO A 60 -27.95 18.15 17.03
N PRO A 61 -28.83 18.69 17.88
CA PRO A 61 -28.32 19.49 19.01
C PRO A 61 -27.46 18.65 19.96
N THR A 62 -27.79 17.37 20.10
CA THR A 62 -27.04 16.49 21.01
C THR A 62 -25.58 16.26 20.60
N ILE A 63 -25.19 16.80 19.46
CA ILE A 63 -23.82 16.65 19.02
C ILE A 63 -22.92 17.54 19.87
N TYR A 64 -23.52 18.52 20.53
CA TYR A 64 -22.75 19.48 21.33
C TYR A 64 -22.81 19.23 22.84
N THR A 65 -23.92 18.74 23.32
CA THR A 65 -24.08 18.50 24.75
C THR A 65 -23.82 17.02 25.07
N LYS A 66 -22.63 16.74 25.58
CA LYS A 66 -22.27 15.37 25.92
C LYS A 66 -21.95 15.20 27.40
N PRO A 67 -22.19 13.98 27.92
CA PRO A 67 -21.93 13.66 29.33
C PRO A 67 -20.45 13.70 29.66
N SER A 68 -20.14 13.44 30.92
CA SER A 68 -18.76 13.38 31.37
C SER A 68 -18.24 12.03 30.90
N HIS A 69 -16.94 11.93 30.71
CA HIS A 69 -16.32 10.70 30.27
C HIS A 69 -16.30 9.65 31.39
N ASP A 70 -16.27 10.13 32.63
CA ASP A 70 -16.17 9.25 33.80
C ASP A 70 -17.05 8.01 33.91
N SER A 71 -18.29 8.05 33.43
CA SER A 71 -19.16 6.87 33.53
C SER A 71 -18.88 5.85 32.43
N TYR A 72 -18.02 6.21 31.49
CA TYR A 72 -17.66 5.35 30.37
C TYR A 72 -16.42 4.50 30.62
N TYR A 73 -15.87 4.61 31.82
CA TYR A 73 -14.69 3.87 32.22
C TYR A 73 -14.80 3.26 33.60
N TYR A 74 -13.84 2.40 33.93
CA TYR A 74 -13.81 1.75 35.22
C TYR A 74 -12.46 1.04 35.36
N ILE A 75 -12.12 0.66 36.59
CA ILE A 75 -10.87 -0.05 36.84
C ILE A 75 -11.22 -1.53 36.99
N ASP A 76 -10.56 -2.41 36.23
CA ASP A 76 -10.86 -3.84 36.33
C ASP A 76 -10.08 -4.56 37.45
N ALA A 77 -10.30 -5.87 37.55
CA ALA A 77 -9.66 -6.67 38.58
C ALA A 77 -8.14 -6.65 38.58
N LEU A 78 -7.55 -6.44 37.40
CA LEU A 78 -6.10 -6.40 37.30
C LEU A 78 -5.57 -4.96 37.36
N ASN A 79 -6.44 -4.05 37.78
CA ASN A 79 -6.10 -2.65 37.93
C ASN A 79 -5.86 -1.86 36.63
N ARG A 80 -6.25 -2.43 35.50
CA ARG A 80 -6.09 -1.75 34.23
C ARG A 80 -7.25 -0.77 34.03
N VAL A 81 -6.99 0.38 33.41
CA VAL A 81 -8.09 1.29 33.14
C VAL A 81 -8.83 0.68 31.95
N ARG A 82 -10.13 0.53 32.09
CA ARG A 82 -10.92 -0.07 31.04
C ARG A 82 -12.11 0.74 30.62
N ARG A 83 -12.56 0.47 29.42
CA ARG A 83 -13.71 1.13 28.87
C ARG A 83 -14.93 0.32 29.34
N LYS A 84 -15.90 1.02 29.89
CA LYS A 84 -17.11 0.37 30.39
C LYS A 84 -18.16 0.31 29.28
N THR A 85 -18.55 -0.91 28.94
CA THR A 85 -19.53 -1.20 27.90
C THR A 85 -20.98 -0.83 28.18
N TYR A 86 -21.68 -0.39 27.13
CA TYR A 86 -23.09 -0.01 27.24
C TYR A 86 -23.91 -0.47 26.04
N GLN A 87 -23.34 -0.38 24.85
CA GLN A 87 -24.05 -0.78 23.65
C GLN A 87 -23.60 -2.13 23.11
N GLY A 88 -22.82 -2.87 23.89
CA GLY A 88 -22.34 -4.16 23.42
C GLY A 88 -20.86 -4.35 23.66
N PRO A 89 -20.33 -5.57 23.47
CA PRO A 89 -18.89 -5.87 23.68
C PRO A 89 -18.00 -5.04 22.78
N ASP A 90 -18.58 -4.45 21.75
CA ASP A 90 -17.84 -3.61 20.81
C ASP A 90 -17.61 -2.20 21.33
N ASP A 91 -18.53 -1.71 22.15
CA ASP A 91 -18.50 -0.35 22.71
C ASP A 91 -17.29 -0.12 23.61
N VAL A 92 -16.13 -0.15 22.97
CA VAL A 92 -14.85 -0.03 23.63
C VAL A 92 -13.98 1.14 23.15
N TYR A 93 -14.46 1.83 22.13
CA TYR A 93 -13.76 2.96 21.54
C TYR A 93 -13.85 4.26 22.36
N VAL A 94 -13.49 5.38 21.74
CA VAL A 94 -13.55 6.66 22.41
C VAL A 94 -15.01 7.06 22.47
N PRO A 95 -15.52 7.36 23.67
CA PRO A 95 -16.93 7.76 23.82
C PRO A 95 -17.10 9.24 23.50
N ASN A 96 -18.31 9.65 23.09
CA ASN A 96 -18.64 11.04 22.75
C ASN A 96 -18.97 11.79 24.04
N CYS A 97 -18.01 12.55 24.54
CA CYS A 97 -18.21 13.25 25.80
C CYS A 97 -17.63 14.65 25.77
N SER A 98 -17.89 15.38 26.87
CA SER A 98 -17.38 16.71 27.02
C SER A 98 -15.88 16.52 27.22
N ILE A 99 -15.12 17.60 27.21
CA ILE A 99 -13.69 17.45 27.40
C ILE A 99 -13.03 18.71 27.92
N VAL A 100 -13.70 19.85 27.75
CA VAL A 100 -13.11 21.09 28.24
C VAL A 100 -12.80 21.04 29.74
N GLU A 101 -13.68 20.43 30.53
CA GLU A 101 -13.44 20.37 31.96
C GLU A 101 -12.11 19.74 32.37
N LEU A 102 -11.43 19.06 31.44
CA LEU A 102 -10.17 18.42 31.77
C LEU A 102 -8.96 19.15 31.21
N LEU A 103 -9.16 20.38 30.72
CA LEU A 103 -8.06 21.12 30.12
C LEU A 103 -7.54 22.34 30.87
N GLU A 104 -6.26 22.66 30.63
CA GLU A 104 -5.62 23.84 31.22
C GLU A 104 -5.38 24.75 30.04
N PRO A 105 -5.75 26.02 30.16
CA PRO A 105 -5.52 26.93 29.04
C PRO A 105 -4.05 26.90 28.64
N HIS A 106 -3.78 27.09 27.36
CA HIS A 106 -2.41 27.08 26.86
C HIS A 106 -1.81 28.48 27.01
N GLU A 107 -0.56 28.53 27.45
CA GLU A 107 0.10 29.82 27.61
C GLU A 107 0.40 30.40 26.23
N THR A 108 -0.43 31.36 25.81
CA THR A 108 -0.34 32.06 24.51
C THR A 108 -1.66 31.91 23.75
N LEU A 109 -2.09 30.67 23.56
CA LEU A 109 -3.36 30.40 22.88
C LEU A 109 -4.41 30.21 23.95
N THR A 110 -4.57 31.22 24.79
CA THR A 110 -5.51 31.20 25.90
C THR A 110 -6.87 30.57 25.65
N SER A 111 -7.32 30.56 24.40
CA SER A 111 -8.61 29.95 24.08
C SER A 111 -8.53 28.44 23.84
N TYR A 112 -7.31 27.92 23.74
CA TYR A 112 -7.11 26.48 23.51
C TYR A 112 -6.45 25.83 24.73
N GLY A 113 -6.72 24.55 24.92
CA GLY A 113 -6.16 23.85 26.06
C GLY A 113 -5.78 22.39 25.88
N ARG A 114 -4.86 21.94 26.74
CA ARG A 114 -4.36 20.58 26.76
C ARG A 114 -4.82 19.94 28.07
N LEU A 115 -4.63 18.62 28.19
CA LEU A 115 -5.01 17.91 29.39
C LEU A 115 -4.26 18.48 30.60
N SER A 116 -4.99 18.80 31.65
CA SER A 116 -4.41 19.35 32.87
C SER A 116 -3.21 18.56 33.33
N GLU A 117 -2.09 19.24 33.53
CA GLU A 117 -0.87 18.56 33.98
C GLU A 117 -1.14 17.99 35.37
N ALA A 118 -2.02 18.66 36.12
CA ALA A 118 -2.37 18.21 37.46
C ALA A 118 -3.01 16.82 37.37
N ILE A 119 -3.94 16.66 36.45
CA ILE A 119 -4.62 15.38 36.29
C ILE A 119 -3.67 14.24 35.94
N GLU A 120 -2.71 14.50 35.06
CA GLU A 120 -1.73 13.47 34.68
C GLU A 120 -0.83 13.09 35.86
N ASN A 121 -0.48 14.09 36.66
CA ASN A 121 0.39 13.87 37.81
C ASN A 121 -0.31 13.02 38.86
N ARG A 122 -1.62 13.20 39.01
CA ARG A 122 -2.39 12.41 39.94
C ARG A 122 -2.48 11.00 39.34
N ALA A 123 -2.74 10.94 38.04
CA ALA A 123 -2.84 9.66 37.35
C ALA A 123 -1.54 8.89 37.50
N LYS A 124 -0.42 9.60 37.43
CA LYS A 124 0.87 8.97 37.55
C LYS A 124 1.10 8.54 38.99
N ASP A 125 0.51 9.27 39.94
CA ASP A 125 0.64 8.91 41.34
C ASP A 125 -0.16 7.62 41.54
N GLY A 126 -1.21 7.45 40.75
CA GLY A 126 -2.01 6.24 40.84
C GLY A 126 -3.48 6.45 41.15
N ASP A 127 -3.95 7.69 41.12
CA ASP A 127 -5.35 7.96 41.41
C ASP A 127 -6.27 7.38 40.34
N SER A 128 -7.23 6.54 40.73
CA SER A 128 -8.15 5.95 39.76
C SER A 128 -8.89 6.98 38.90
N GLN A 129 -9.50 7.98 39.52
CA GLN A 129 -10.23 9.00 38.77
C GLN A 129 -9.31 9.76 37.80
N ALA A 130 -8.08 9.99 38.23
CA ALA A 130 -7.09 10.70 37.44
C ALA A 130 -6.64 9.86 36.24
N ARG A 131 -6.49 8.56 36.45
CA ARG A 131 -6.08 7.68 35.38
C ARG A 131 -7.21 7.64 34.35
N ILE A 132 -8.44 7.42 34.81
CA ILE A 132 -9.58 7.37 33.90
C ILE A 132 -9.59 8.58 33.00
N ALA A 133 -9.41 9.76 33.59
CA ALA A 133 -9.41 11.04 32.88
C ALA A 133 -8.23 11.17 31.93
N THR A 134 -7.05 10.71 32.34
CA THR A 134 -5.88 10.79 31.48
C THR A 134 -6.10 9.89 30.27
N THR A 135 -6.55 8.66 30.52
CA THR A 135 -6.79 7.71 29.44
C THR A 135 -7.74 8.33 28.43
N TYR A 136 -8.90 8.80 28.88
CA TYR A 136 -9.87 9.43 28.00
C TYR A 136 -9.22 10.58 27.22
N GLY A 137 -8.52 11.45 27.93
CA GLY A 137 -7.87 12.58 27.27
C GLY A 137 -6.84 12.20 26.21
N ARG A 138 -6.02 11.21 26.51
CA ARG A 138 -4.97 10.78 25.58
C ARG A 138 -5.52 10.03 24.37
N ILE A 139 -6.63 9.33 24.55
CA ILE A 139 -7.19 8.58 23.45
C ILE A 139 -8.06 9.47 22.59
N ALA A 140 -8.67 10.47 23.20
CA ALA A 140 -9.49 11.41 22.44
C ALA A 140 -8.52 12.23 21.59
N GLU A 141 -7.35 12.51 22.17
CA GLU A 141 -6.34 13.26 21.45
C GLU A 141 -5.86 12.43 20.29
N SER A 142 -5.59 11.15 20.56
CA SER A 142 -5.14 10.24 19.54
C SER A 142 -6.14 10.18 18.41
N GLN A 143 -7.43 10.14 18.74
CA GLN A 143 -8.45 10.08 17.69
C GLN A 143 -8.34 11.27 16.76
N ALA A 144 -8.02 12.44 17.31
CA ALA A 144 -7.91 13.67 16.54
C ALA A 144 -6.59 13.79 15.75
N ARG A 145 -5.64 12.89 15.99
CA ARG A 145 -4.37 12.93 15.26
C ARG A 145 -4.36 12.08 13.99
N GLN A 146 -5.39 11.29 13.75
CA GLN A 146 -5.42 10.43 12.55
C GLN A 146 -5.59 11.18 11.21
N ILE A 147 -4.90 12.32 11.08
CA ILE A 147 -4.94 13.12 9.88
C ILE A 147 -3.52 13.50 9.50
N LYS A 148 -3.35 13.89 8.24
CA LYS A 148 -2.04 14.25 7.69
C LYS A 148 -1.55 15.62 8.11
N ALA A 149 -2.48 16.55 8.28
CA ALA A 149 -2.15 17.92 8.64
C ALA A 149 -3.44 18.60 9.04
N PRO A 150 -3.37 19.87 9.50
CA PRO A 150 -4.57 20.60 9.89
C PRO A 150 -5.61 20.56 8.80
N LEU A 151 -6.86 20.37 9.17
CA LEU A 151 -7.93 20.34 8.20
C LEU A 151 -7.98 21.65 7.41
N GLU A 152 -7.75 22.77 8.08
CA GLU A 152 -7.80 24.09 7.43
C GLU A 152 -6.98 24.23 6.16
N LYS A 153 -5.87 23.49 6.09
CA LYS A 153 -5.04 23.56 4.89
C LYS A 153 -5.77 22.95 3.70
N PHE A 154 -6.41 21.80 3.90
CA PHE A 154 -7.15 21.12 2.85
C PHE A 154 -8.33 21.95 2.40
N VAL A 155 -8.97 22.61 3.37
CA VAL A 155 -10.13 23.46 3.09
C VAL A 155 -9.69 24.67 2.27
N LEU A 156 -8.63 25.33 2.72
CA LEU A 156 -8.13 26.51 2.03
C LEU A 156 -7.82 26.11 0.60
N ALA A 157 -7.11 25.00 0.46
CA ALA A 157 -6.77 24.49 -0.86
C ALA A 157 -8.04 24.38 -1.69
N LEU A 158 -9.08 23.77 -1.11
CA LEU A 158 -10.33 23.61 -1.83
C LEU A 158 -10.91 24.95 -2.26
N LEU A 159 -10.90 25.93 -1.36
CA LEU A 159 -11.42 27.27 -1.68
C LEU A 159 -10.68 27.90 -2.86
N VAL A 160 -9.36 27.86 -2.81
CA VAL A 160 -8.52 28.41 -3.84
C VAL A 160 -8.80 27.75 -5.19
N ALA A 161 -8.86 26.42 -5.18
CA ALA A 161 -9.08 25.66 -6.40
C ALA A 161 -10.45 25.92 -7.00
N GLU A 162 -11.48 25.88 -6.17
CA GLU A 162 -12.85 26.09 -6.61
C GLU A 162 -13.16 27.53 -7.00
N ALA A 163 -12.28 28.45 -6.61
CA ALA A 163 -12.49 29.85 -6.96
C ALA A 163 -12.39 30.03 -8.48
N GLY A 164 -11.81 29.03 -9.15
CA GLY A 164 -11.64 29.08 -10.60
C GLY A 164 -12.88 28.80 -11.44
N GLY A 165 -13.95 28.32 -10.80
CA GLY A 165 -15.16 28.02 -11.53
C GLY A 165 -15.11 26.72 -12.29
N SER A 166 -16.11 26.50 -13.15
CA SER A 166 -16.18 25.28 -13.94
C SER A 166 -15.00 25.20 -14.89
N LEU A 167 -14.57 23.97 -15.18
CA LEU A 167 -13.44 23.80 -16.08
C LEU A 167 -13.89 23.34 -17.46
N TYR A 168 -13.24 23.91 -18.47
CA TYR A 168 -13.53 23.57 -19.86
C TYR A 168 -12.77 22.33 -20.26
N ASP A 169 -13.49 21.28 -20.64
CA ASP A 169 -12.89 20.02 -21.07
C ASP A 169 -12.35 20.19 -22.49
N PRO A 170 -11.03 19.98 -22.68
CA PRO A 170 -10.43 20.13 -24.01
C PRO A 170 -10.97 19.14 -25.02
N VAL A 171 -11.31 17.94 -24.56
CA VAL A 171 -11.82 16.91 -25.46
C VAL A 171 -13.31 17.08 -25.76
N LEU A 172 -14.13 17.18 -24.71
CA LEU A 172 -15.58 17.32 -24.86
C LEU A 172 -16.00 18.68 -25.39
N GLN A 173 -15.12 19.67 -25.24
CA GLN A 173 -15.41 21.03 -25.68
C GLN A 173 -16.61 21.70 -25.01
N LYS A 174 -16.72 21.52 -23.70
CA LYS A 174 -17.78 22.13 -22.91
C LYS A 174 -17.34 22.18 -21.45
N TYR A 175 -17.95 23.06 -20.67
CA TYR A 175 -17.62 23.20 -19.27
C TYR A 175 -18.32 22.10 -18.50
N ASP A 176 -17.69 21.59 -17.44
CA ASP A 176 -18.33 20.55 -16.63
C ASP A 176 -19.48 21.16 -15.89
N GLU A 177 -20.39 20.32 -15.40
CA GLU A 177 -21.54 20.83 -14.67
C GLU A 177 -21.57 20.42 -13.21
N ILE A 178 -20.40 20.52 -12.57
CA ILE A 178 -20.28 20.19 -11.17
C ILE A 178 -20.74 21.41 -10.37
N PRO A 179 -21.73 21.22 -9.49
CA PRO A 179 -22.27 22.30 -8.66
C PRO A 179 -21.18 23.01 -7.87
N ASP A 180 -21.25 24.34 -7.81
CA ASP A 180 -20.26 25.07 -7.07
C ASP A 180 -20.44 24.91 -5.55
N LEU A 181 -19.47 25.41 -4.79
CA LEU A 181 -19.48 25.28 -3.34
C LEU A 181 -20.72 25.70 -2.59
N SER A 182 -21.51 26.58 -3.18
CA SER A 182 -22.72 27.04 -2.51
C SER A 182 -23.69 25.87 -2.39
N HIS A 183 -23.35 24.74 -2.99
CA HIS A 183 -24.20 23.56 -2.94
C HIS A 183 -23.53 22.38 -2.21
N ASN A 184 -22.34 22.64 -1.68
CA ASN A 184 -21.57 21.61 -0.97
C ASN A 184 -22.05 21.49 0.48
N CYS A 185 -22.85 20.47 0.75
CA CYS A 185 -23.40 20.23 2.08
C CYS A 185 -22.32 19.95 3.13
N PRO A 186 -21.30 19.14 2.78
CA PRO A 186 -20.27 18.88 3.79
C PRO A 186 -19.64 20.18 4.30
N LEU A 187 -19.24 21.07 3.39
CA LEU A 187 -18.62 22.35 3.79
C LEU A 187 -19.54 23.19 4.67
N TRP A 188 -20.80 23.27 4.28
CA TRP A 188 -21.77 24.03 5.04
C TRP A 188 -21.79 23.54 6.49
N CYS A 189 -21.92 22.22 6.66
CA CYS A 189 -21.92 21.60 7.97
C CYS A 189 -20.65 21.94 8.73
N PHE A 190 -19.51 21.81 8.04
CA PHE A 190 -18.22 22.11 8.65
C PHE A 190 -18.23 23.55 9.20
N ARG A 191 -18.68 24.51 8.40
CA ARG A 191 -18.72 25.89 8.86
C ARG A 191 -19.67 26.10 10.03
N GLU A 192 -20.88 25.55 9.92
CA GLU A 192 -21.90 25.66 10.98
C GLU A 192 -21.49 25.01 12.29
N ILE A 193 -21.05 23.76 12.23
CA ILE A 193 -20.66 23.03 13.42
C ILE A 193 -19.54 23.77 14.16
N CYS A 194 -18.53 24.20 13.41
CA CYS A 194 -17.41 24.92 14.00
C CYS A 194 -17.85 26.29 14.49
N ARG A 195 -18.67 26.99 13.72
CA ARG A 195 -19.12 28.31 14.15
C ARG A 195 -19.89 28.18 15.47
N HIS A 196 -20.75 27.17 15.54
CA HIS A 196 -21.57 26.93 16.71
C HIS A 196 -20.69 26.59 17.91
N ILE A 197 -19.56 25.94 17.66
CA ILE A 197 -18.68 25.58 18.76
C ILE A 197 -17.95 26.81 19.24
N SER A 198 -17.32 27.53 18.32
CA SER A 198 -16.56 28.72 18.68
C SER A 198 -17.43 29.82 19.30
N GLY A 199 -18.69 29.88 18.86
CA GLY A 199 -19.63 30.88 19.34
C GLY A 199 -19.06 32.28 19.27
N PRO A 200 -18.96 32.98 20.41
CA PRO A 200 -18.42 34.33 20.43
C PRO A 200 -16.89 34.39 20.37
N LEU A 201 -16.22 33.25 20.50
CA LEU A 201 -14.77 33.24 20.47
C LEU A 201 -14.18 33.69 19.12
N PRO A 202 -13.13 34.51 19.17
CA PRO A 202 -12.41 35.06 18.01
C PRO A 202 -11.73 33.96 17.20
N ASP A 203 -11.41 32.86 17.88
CA ASP A 203 -10.76 31.71 17.27
C ASP A 203 -11.86 30.83 16.68
N ARG A 204 -11.79 30.60 15.37
CA ARG A 204 -12.79 29.80 14.68
C ARG A 204 -12.51 28.28 14.60
N ALA A 205 -11.29 27.86 14.91
CA ALA A 205 -10.94 26.44 14.84
C ALA A 205 -11.33 25.72 16.13
N PRO A 206 -12.07 24.61 15.99
CA PRO A 206 -12.54 23.78 17.12
C PRO A 206 -11.39 23.08 17.86
N TYR A 207 -10.28 22.90 17.18
CA TYR A 207 -9.10 22.28 17.76
C TYR A 207 -7.94 22.55 16.81
N LEU A 208 -6.73 22.40 17.31
CA LEU A 208 -5.54 22.66 16.52
C LEU A 208 -4.66 21.42 16.48
N TYR A 209 -4.40 20.93 15.27
CA TYR A 209 -3.53 19.78 15.08
C TYR A 209 -2.11 20.33 15.08
N LEU A 210 -1.34 20.03 16.11
CA LEU A 210 0.03 20.52 16.19
C LEU A 210 1.04 19.41 16.27
N SER A 211 2.26 19.80 16.62
CA SER A 211 3.37 18.89 16.79
C SER A 211 3.52 18.69 18.31
N ALA A 212 3.35 19.78 19.06
CA ALA A 212 3.43 19.75 20.53
C ALA A 212 2.23 19.02 21.12
N GLY A 213 1.34 18.55 20.24
CA GLY A 213 0.14 17.83 20.66
C GLY A 213 -1.14 18.55 20.23
N VAL A 214 -2.27 17.86 20.33
CA VAL A 214 -3.55 18.44 19.97
C VAL A 214 -4.03 19.36 21.10
N PHE A 215 -4.66 20.47 20.73
CA PHE A 215 -5.19 21.42 21.70
C PHE A 215 -6.65 21.66 21.34
N TRP A 216 -7.52 21.65 22.33
CA TRP A 216 -8.95 21.84 22.08
C TRP A 216 -9.41 23.26 22.38
N LEU A 217 -10.29 23.78 21.52
CA LEU A 217 -10.85 25.11 21.72
C LEU A 217 -11.63 24.99 23.03
N MET A 218 -11.36 25.91 23.94
CA MET A 218 -12.01 25.90 25.26
C MET A 218 -13.48 26.29 25.21
N SER A 219 -14.28 25.45 24.56
CA SER A 219 -15.71 25.70 24.44
C SER A 219 -16.50 24.54 25.05
N PRO A 220 -17.55 24.85 25.82
CA PRO A 220 -18.41 23.85 26.48
C PRO A 220 -19.20 23.01 25.49
N ARG A 221 -19.12 23.39 24.21
CA ARG A 221 -19.82 22.70 23.12
C ARG A 221 -18.89 21.76 22.35
N MET A 222 -17.61 21.79 22.67
CA MET A 222 -16.68 20.91 21.99
C MET A 222 -16.86 19.49 22.54
N THR A 223 -16.62 18.51 21.68
CA THR A 223 -16.78 17.10 22.03
C THR A 223 -15.61 16.32 21.46
N SER A 224 -15.35 15.15 22.01
CA SER A 224 -14.26 14.29 21.55
C SER A 224 -14.58 13.76 20.17
N ALA A 225 -15.84 13.86 19.78
CA ALA A 225 -16.30 13.38 18.49
C ALA A 225 -16.18 14.40 17.36
N ILE A 226 -15.91 15.66 17.69
CA ILE A 226 -15.81 16.68 16.65
C ILE A 226 -14.65 16.51 15.65
N PRO A 227 -13.43 16.22 16.12
CA PRO A 227 -12.35 16.06 15.14
C PRO A 227 -12.67 15.03 14.04
N PRO A 228 -13.12 13.81 14.42
CA PRO A 228 -13.46 12.79 13.41
C PRO A 228 -14.58 13.28 12.50
N LEU A 229 -15.63 13.82 13.09
CA LEU A 229 -16.76 14.33 12.31
C LEU A 229 -16.30 15.35 11.27
N LEU A 230 -15.49 16.32 11.70
CA LEU A 230 -15.01 17.34 10.80
C LEU A 230 -14.10 16.77 9.72
N SER A 231 -13.32 15.76 10.08
CA SER A 231 -12.42 15.16 9.11
C SER A 231 -13.20 14.43 8.02
N ASP A 232 -14.35 13.82 8.37
CA ASP A 232 -15.16 13.13 7.36
C ASP A 232 -15.79 14.18 6.43
N LEU A 233 -16.26 15.27 7.03
CA LEU A 233 -16.91 16.32 6.28
C LEU A 233 -15.96 16.95 5.25
N VAL A 234 -14.71 17.19 5.63
CA VAL A 234 -13.78 17.79 4.68
C VAL A 234 -13.55 16.85 3.51
N ASN A 235 -13.30 15.57 3.77
CA ASN A 235 -13.10 14.62 2.68
C ASN A 235 -14.31 14.65 1.74
N LEU A 236 -15.50 14.55 2.30
CA LEU A 236 -16.71 14.57 1.49
C LEU A 236 -16.82 15.86 0.70
N ALA A 237 -16.45 16.97 1.32
CA ALA A 237 -16.48 18.26 0.66
C ALA A 237 -15.55 18.25 -0.57
N ILE A 238 -14.32 17.79 -0.39
CA ILE A 238 -13.36 17.73 -1.49
C ILE A 238 -13.85 16.80 -2.59
N LEU A 239 -14.27 15.59 -2.20
CA LEU A 239 -14.75 14.58 -3.14
C LEU A 239 -15.97 14.99 -3.95
N GLN A 240 -16.88 15.74 -3.34
CA GLN A 240 -18.06 16.17 -4.07
C GLN A 240 -17.64 17.05 -5.23
N GLN A 241 -16.57 17.82 -5.02
CA GLN A 241 -16.09 18.73 -6.05
C GLN A 241 -15.14 18.06 -7.04
N THR A 242 -14.40 17.05 -6.58
CA THR A 242 -13.42 16.38 -7.43
C THR A 242 -13.76 15.02 -8.02
N ALA A 243 -14.70 14.31 -7.41
CA ALA A 243 -15.08 13.02 -7.96
C ALA A 243 -16.41 13.30 -8.62
N GLY A 244 -16.84 14.55 -8.51
CA GLY A 244 -18.09 14.99 -9.09
C GLY A 244 -19.26 14.19 -8.53
N LEU A 245 -19.14 13.79 -7.26
CA LEU A 245 -20.17 13.00 -6.60
C LEU A 245 -21.53 13.68 -6.59
N ASP A 246 -22.58 12.87 -6.60
CA ASP A 246 -23.96 13.36 -6.55
C ASP A 246 -24.17 13.99 -5.18
N PRO A 247 -24.52 15.28 -5.14
CA PRO A 247 -24.74 15.99 -3.87
C PRO A 247 -25.80 15.35 -2.97
N SER A 248 -26.90 14.90 -3.57
CA SER A 248 -27.98 14.28 -2.82
C SER A 248 -27.49 13.05 -2.06
N LEU A 249 -26.58 12.30 -2.69
CA LEU A 249 -26.01 11.12 -2.05
C LEU A 249 -25.10 11.57 -0.90
N VAL A 250 -24.24 12.53 -1.20
CA VAL A 250 -23.31 13.06 -0.23
C VAL A 250 -24.02 13.47 1.07
N LYS A 251 -25.18 14.08 0.95
CA LYS A 251 -25.92 14.49 2.15
C LYS A 251 -26.25 13.25 2.98
N LEU A 252 -26.54 12.14 2.30
CA LEU A 252 -26.82 10.92 3.02
C LEU A 252 -25.62 10.55 3.87
N GLY A 253 -24.43 10.73 3.31
CA GLY A 253 -23.21 10.43 4.03
C GLY A 253 -23.00 11.36 5.20
N VAL A 254 -23.42 12.62 5.05
CA VAL A 254 -23.28 13.57 6.14
C VAL A 254 -24.21 13.19 7.29
N GLN A 255 -25.43 12.79 6.96
CA GLN A 255 -26.40 12.38 7.96
C GLN A 255 -25.83 11.28 8.83
N ILE A 256 -25.27 10.26 8.19
CA ILE A 256 -24.68 9.17 8.94
C ILE A 256 -23.63 9.72 9.90
N CYS A 257 -22.72 10.55 9.41
CA CYS A 257 -21.70 11.15 10.26
C CYS A 257 -22.30 11.96 11.40
N LEU A 258 -23.35 12.72 11.11
CA LEU A 258 -24.01 13.51 12.16
C LEU A 258 -24.59 12.56 13.22
N HIS A 259 -25.13 11.43 12.78
CA HIS A 259 -25.69 10.42 13.69
C HIS A 259 -24.58 9.81 14.52
N ALA A 260 -23.41 9.63 13.91
CA ALA A 260 -22.26 9.05 14.61
C ALA A 260 -21.78 10.03 15.69
N ALA A 261 -21.81 11.32 15.37
CA ALA A 261 -21.40 12.32 16.34
C ALA A 261 -22.50 12.49 17.41
N ALA A 262 -23.73 12.14 17.05
CA ALA A 262 -24.84 12.26 17.98
C ALA A 262 -24.96 11.05 18.90
N SER A 263 -24.32 9.96 18.52
CA SER A 263 -24.36 8.72 19.31
C SER A 263 -23.45 8.88 20.52
N SER A 264 -23.20 7.78 21.21
CA SER A 264 -22.33 7.81 22.37
C SER A 264 -20.89 7.51 21.99
N SER A 265 -20.64 7.15 20.74
CA SER A 265 -19.29 6.84 20.26
C SER A 265 -19.17 6.90 18.74
N TYR A 266 -18.56 7.96 18.24
CA TYR A 266 -18.41 8.14 16.80
C TYR A 266 -17.84 6.91 16.10
N SER A 267 -16.66 6.46 16.51
CA SER A 267 -16.03 5.30 15.90
C SER A 267 -16.90 4.05 15.94
N TRP A 268 -17.39 3.72 17.13
CA TRP A 268 -18.23 2.54 17.31
C TRP A 268 -19.43 2.60 16.35
N PHE A 269 -20.15 3.72 16.37
CA PHE A 269 -21.30 3.88 15.50
C PHE A 269 -20.90 3.69 14.02
N ILE A 270 -19.76 4.26 13.63
CA ILE A 270 -19.26 4.15 12.27
C ILE A 270 -18.99 2.69 11.90
N LEU A 271 -18.37 1.97 12.82
CA LEU A 271 -18.06 0.56 12.64
C LEU A 271 -19.33 -0.28 12.39
N LYS A 272 -20.37 -0.03 13.19
CA LYS A 272 -21.63 -0.77 13.08
C LYS A 272 -22.45 -0.44 11.84
N THR A 273 -22.32 0.77 11.31
CA THR A 273 -23.11 1.15 10.14
C THR A 273 -22.36 1.24 8.81
N LYS A 274 -21.06 0.96 8.82
CA LYS A 274 -20.21 1.04 7.63
C LYS A 274 -20.63 0.26 6.39
N SER A 275 -21.59 -0.65 6.53
CA SER A 275 -22.01 -1.43 5.38
C SER A 275 -23.24 -0.84 4.69
N ILE A 276 -23.82 0.20 5.28
CA ILE A 276 -25.01 0.81 4.71
C ILE A 276 -24.93 1.10 3.20
N PHE A 277 -23.98 1.92 2.78
CA PHE A 277 -23.86 2.23 1.36
C PHE A 277 -23.57 1.02 0.47
N PRO A 278 -22.59 0.17 0.84
CA PRO A 278 -22.30 -0.99 0.01
C PRO A 278 -23.51 -1.94 -0.12
N GLN A 279 -24.10 -2.29 1.02
CA GLN A 279 -25.27 -3.18 1.05
C GLN A 279 -26.47 -2.69 0.26
N ASN A 280 -26.79 -1.41 0.38
CA ASN A 280 -27.95 -0.89 -0.30
C ASN A 280 -27.76 -0.41 -1.73
N THR A 281 -26.61 -0.71 -2.32
CA THR A 281 -26.34 -0.32 -3.70
C THR A 281 -25.60 -1.47 -4.39
N LEU A 282 -24.27 -1.51 -4.21
CA LEU A 282 -23.43 -2.55 -4.80
C LEU A 282 -24.05 -3.94 -4.68
N HIS A 283 -24.31 -4.39 -3.46
CA HIS A 283 -24.88 -5.71 -3.24
C HIS A 283 -26.42 -5.82 -3.44
N SER A 284 -27.03 -4.85 -4.11
CA SER A 284 -28.49 -4.89 -4.36
C SER A 284 -28.80 -4.41 -5.76
N MET A 285 -27.77 -4.36 -6.61
CA MET A 285 -27.97 -3.89 -7.96
C MET A 285 -28.63 -4.88 -8.90
N TYR A 286 -29.44 -4.32 -9.79
CA TYR A 286 -30.11 -5.09 -10.82
C TYR A 286 -31.05 -6.23 -10.43
N GLU A 287 -31.91 -6.04 -9.43
CA GLU A 287 -32.84 -7.11 -9.08
C GLU A 287 -33.61 -7.35 -10.38
N SER A 288 -33.64 -6.30 -11.20
CA SER A 288 -34.28 -6.33 -12.50
C SER A 288 -33.16 -5.88 -13.45
N LEU A 289 -33.20 -6.35 -14.70
CA LEU A 289 -32.15 -5.98 -15.66
C LEU A 289 -32.65 -6.01 -17.10
N GLU A 290 -32.66 -4.86 -17.75
CA GLU A 290 -33.14 -4.79 -19.13
C GLU A 290 -32.07 -4.74 -20.21
N GLY A 291 -30.86 -4.30 -19.86
CA GLY A 291 -29.82 -4.23 -20.87
C GLY A 291 -28.44 -3.84 -20.38
N GLY A 292 -27.63 -3.32 -21.31
CA GLY A 292 -26.28 -2.92 -20.95
C GLY A 292 -25.27 -3.95 -21.45
N TYR A 293 -23.99 -3.64 -21.31
CA TYR A 293 -22.95 -4.56 -21.76
C TYR A 293 -21.90 -4.81 -20.68
N CYS A 294 -21.35 -6.02 -20.66
CA CYS A 294 -20.30 -6.33 -19.69
C CYS A 294 -19.18 -7.01 -20.46
N PRO A 295 -17.98 -7.05 -19.89
CA PRO A 295 -16.84 -7.68 -20.56
C PRO A 295 -17.05 -9.15 -20.90
N ASN A 296 -16.21 -9.63 -21.81
CA ASN A 296 -16.22 -11.03 -22.22
C ASN A 296 -14.75 -11.40 -22.29
N LEU A 297 -14.25 -11.91 -21.17
CA LEU A 297 -12.87 -12.29 -21.09
C LEU A 297 -12.67 -13.80 -21.09
N GLU A 298 -11.52 -14.22 -21.58
CA GLU A 298 -11.16 -15.61 -21.59
C GLU A 298 -10.00 -15.71 -20.63
N TRP A 299 -10.01 -16.71 -19.76
CA TRP A 299 -8.93 -16.89 -18.80
C TRP A 299 -7.92 -17.80 -19.49
N LEU A 300 -6.78 -17.24 -19.89
CA LEU A 300 -5.74 -18.02 -20.55
C LEU A 300 -5.14 -19.11 -19.65
N GLU A 301 -4.40 -20.02 -20.26
CA GLU A 301 -3.75 -21.12 -19.55
C GLU A 301 -2.24 -20.87 -19.48
N PRO A 302 -1.61 -21.24 -18.35
CA PRO A 302 -2.27 -21.84 -17.19
C PRO A 302 -2.91 -20.72 -16.38
N ARG A 303 -4.09 -20.99 -15.83
CA ARG A 303 -4.79 -20.00 -15.03
C ARG A 303 -3.90 -19.32 -13.99
N SER A 304 -2.85 -20.01 -13.55
CA SER A 304 -1.93 -19.46 -12.56
C SER A 304 -1.22 -18.18 -13.02
N ASP A 305 -1.14 -17.94 -14.32
CA ASP A 305 -0.50 -16.74 -14.84
C ASP A 305 -1.40 -15.52 -14.71
N TYR A 306 -2.67 -15.77 -14.36
CA TYR A 306 -3.62 -14.67 -14.19
C TYR A 306 -3.56 -13.73 -15.39
N LYS A 307 -3.60 -14.33 -16.58
CA LYS A 307 -3.54 -13.61 -17.85
C LYS A 307 -4.86 -13.85 -18.58
N PHE A 308 -5.48 -12.75 -19.02
CA PHE A 308 -6.77 -12.79 -19.70
C PHE A 308 -6.75 -12.02 -21.01
N MET A 309 -7.68 -12.35 -21.89
CA MET A 309 -7.79 -11.67 -23.16
C MET A 309 -9.23 -11.23 -23.40
N TYR A 310 -9.36 -9.96 -23.80
CA TYR A 310 -10.64 -9.33 -24.08
C TYR A 310 -11.21 -9.91 -25.36
N MET A 311 -12.46 -10.31 -25.34
CA MET A 311 -13.08 -10.91 -26.53
C MET A 311 -14.32 -10.18 -27.07
N GLY A 312 -14.65 -9.03 -26.48
CA GLY A 312 -15.81 -8.29 -26.94
C GLY A 312 -16.75 -7.95 -25.80
N VAL A 313 -18.02 -7.78 -26.11
CA VAL A 313 -19.00 -7.45 -25.07
C VAL A 313 -20.07 -8.52 -24.92
N MET A 314 -20.56 -8.68 -23.69
CA MET A 314 -21.63 -9.64 -23.40
C MET A 314 -22.91 -8.86 -23.19
N PRO A 315 -23.84 -8.92 -24.15
CA PRO A 315 -25.11 -8.20 -24.03
C PRO A 315 -25.87 -8.69 -22.81
N LEU A 316 -26.43 -7.77 -22.04
CA LEU A 316 -27.15 -8.16 -20.84
C LEU A 316 -28.66 -8.15 -21.05
N SER A 317 -29.37 -8.94 -20.24
CA SER A 317 -30.82 -9.02 -20.34
C SER A 317 -31.36 -9.55 -19.02
N ALA A 318 -32.67 -9.63 -18.91
CA ALA A 318 -33.31 -10.12 -17.69
C ALA A 318 -32.67 -11.44 -17.25
N LYS A 319 -32.21 -12.21 -18.23
CA LYS A 319 -31.57 -13.49 -17.98
C LYS A 319 -30.46 -13.41 -16.92
N TYR A 320 -29.86 -12.23 -16.80
CA TYR A 320 -28.76 -12.03 -15.85
C TYR A 320 -29.09 -11.20 -14.63
N ALA A 321 -30.37 -10.90 -14.42
CA ALA A 321 -30.78 -10.11 -13.26
C ALA A 321 -30.25 -10.77 -12.00
N ARG A 322 -30.17 -10.00 -10.93
CA ARG A 322 -29.67 -10.50 -9.66
C ARG A 322 -30.42 -11.77 -9.29
N SER A 323 -29.69 -12.87 -9.12
CA SER A 323 -30.28 -14.15 -8.75
C SER A 323 -29.86 -14.49 -7.33
N ALA A 324 -28.82 -13.82 -6.85
CA ALA A 324 -28.34 -14.05 -5.50
C ALA A 324 -29.42 -13.58 -4.54
N PRO A 325 -29.49 -14.20 -3.34
CA PRO A 325 -30.48 -13.87 -2.30
C PRO A 325 -30.63 -12.38 -2.00
N SER A 326 -31.85 -11.96 -1.64
CA SER A 326 -32.12 -10.56 -1.32
C SER A 326 -31.69 -10.24 0.11
N ASN A 327 -31.03 -9.10 0.28
CA ASN A 327 -30.53 -8.66 1.57
C ASN A 327 -31.40 -7.56 2.20
N ASP A 328 -32.50 -7.25 1.51
CA ASP A 328 -33.45 -6.24 1.93
C ASP A 328 -33.79 -6.26 3.42
N LYS A 329 -34.25 -7.41 3.92
CA LYS A 329 -34.62 -7.53 5.33
C LYS A 329 -33.51 -7.15 6.31
N LYS A 330 -32.37 -7.83 6.23
CA LYS A 330 -31.26 -7.52 7.13
C LYS A 330 -30.79 -6.07 7.00
N ALA A 331 -30.71 -5.58 5.76
CA ALA A 331 -30.29 -4.21 5.49
C ALA A 331 -31.22 -3.22 6.19
N ARG A 332 -32.53 -3.43 6.08
CA ARG A 332 -33.50 -2.55 6.73
C ARG A 332 -33.49 -2.71 8.25
N GLU A 333 -33.19 -3.90 8.74
CA GLU A 333 -33.15 -4.13 10.17
C GLU A 333 -32.00 -3.32 10.71
N LEU A 334 -30.89 -3.35 9.98
CA LEU A 334 -29.67 -2.63 10.37
C LEU A 334 -29.95 -1.13 10.45
N GLY A 335 -30.64 -0.60 9.44
CA GLY A 335 -30.96 0.81 9.42
C GLY A 335 -31.86 1.19 10.59
N GLU A 336 -32.86 0.36 10.86
CA GLU A 336 -33.79 0.60 11.96
C GLU A 336 -33.08 0.61 13.30
N LYS A 337 -32.16 -0.33 13.49
CA LYS A 337 -31.43 -0.44 14.74
C LYS A 337 -30.52 0.74 15.05
N TYR A 338 -29.97 1.38 14.01
CA TYR A 338 -29.06 2.51 14.23
C TYR A 338 -29.62 3.89 13.87
N GLY A 339 -30.95 3.98 13.81
CA GLY A 339 -31.60 5.23 13.48
C GLY A 339 -31.29 5.77 12.10
N LEU A 340 -31.06 4.89 11.12
CA LEU A 340 -30.74 5.33 9.77
C LEU A 340 -31.67 4.76 8.70
N SER A 341 -32.85 4.28 9.12
CA SER A 341 -33.80 3.68 8.19
C SER A 341 -34.22 4.64 7.08
N SER A 342 -34.11 5.93 7.37
CA SER A 342 -34.45 6.94 6.38
C SER A 342 -33.45 6.87 5.23
N VAL A 343 -32.18 6.67 5.58
CA VAL A 343 -31.11 6.58 4.59
C VAL A 343 -31.19 5.24 3.81
N VAL A 344 -31.24 4.14 4.53
CA VAL A 344 -31.34 2.85 3.86
C VAL A 344 -32.50 2.84 2.86
N GLY A 345 -33.67 3.32 3.29
CA GLY A 345 -34.84 3.35 2.42
C GLY A 345 -34.64 4.13 1.13
N GLU A 346 -34.00 5.29 1.25
CA GLU A 346 -33.72 6.14 0.09
C GLU A 346 -32.77 5.42 -0.86
N LEU A 347 -31.74 4.79 -0.29
CA LEU A 347 -30.76 4.07 -1.09
C LEU A 347 -31.43 2.89 -1.79
N ARG A 348 -32.30 2.17 -1.07
CA ARG A 348 -33.01 1.02 -1.64
C ARG A 348 -33.88 1.46 -2.84
N LYS A 349 -34.58 2.56 -2.66
CA LYS A 349 -35.46 3.11 -3.70
C LYS A 349 -34.67 3.50 -4.96
N ARG A 350 -33.60 4.28 -4.78
CA ARG A 350 -32.80 4.69 -5.92
C ARG A 350 -32.15 3.50 -6.62
N THR A 351 -31.64 2.56 -5.85
CA THR A 351 -30.99 1.40 -6.41
C THR A 351 -31.92 0.62 -7.33
N LYS A 352 -33.20 0.63 -7.01
CA LYS A 352 -34.16 -0.08 -7.83
C LYS A 352 -34.40 0.61 -9.18
N THR A 353 -34.21 1.92 -9.25
CA THR A 353 -34.41 2.63 -10.52
C THR A 353 -33.40 2.29 -11.61
N TYR A 354 -32.28 1.66 -11.24
CA TYR A 354 -31.26 1.29 -12.22
C TYR A 354 -31.51 -0.10 -12.76
N VAL A 355 -32.05 -0.15 -13.97
CA VAL A 355 -32.39 -1.41 -14.61
C VAL A 355 -31.44 -1.75 -15.75
N LYS A 356 -30.52 -0.84 -16.03
CA LYS A 356 -29.53 -1.08 -17.06
C LYS A 356 -28.17 -0.98 -16.39
N HIS A 357 -27.27 -1.88 -16.76
CA HIS A 357 -25.92 -1.87 -16.22
C HIS A 357 -25.14 -1.01 -17.19
N ASP A 358 -24.67 0.14 -16.74
CA ASP A 358 -23.90 1.03 -17.58
C ASP A 358 -23.06 2.02 -16.77
N PHE A 359 -22.43 2.96 -17.47
CA PHE A 359 -21.58 3.96 -16.82
C PHE A 359 -22.36 4.65 -15.70
N ALA A 360 -23.54 5.13 -16.02
CA ALA A 360 -24.38 5.79 -15.04
C ALA A 360 -24.61 4.97 -13.77
N SER A 361 -24.98 3.70 -13.91
CA SER A 361 -25.24 2.87 -12.73
C SER A 361 -24.02 2.53 -11.86
N VAL A 362 -22.85 2.30 -12.48
CA VAL A 362 -21.68 2.00 -11.65
C VAL A 362 -21.16 3.27 -10.97
N ARG A 363 -21.31 4.41 -11.64
CA ARG A 363 -20.89 5.69 -11.06
C ARG A 363 -21.74 5.99 -9.83
N TYR A 364 -22.99 5.53 -9.86
CA TYR A 364 -23.93 5.71 -8.76
C TYR A 364 -23.43 4.92 -7.56
N ILE A 365 -23.01 3.67 -7.79
CA ILE A 365 -22.49 2.81 -6.73
C ILE A 365 -21.24 3.46 -6.16
N ARG A 366 -20.32 3.77 -7.06
CA ARG A 366 -19.06 4.39 -6.68
C ARG A 366 -19.35 5.62 -5.83
N ASP A 367 -20.22 6.48 -6.32
CA ASP A 367 -20.57 7.70 -5.59
C ASP A 367 -21.09 7.39 -4.21
N ALA A 368 -22.00 6.42 -4.13
CA ALA A 368 -22.59 6.02 -2.86
C ALA A 368 -21.51 5.53 -1.90
N MET A 369 -20.60 4.72 -2.42
CA MET A 369 -19.54 4.18 -1.59
C MET A 369 -18.44 5.14 -1.20
N ALA A 370 -18.47 6.36 -1.73
CA ALA A 370 -17.45 7.34 -1.37
C ALA A 370 -17.91 8.09 -0.12
N CYS A 371 -19.18 7.91 0.20
CA CYS A 371 -19.79 8.60 1.33
C CYS A 371 -19.62 7.95 2.70
N THR A 372 -18.97 6.79 2.76
CA THR A 372 -18.73 6.07 4.01
C THR A 372 -17.61 6.78 4.77
N SER A 373 -17.76 6.92 6.09
CA SER A 373 -16.71 7.57 6.87
C SER A 373 -15.34 7.05 6.47
N GLY A 374 -14.34 7.92 6.52
CA GLY A 374 -12.99 7.54 6.15
C GLY A 374 -12.03 7.59 7.31
N ILE A 375 -12.57 7.66 8.53
CA ILE A 375 -11.71 7.71 9.68
C ILE A 375 -11.04 6.40 10.03
N PHE A 376 -9.84 6.52 10.60
CA PHE A 376 -9.06 5.38 11.06
C PHE A 376 -9.54 5.20 12.49
N LEU A 377 -10.33 4.16 12.75
CA LEU A 377 -10.85 3.92 14.09
C LEU A 377 -9.74 3.84 15.12
N VAL A 378 -10.04 4.35 16.31
CA VAL A 378 -9.07 4.32 17.39
C VAL A 378 -9.71 3.92 18.71
N ARG A 379 -8.95 3.19 19.51
CA ARG A 379 -9.37 2.77 20.84
C ARG A 379 -8.05 2.54 21.55
N THR A 380 -8.06 2.35 22.86
CA THR A 380 -6.81 2.16 23.56
C THR A 380 -6.20 0.76 23.29
N PRO A 381 -4.86 0.67 23.33
CA PRO A 381 -4.09 -0.57 23.12
C PRO A 381 -4.63 -1.70 23.98
N THR A 382 -4.86 -1.38 25.26
CA THR A 382 -5.39 -2.34 26.21
C THR A 382 -6.66 -2.98 25.67
N GLU A 383 -7.54 -2.18 25.10
CA GLU A 383 -8.78 -2.68 24.53
C GLU A 383 -8.57 -3.59 23.31
N THR A 384 -7.68 -3.18 22.41
CA THR A 384 -7.42 -3.99 21.23
C THR A 384 -6.91 -5.37 21.64
N VAL A 385 -5.91 -5.39 22.51
CA VAL A 385 -5.33 -6.64 22.98
C VAL A 385 -6.34 -7.52 23.70
N LEU A 386 -7.18 -6.93 24.54
CA LEU A 386 -8.18 -7.73 25.24
C LEU A 386 -9.35 -8.17 24.37
N GLN A 387 -9.51 -7.58 23.19
CA GLN A 387 -10.61 -7.97 22.30
C GLN A 387 -10.12 -8.92 21.20
N GLU A 388 -8.86 -8.81 20.81
CA GLU A 388 -8.32 -9.65 19.73
C GLU A 388 -7.62 -10.93 20.19
N TYR A 389 -7.01 -10.91 21.38
CA TYR A 389 -6.31 -12.09 21.89
C TYR A 389 -7.08 -12.79 23.00
N THR A 390 -8.40 -12.88 22.84
CA THR A 390 -9.23 -13.53 23.84
C THR A 390 -10.07 -14.66 23.26
N GLN A 391 -10.86 -14.34 22.24
CA GLN A 391 -11.72 -15.34 21.62
C GLN A 391 -10.95 -16.55 21.10
N SER A 392 -11.50 -17.73 21.35
CA SER A 392 -10.90 -18.98 20.92
C SER A 392 -11.85 -19.71 19.96
N PRO A 393 -11.29 -20.38 18.95
CA PRO A 393 -12.06 -21.13 17.95
C PRO A 393 -12.85 -22.26 18.59
N GLU A 394 -14.09 -22.45 18.17
CA GLU A 394 -14.86 -23.55 18.73
C GLU A 394 -14.72 -24.73 17.79
N ILE A 395 -13.85 -25.67 18.14
CA ILE A 395 -13.62 -26.86 17.34
C ILE A 395 -14.76 -27.84 17.59
N LYS A 396 -15.83 -27.75 16.82
CA LYS A 396 -16.99 -28.62 17.02
C LYS A 396 -16.73 -30.12 16.84
N VAL A 397 -15.66 -30.49 16.15
CA VAL A 397 -15.33 -31.92 15.96
C VAL A 397 -13.82 -32.11 16.15
N PRO A 398 -13.36 -32.15 17.41
CA PRO A 398 -11.95 -32.31 17.78
C PRO A 398 -11.25 -33.55 17.23
N ILE A 399 -9.94 -33.48 17.18
CA ILE A 399 -9.14 -34.61 16.74
C ILE A 399 -9.11 -35.49 18.00
N PRO A 400 -9.57 -36.74 17.90
CA PRO A 400 -9.57 -37.60 19.08
C PRO A 400 -8.17 -37.73 19.70
N GLN A 401 -8.11 -37.77 21.02
CA GLN A 401 -6.85 -37.91 21.72
C GLN A 401 -6.20 -39.24 21.31
N LYS A 402 -7.03 -40.27 21.13
CA LYS A 402 -6.53 -41.58 20.75
C LYS A 402 -5.81 -41.58 19.41
N ASP A 403 -6.02 -40.56 18.60
CA ASP A 403 -5.40 -40.49 17.28
C ASP A 403 -3.98 -39.95 17.21
N TRP A 404 -3.39 -39.65 18.36
CA TRP A 404 -2.02 -39.16 18.39
C TRP A 404 -1.09 -40.25 18.89
N THR A 405 0.15 -40.26 18.40
CA THR A 405 1.11 -41.25 18.88
C THR A 405 1.72 -40.67 20.14
N GLY A 406 2.69 -41.39 20.69
CA GLY A 406 3.37 -40.88 21.86
C GLY A 406 4.23 -39.76 21.30
N PRO A 407 4.81 -38.90 22.15
CA PRO A 407 5.65 -37.79 21.71
C PRO A 407 6.98 -38.13 21.02
N ILE A 408 7.47 -37.17 20.25
CA ILE A 408 8.74 -37.25 19.57
C ILE A 408 9.17 -35.84 19.85
N GLY A 409 9.63 -35.63 21.07
CA GLY A 409 10.02 -34.32 21.50
C GLY A 409 8.76 -33.54 21.82
N GLU A 410 8.47 -32.55 20.98
CA GLU A 410 7.32 -31.69 21.16
C GLU A 410 6.15 -32.10 20.27
N ILE A 411 6.39 -33.01 19.33
CA ILE A 411 5.31 -33.39 18.43
C ILE A 411 4.79 -34.82 18.57
N ARG A 412 3.57 -35.01 18.07
CA ARG A 412 2.89 -36.29 18.09
C ARG A 412 2.39 -36.49 16.68
N ILE A 413 2.64 -37.67 16.13
CA ILE A 413 2.19 -37.96 14.79
C ILE A 413 0.71 -38.30 14.80
N LEU A 414 0.01 -37.86 13.75
CA LEU A 414 -1.40 -38.13 13.59
C LEU A 414 -1.48 -39.52 12.96
N LYS A 415 -1.87 -40.52 13.73
CA LYS A 415 -1.96 -41.88 13.23
C LYS A 415 -2.75 -41.90 11.91
N ASP A 416 -2.31 -42.72 10.96
CA ASP A 416 -2.98 -42.82 9.67
C ASP A 416 -4.34 -43.53 9.74
N THR A 417 -4.76 -43.92 10.94
CA THR A 417 -6.04 -44.60 11.14
C THR A 417 -7.07 -43.61 11.66
N THR A 418 -6.71 -42.33 11.69
CA THR A 418 -7.62 -41.31 12.18
C THR A 418 -8.77 -41.13 11.21
N SER A 419 -9.96 -41.02 11.75
CA SER A 419 -11.13 -40.81 10.90
C SER A 419 -11.38 -39.32 10.82
N SER A 420 -10.49 -38.54 11.44
CA SER A 420 -10.61 -37.08 11.46
C SER A 420 -10.32 -36.43 10.12
N ILE A 421 -10.92 -35.27 9.91
CA ILE A 421 -10.71 -34.54 8.68
C ILE A 421 -9.27 -33.99 8.64
N ALA A 422 -8.60 -34.01 9.79
CA ALA A 422 -7.23 -33.53 9.92
C ALA A 422 -6.32 -34.40 9.03
N ARG A 423 -6.81 -35.59 8.74
CA ARG A 423 -6.14 -36.58 7.91
C ARG A 423 -5.61 -35.87 6.66
N TYR A 424 -6.51 -35.16 5.98
CA TYR A 424 -6.18 -34.45 4.76
C TYR A 424 -5.26 -33.25 4.91
N LEU A 425 -5.47 -32.48 5.98
CA LEU A 425 -4.65 -31.32 6.25
C LEU A 425 -3.21 -31.78 6.47
N TYR A 426 -3.06 -32.89 7.17
CA TYR A 426 -1.76 -33.43 7.48
C TYR A 426 -1.04 -33.95 6.24
N ARG A 427 -1.77 -34.63 5.37
CA ARG A 427 -1.19 -35.20 4.16
C ARG A 427 -0.60 -34.12 3.24
N THR A 428 -1.34 -33.03 3.06
CA THR A 428 -0.91 -31.93 2.21
C THR A 428 0.39 -31.28 2.70
N TRP A 429 0.44 -30.92 3.99
CA TRP A 429 1.64 -30.31 4.55
C TRP A 429 2.82 -31.27 4.55
N TYR A 430 2.54 -32.56 4.72
CA TYR A 430 3.56 -33.60 4.75
C TYR A 430 4.18 -33.70 3.35
N LEU A 431 3.30 -33.82 2.36
CA LEU A 431 3.70 -33.93 0.96
C LEU A 431 4.58 -32.74 0.56
N ALA A 432 4.03 -31.55 0.77
CA ALA A 432 4.73 -30.31 0.44
C ALA A 432 6.06 -30.22 1.20
N ALA A 433 6.06 -30.62 2.48
CA ALA A 433 7.28 -30.58 3.30
C ALA A 433 8.38 -31.41 2.64
N ALA A 434 8.05 -32.64 2.28
CA ALA A 434 9.00 -33.55 1.64
C ALA A 434 9.54 -33.00 0.33
N ARG A 435 8.66 -32.52 -0.54
CA ARG A 435 9.09 -31.99 -1.84
C ARG A 435 9.98 -30.76 -1.69
N MET A 436 9.56 -29.88 -0.79
CA MET A 436 10.33 -28.67 -0.52
C MET A 436 11.74 -29.06 -0.04
N ALA A 437 11.81 -29.85 1.04
CA ALA A 437 13.10 -30.27 1.57
C ALA A 437 13.89 -31.11 0.58
N ALA A 438 13.21 -31.65 -0.43
CA ALA A 438 13.89 -32.48 -1.42
C ALA A 438 14.60 -31.66 -2.48
N GLN A 439 14.09 -30.44 -2.71
CA GLN A 439 14.69 -29.57 -3.71
C GLN A 439 16.14 -29.27 -3.38
N PRO A 440 17.03 -29.34 -4.38
CA PRO A 440 18.46 -29.08 -4.17
C PRO A 440 18.75 -27.65 -3.73
N ARG A 441 18.02 -26.68 -4.27
CA ARG A 441 18.20 -25.28 -3.92
C ARG A 441 18.10 -25.09 -2.41
N THR A 442 17.16 -25.80 -1.79
CA THR A 442 16.96 -25.74 -0.36
C THR A 442 18.24 -25.92 0.42
N TRP A 443 19.16 -26.71 -0.12
CA TRP A 443 20.42 -26.99 0.54
C TRP A 443 21.59 -26.17 0.02
N ASP A 444 21.27 -25.08 -0.68
CA ASP A 444 22.32 -24.21 -1.19
C ASP A 444 22.56 -23.05 -0.22
N PRO A 445 23.82 -22.87 0.20
CA PRO A 445 24.23 -21.81 1.12
C PRO A 445 23.63 -20.44 0.81
N LEU A 446 23.44 -20.14 -0.47
CA LEU A 446 22.88 -18.86 -0.86
C LEU A 446 21.43 -18.76 -0.44
N PHE A 447 20.68 -19.80 -0.79
CA PHE A 447 19.25 -19.87 -0.46
C PHE A 447 19.05 -19.69 1.03
N GLN A 448 19.89 -20.34 1.82
CA GLN A 448 19.80 -20.27 3.26
C GLN A 448 20.26 -18.90 3.79
N ALA A 449 21.08 -18.22 3.01
CA ALA A 449 21.54 -16.90 3.42
C ALA A 449 20.35 -15.95 3.17
N ILE A 450 19.69 -16.13 2.03
CA ILE A 450 18.55 -15.30 1.69
C ILE A 450 17.50 -15.45 2.79
N MET A 451 17.30 -16.68 3.24
CA MET A 451 16.32 -16.96 4.27
C MET A 451 16.73 -16.40 5.62
N ARG A 452 18.02 -16.50 5.94
CA ARG A 452 18.51 -15.96 7.20
C ARG A 452 18.49 -14.43 7.13
N SER A 453 18.50 -13.90 5.91
CA SER A 453 18.52 -12.45 5.73
C SER A 453 17.13 -11.81 5.64
N GLN A 454 16.11 -12.64 5.41
CA GLN A 454 14.76 -12.12 5.31
C GLN A 454 14.34 -11.29 6.51
N TYR A 455 14.56 -11.82 7.70
CA TYR A 455 14.17 -11.10 8.90
C TYR A 455 15.22 -10.18 9.51
N VAL A 456 16.34 -10.00 8.83
CA VAL A 456 17.37 -9.08 9.31
C VAL A 456 16.97 -7.76 8.67
N THR A 457 16.19 -6.97 9.40
CA THR A 457 15.69 -5.70 8.87
C THR A 457 15.78 -4.54 9.86
N ALA A 458 15.56 -3.34 9.33
CA ALA A 458 15.61 -2.12 10.13
C ALA A 458 14.35 -1.93 10.98
N ARG A 459 13.47 -2.93 10.99
CA ARG A 459 12.27 -2.83 11.81
C ARG A 459 12.50 -3.54 13.15
N GLY A 460 11.55 -3.40 14.07
CA GLY A 460 11.71 -4.00 15.39
C GLY A 460 11.51 -5.50 15.51
N GLY A 461 12.03 -6.06 16.59
CA GLY A 461 11.87 -7.49 16.81
C GLY A 461 11.85 -7.86 18.28
N SER A 462 11.20 -7.03 19.09
CA SER A 462 11.09 -7.24 20.53
C SER A 462 12.48 -7.38 21.13
N GLY A 463 13.38 -6.47 20.74
CA GLY A 463 14.75 -6.48 21.20
C GLY A 463 14.99 -6.56 22.69
N ALA A 464 14.26 -5.76 23.46
CA ALA A 464 14.43 -5.77 24.91
C ALA A 464 14.09 -7.12 25.55
N ALA A 465 12.94 -7.68 25.20
CA ALA A 465 12.51 -8.96 25.75
C ALA A 465 13.54 -10.06 25.44
N LEU A 466 14.12 -10.03 24.25
CA LEU A 466 15.11 -11.05 23.89
C LEU A 466 16.34 -10.93 24.78
N ARG A 467 16.81 -9.71 24.97
CA ARG A 467 17.98 -9.47 25.81
C ARG A 467 17.78 -10.03 27.22
N GLU A 468 16.57 -9.89 27.74
CA GLU A 468 16.30 -10.38 29.08
C GLU A 468 15.98 -11.86 29.15
N SER A 469 15.37 -12.42 28.11
CA SER A 469 15.09 -13.85 28.13
C SER A 469 16.43 -14.55 28.08
N LEU A 470 17.43 -13.85 27.54
CA LEU A 470 18.77 -14.39 27.42
C LEU A 470 19.53 -14.17 28.73
N TYR A 471 19.27 -13.04 29.37
CA TYR A 471 19.91 -12.72 30.64
C TYR A 471 19.52 -13.78 31.68
N ALA A 472 18.31 -14.33 31.52
CA ALA A 472 17.78 -15.35 32.40
C ALA A 472 18.61 -16.63 32.44
N ILE A 473 19.47 -16.82 31.43
CA ILE A 473 20.33 -18.01 31.38
C ILE A 473 21.79 -17.56 31.36
N ASN A 474 22.01 -16.35 31.86
CA ASN A 474 23.34 -15.78 31.96
C ASN A 474 24.10 -15.66 30.64
N VAL A 475 23.43 -15.13 29.62
CA VAL A 475 24.07 -14.95 28.32
C VAL A 475 23.90 -13.50 27.88
N SER A 476 24.94 -12.70 28.08
CA SER A 476 24.91 -11.28 27.71
C SER A 476 25.43 -11.02 26.30
N LEU A 477 24.64 -10.29 25.53
CA LEU A 477 24.98 -9.96 24.15
C LEU A 477 25.84 -8.70 24.06
N PRO A 478 26.56 -8.53 22.94
CA PRO A 478 27.40 -7.35 22.77
C PRO A 478 26.49 -6.14 22.73
N ASP A 479 26.91 -5.04 23.34
CA ASP A 479 26.08 -3.85 23.33
C ASP A 479 26.59 -2.84 22.29
N PHE A 480 27.80 -3.06 21.78
CA PHE A 480 28.40 -2.17 20.79
C PHE A 480 28.29 -0.73 21.28
N LYS A 481 28.70 -0.49 22.52
CA LYS A 481 28.60 0.85 23.08
C LYS A 481 29.28 1.90 22.21
N GLY A 482 28.51 2.89 21.77
CA GLY A 482 29.06 3.96 20.96
C GLY A 482 28.67 4.03 19.50
N LEU A 483 27.87 3.09 18.99
CA LEU A 483 27.46 3.13 17.60
C LEU A 483 26.21 3.96 17.33
N PRO A 484 26.23 4.81 16.29
CA PRO A 484 25.15 5.70 15.86
C PRO A 484 23.94 5.03 15.19
N VAL A 485 23.73 3.75 15.48
CA VAL A 485 22.61 3.02 14.91
C VAL A 485 21.54 2.80 15.96
N LYS A 486 20.31 2.56 15.51
CA LYS A 486 19.21 2.30 16.43
C LYS A 486 19.33 0.87 16.94
N ALA A 487 19.29 0.69 18.26
CA ALA A 487 19.42 -0.64 18.85
C ALA A 487 18.18 -1.52 18.71
N ALA A 488 16.99 -0.92 18.65
CA ALA A 488 15.76 -1.70 18.52
C ALA A 488 15.45 -2.14 17.09
N THR A 489 16.43 -2.75 16.43
CA THR A 489 16.23 -3.25 15.08
C THR A 489 16.71 -4.69 15.05
N LYS A 490 16.08 -5.51 14.22
CA LYS A 490 16.48 -6.90 14.10
C LYS A 490 17.90 -6.96 13.55
N ILE A 491 18.32 -5.89 12.88
CA ILE A 491 19.67 -5.78 12.34
C ILE A 491 20.67 -5.74 13.49
N PHE A 492 20.32 -4.99 14.53
CA PHE A 492 21.15 -4.88 15.73
C PHE A 492 21.16 -6.27 16.36
N GLN A 493 19.98 -6.88 16.41
CA GLN A 493 19.81 -8.22 16.97
C GLN A 493 20.73 -9.20 16.28
N ALA A 494 20.76 -9.14 14.95
CA ALA A 494 21.59 -10.05 14.18
C ALA A 494 23.05 -9.90 14.57
N ALA A 495 23.50 -8.66 14.69
CA ALA A 495 24.88 -8.40 15.06
C ALA A 495 25.20 -8.94 16.45
N GLN A 496 24.24 -8.87 17.37
CA GLN A 496 24.49 -9.37 18.72
C GLN A 496 24.58 -10.89 18.78
N LEU A 497 23.74 -11.55 17.98
CA LEU A 497 23.66 -12.99 17.94
C LEU A 497 24.60 -13.66 16.96
N ALA A 498 25.18 -12.87 16.06
CA ALA A 498 26.08 -13.41 15.04
C ALA A 498 27.08 -14.49 15.44
N ASN A 499 27.70 -14.35 16.60
CA ASN A 499 28.71 -15.31 16.99
C ASN A 499 28.38 -16.18 18.20
N LEU A 500 27.11 -16.54 18.32
CA LEU A 500 26.67 -17.38 19.42
C LEU A 500 26.00 -18.61 18.84
N PRO A 501 26.30 -19.80 19.39
CA PRO A 501 25.70 -21.05 18.91
C PRO A 501 24.19 -21.09 19.19
N PHE A 502 23.44 -21.71 18.29
CA PHE A 502 22.00 -21.83 18.42
C PHE A 502 21.59 -22.29 19.82
N SER A 503 22.40 -23.14 20.44
CA SER A 503 22.11 -23.66 21.78
C SER A 503 22.09 -22.59 22.88
N HIS A 504 22.82 -21.50 22.65
CA HIS A 504 22.88 -20.42 23.63
C HIS A 504 21.77 -19.41 23.46
N THR A 505 21.15 -19.38 22.29
CA THR A 505 20.09 -18.41 22.01
C THR A 505 18.72 -19.07 21.86
N SER A 506 18.68 -20.38 21.99
CA SER A 506 17.44 -21.13 21.83
C SER A 506 16.32 -20.60 22.72
N VAL A 507 16.64 -20.28 23.96
CA VAL A 507 15.63 -19.80 24.90
C VAL A 507 14.87 -18.58 24.40
N ALA A 508 15.54 -17.77 23.58
CA ALA A 508 14.94 -16.56 23.06
C ALA A 508 13.70 -16.85 22.24
N ILE A 509 13.60 -18.09 21.74
CA ILE A 509 12.45 -18.50 20.96
C ILE A 509 11.17 -18.42 21.79
N LEU A 510 11.32 -18.47 23.11
CA LEU A 510 10.17 -18.38 24.00
C LEU A 510 10.09 -17.03 24.71
N ALA A 511 10.94 -16.09 24.34
CA ALA A 511 10.93 -14.78 24.96
C ALA A 511 9.58 -14.10 24.72
N ASP A 512 9.29 -13.05 25.49
CA ASP A 512 8.03 -12.33 25.33
C ASP A 512 7.99 -11.65 23.97
N THR A 513 6.83 -11.09 23.64
CA THR A 513 6.59 -10.38 22.40
C THR A 513 6.12 -8.98 22.75
N SER A 514 6.73 -7.96 22.15
CA SER A 514 6.33 -6.59 22.43
C SER A 514 5.07 -6.18 21.67
N MET A 515 4.48 -5.07 22.07
CA MET A 515 3.26 -4.62 21.41
C MET A 515 3.52 -3.76 20.18
N GLY A 516 2.66 -3.93 19.18
CA GLY A 516 2.75 -3.18 17.94
C GLY A 516 1.32 -3.07 17.44
N LEU A 517 0.88 -1.85 17.16
CA LEU A 517 -0.49 -1.67 16.72
C LEU A 517 -0.63 -0.99 15.38
N ARG A 518 -1.79 -1.16 14.77
CA ARG A 518 -2.08 -0.56 13.48
C ARG A 518 -3.56 -0.17 13.36
N ASN A 519 -3.82 1.10 13.05
CA ASN A 519 -5.18 1.59 12.89
C ASN A 519 -5.61 1.46 11.44
N GLN A 520 -6.90 1.25 11.23
CA GLN A 520 -7.40 1.08 9.87
C GLN A 520 -8.66 1.87 9.60
N VAL A 521 -8.93 2.10 8.33
CA VAL A 521 -10.14 2.82 7.95
C VAL A 521 -11.25 1.79 7.92
N GLN A 522 -12.40 2.15 8.47
CA GLN A 522 -13.56 1.26 8.50
C GLN A 522 -13.38 -0.09 9.15
N ARG A 523 -12.29 -0.26 9.90
CA ARG A 523 -12.04 -1.52 10.58
C ARG A 523 -11.55 -1.22 12.00
N ARG A 524 -11.34 -2.27 12.81
CA ARG A 524 -10.87 -2.08 14.17
C ARG A 524 -9.34 -2.15 14.20
N PRO A 525 -8.71 -1.60 15.25
CA PRO A 525 -7.25 -1.69 15.26
C PRO A 525 -6.83 -3.14 15.38
N ARG A 526 -5.68 -3.45 14.80
CA ARG A 526 -5.18 -4.82 14.89
C ARG A 526 -3.86 -4.86 15.64
N SER A 527 -3.71 -5.84 16.53
CA SER A 527 -2.47 -5.97 17.27
C SER A 527 -1.47 -6.67 16.37
N ILE A 528 -0.20 -6.40 16.59
CA ILE A 528 0.85 -6.98 15.78
C ILE A 528 1.93 -7.59 16.66
N MET A 529 2.51 -8.71 16.23
CA MET A 529 3.56 -9.36 17.01
C MET A 529 4.92 -9.29 16.33
N PRO A 530 5.82 -8.43 16.83
CA PRO A 530 7.17 -8.28 16.26
C PRO A 530 8.08 -9.39 16.76
N LEU A 531 8.04 -10.54 16.10
CA LEU A 531 8.86 -11.67 16.49
C LEU A 531 10.36 -11.35 16.42
N ASN A 532 11.16 -12.02 17.25
CA ASN A 532 12.61 -11.78 17.28
C ASN A 532 13.35 -12.66 16.29
N VAL A 533 14.59 -12.30 15.98
CA VAL A 533 15.38 -13.07 15.03
C VAL A 533 15.38 -14.59 15.25
N PRO A 534 15.61 -15.06 16.50
CA PRO A 534 15.59 -16.52 16.66
C PRO A 534 14.20 -17.08 16.40
N GLN A 535 13.16 -16.31 16.75
CA GLN A 535 11.78 -16.75 16.52
C GLN A 535 11.48 -16.79 15.02
N GLN A 536 12.00 -15.83 14.28
CA GLN A 536 11.74 -15.83 12.84
C GLN A 536 12.56 -16.94 12.19
N GLN A 537 13.78 -17.15 12.68
CA GLN A 537 14.64 -18.18 12.14
C GLN A 537 14.01 -19.55 12.22
N VAL A 538 13.59 -19.91 13.41
CA VAL A 538 13.00 -21.20 13.69
C VAL A 538 11.67 -21.40 12.95
N SER A 539 11.09 -20.31 12.47
CA SER A 539 9.81 -20.39 11.74
C SER A 539 9.99 -20.73 10.26
N ALA A 540 11.24 -20.78 9.81
CA ALA A 540 11.54 -21.03 8.40
C ALA A 540 10.84 -22.23 7.77
N PRO A 541 10.94 -23.42 8.39
CA PRO A 541 10.30 -24.61 7.83
C PRO A 541 8.81 -24.44 7.59
N HIS A 542 8.15 -23.73 8.50
CA HIS A 542 6.72 -23.49 8.41
C HIS A 542 6.47 -22.61 7.17
N THR A 543 7.26 -21.55 7.04
CA THR A 543 7.14 -20.62 5.92
C THR A 543 7.42 -21.26 4.55
N LEU A 544 8.52 -22.02 4.46
CA LEU A 544 8.93 -22.68 3.22
C LEU A 544 7.92 -23.70 2.72
N THR A 545 7.39 -24.49 3.64
CA THR A 545 6.41 -25.50 3.25
C THR A 545 5.15 -24.82 2.73
N ALA A 546 4.77 -23.72 3.38
CA ALA A 546 3.59 -22.95 3.00
C ALA A 546 3.80 -22.37 1.61
N ASP A 547 5.02 -21.90 1.34
CA ASP A 547 5.35 -21.33 0.03
C ASP A 547 5.26 -22.41 -1.03
N TYR A 548 5.74 -23.61 -0.71
CA TYR A 548 5.71 -24.69 -1.66
C TYR A 548 4.26 -25.03 -2.03
N ILE A 549 3.37 -25.02 -1.05
CA ILE A 549 1.99 -25.33 -1.32
C ILE A 549 1.40 -24.27 -2.26
N ASN A 550 1.66 -23.01 -1.94
CA ASN A 550 1.13 -21.89 -2.73
C ASN A 550 1.68 -21.79 -4.15
N TYR A 551 2.92 -22.23 -4.34
CA TYR A 551 3.52 -22.13 -5.66
C TYR A 551 3.20 -23.33 -6.54
N HIS A 552 3.01 -24.49 -5.91
CA HIS A 552 2.76 -25.74 -6.65
C HIS A 552 1.41 -26.43 -6.50
N MET A 553 0.73 -26.25 -5.36
CA MET A 553 -0.52 -26.98 -5.16
C MET A 553 -1.85 -26.23 -5.26
N ASN A 554 -1.84 -24.90 -5.26
CA ASN A 554 -3.08 -24.16 -5.36
C ASN A 554 -3.04 -23.00 -6.36
N LEU A 555 -4.04 -22.13 -6.25
CA LEU A 555 -4.19 -20.96 -7.10
C LEU A 555 -4.25 -19.76 -6.13
N SER A 556 -3.13 -19.06 -6.00
CA SER A 556 -3.05 -17.92 -5.09
C SER A 556 -2.20 -16.75 -5.61
N PRO A 557 -2.42 -15.54 -5.07
CA PRO A 557 -1.66 -14.34 -5.47
C PRO A 557 -0.83 -13.86 -4.30
N THR A 558 0.50 -13.83 -4.45
CA THR A 558 1.36 -13.37 -3.37
C THR A 558 1.55 -11.87 -3.42
N SER A 559 1.34 -11.22 -2.28
CA SER A 559 1.50 -9.78 -2.15
C SER A 559 0.76 -9.33 -0.91
N GLY A 560 0.33 -8.07 -0.93
CA GLY A 560 -0.42 -7.51 0.17
C GLY A 560 -1.66 -6.95 -0.51
N SER A 561 -1.40 -6.12 -1.51
CA SER A 561 -2.45 -5.48 -2.30
C SER A 561 -1.84 -4.53 -3.34
N ALA A 562 -2.10 -3.22 -3.20
CA ALA A 562 -1.61 -2.22 -4.13
C ALA A 562 -2.35 -2.33 -5.47
N VAL A 563 -3.29 -1.40 -5.72
CA VAL A 563 -4.10 -1.42 -6.94
C VAL A 563 -3.35 -1.96 -8.17
N ILE A 564 -3.99 -2.91 -8.87
CA ILE A 564 -3.48 -3.62 -10.05
C ILE A 564 -2.67 -4.84 -9.60
N GLU A 565 -1.98 -4.69 -8.48
CA GLU A 565 -1.21 -5.78 -7.91
C GLU A 565 -2.24 -6.66 -7.24
N LYS A 566 -3.47 -6.17 -7.18
CA LYS A 566 -4.58 -6.90 -6.61
C LYS A 566 -5.28 -7.57 -7.79
N VAL A 567 -4.48 -7.91 -8.81
CA VAL A 567 -4.97 -8.56 -10.03
C VAL A 567 -6.38 -8.14 -10.42
N ILE A 568 -6.50 -6.94 -10.97
CA ILE A 568 -7.78 -6.43 -11.41
C ILE A 568 -8.46 -7.37 -12.41
N PRO A 569 -7.71 -7.90 -13.39
CA PRO A 569 -8.28 -8.80 -14.39
C PRO A 569 -9.14 -9.94 -13.84
N LEU A 570 -8.70 -10.54 -12.75
CA LEU A 570 -9.43 -11.66 -12.14
C LEU A 570 -10.84 -11.27 -11.71
N GLY A 571 -10.97 -10.07 -11.17
CA GLY A 571 -12.27 -9.60 -10.73
C GLY A 571 -13.21 -9.33 -11.88
N VAL A 572 -12.66 -8.83 -12.98
CA VAL A 572 -13.47 -8.53 -14.17
C VAL A 572 -14.11 -9.83 -14.65
N TYR A 573 -13.28 -10.85 -14.82
CA TYR A 573 -13.71 -12.17 -15.27
C TYR A 573 -14.75 -12.80 -14.33
N ALA A 574 -14.37 -12.91 -13.06
CA ALA A 574 -15.23 -13.50 -12.05
C ALA A 574 -16.58 -12.81 -11.93
N SER A 575 -16.60 -11.49 -12.08
CA SER A 575 -17.85 -10.77 -11.94
C SER A 575 -18.66 -10.59 -13.22
N SER A 576 -18.17 -11.06 -14.35
CA SER A 576 -18.92 -10.91 -15.60
C SER A 576 -19.85 -12.08 -15.96
N PRO A 577 -21.14 -11.80 -16.15
CA PRO A 577 -22.06 -12.89 -16.51
C PRO A 577 -21.55 -13.43 -17.85
N PRO A 578 -21.74 -14.74 -18.12
CA PRO A 578 -22.35 -15.83 -17.36
C PRO A 578 -21.61 -16.28 -16.10
N ASN A 579 -20.46 -15.70 -15.82
CA ASN A 579 -19.71 -16.12 -14.63
C ASN A 579 -20.28 -15.51 -13.36
N GLN A 580 -20.00 -16.16 -12.24
CA GLN A 580 -20.47 -15.72 -10.93
C GLN A 580 -19.36 -16.02 -9.92
N SER A 581 -19.37 -15.30 -8.80
CA SER A 581 -18.35 -15.53 -7.80
C SER A 581 -18.90 -15.44 -6.39
N ILE A 582 -18.30 -16.22 -5.49
CA ILE A 582 -18.68 -16.23 -4.09
C ILE A 582 -17.46 -15.62 -3.41
N ASN A 583 -17.66 -14.61 -2.58
CA ASN A 583 -16.55 -13.96 -1.92
C ASN A 583 -16.35 -14.53 -0.52
N ILE A 584 -15.55 -15.59 -0.45
CA ILE A 584 -15.28 -16.25 0.81
C ILE A 584 -14.23 -15.50 1.65
N ASP A 585 -14.48 -15.43 2.95
CA ASP A 585 -13.58 -14.77 3.89
C ASP A 585 -13.70 -15.55 5.20
N ILE A 586 -12.63 -15.60 5.98
CA ILE A 586 -12.68 -16.33 7.25
C ILE A 586 -12.45 -15.32 8.38
N SER A 587 -13.41 -15.20 9.29
CA SER A 587 -13.25 -14.25 10.38
C SER A 587 -12.45 -14.81 11.55
N ALA A 588 -11.69 -13.93 12.19
CA ALA A 588 -10.85 -14.32 13.33
C ALA A 588 -9.81 -15.31 12.83
N CYS A 589 -9.35 -15.13 11.60
CA CYS A 589 -8.38 -16.02 11.00
C CYS A 589 -7.22 -16.39 11.93
N ASP A 590 -6.45 -15.38 12.34
CA ASP A 590 -5.30 -15.59 13.22
C ASP A 590 -5.64 -16.32 14.51
N ALA A 591 -6.78 -16.01 15.11
CA ALA A 591 -7.18 -16.67 16.35
C ALA A 591 -7.71 -18.07 16.09
N SER A 592 -7.95 -18.40 14.82
CA SER A 592 -8.45 -19.71 14.43
C SER A 592 -7.35 -20.72 14.12
N ILE A 593 -6.12 -20.22 13.97
CA ILE A 593 -4.99 -21.11 13.70
C ILE A 593 -4.26 -21.37 15.02
N THR A 594 -4.75 -22.37 15.73
CA THR A 594 -4.18 -22.72 17.03
C THR A 594 -3.64 -24.14 17.00
N TRP A 595 -2.99 -24.51 18.10
CA TRP A 595 -2.41 -25.83 18.23
C TRP A 595 -3.41 -26.98 18.21
N ASP A 596 -4.57 -26.78 18.82
CA ASP A 596 -5.61 -27.82 18.91
C ASP A 596 -6.01 -28.54 17.64
N PHE A 597 -6.01 -27.86 16.52
CA PHE A 597 -6.38 -28.55 15.29
C PHE A 597 -5.39 -28.35 14.15
N PHE A 598 -4.95 -27.11 13.95
CA PHE A 598 -4.03 -26.82 12.87
C PHE A 598 -2.55 -27.00 13.16
N LEU A 599 -1.98 -26.13 13.99
CA LEU A 599 -0.55 -26.19 14.29
C LEU A 599 0.03 -27.52 14.76
N SER A 600 -0.69 -28.26 15.60
CA SER A 600 -0.17 -29.55 16.07
C SER A 600 -0.05 -30.51 14.90
N VAL A 601 -0.94 -30.34 13.93
CA VAL A 601 -0.96 -31.19 12.75
C VAL A 601 0.12 -30.72 11.79
N ILE A 602 0.14 -29.41 11.53
CA ILE A 602 1.12 -28.86 10.60
C ILE A 602 2.53 -29.12 11.09
N MET A 603 2.80 -28.84 12.36
CA MET A 603 4.12 -29.08 12.91
C MET A 603 4.53 -30.54 12.72
N ALA A 604 3.58 -31.44 12.92
CA ALA A 604 3.83 -32.87 12.79
C ALA A 604 4.17 -33.28 11.35
N ALA A 605 3.31 -32.89 10.42
CA ALA A 605 3.49 -33.23 9.01
C ALA A 605 4.81 -32.76 8.44
N ILE A 606 5.22 -31.55 8.82
CA ILE A 606 6.48 -30.98 8.35
C ILE A 606 7.64 -31.72 9.00
N HIS A 607 7.58 -31.87 10.32
CA HIS A 607 8.63 -32.55 11.04
C HIS A 607 8.91 -33.94 10.46
N GLU A 608 7.85 -34.64 10.04
CA GLU A 608 8.00 -35.98 9.47
C GLU A 608 8.28 -35.97 7.97
N GLY A 609 7.48 -35.24 7.20
CA GLY A 609 7.68 -35.20 5.75
C GLY A 609 9.02 -34.63 5.34
N VAL A 610 9.65 -33.90 6.23
CA VAL A 610 10.95 -33.29 5.95
C VAL A 610 12.12 -34.21 6.33
N ALA A 611 11.81 -35.26 7.08
CA ALA A 611 12.81 -36.20 7.58
C ALA A 611 13.90 -36.71 6.63
N SER A 612 13.54 -37.61 5.72
CA SER A 612 14.51 -38.21 4.82
C SER A 612 15.47 -37.32 4.01
N SER A 613 15.03 -36.12 3.62
CA SER A 613 15.88 -35.25 2.81
C SER A 613 16.73 -34.27 3.61
N SER A 614 16.31 -34.00 4.84
CA SER A 614 17.03 -33.07 5.69
C SER A 614 18.00 -33.80 6.63
N ILE A 615 17.83 -35.11 6.70
CA ILE A 615 18.63 -35.96 7.58
C ILE A 615 20.13 -35.64 7.65
N GLY A 616 20.70 -35.79 8.84
CA GLY A 616 22.11 -35.54 9.07
C GLY A 616 22.63 -34.22 8.51
N LYS A 617 21.94 -33.13 8.82
CA LYS A 617 22.32 -31.82 8.30
C LYS A 617 21.72 -30.66 9.07
N PRO A 618 22.49 -29.58 9.25
CA PRO A 618 22.01 -28.39 9.95
C PRO A 618 21.18 -27.60 8.94
N PHE A 619 20.62 -26.49 9.36
CA PHE A 619 19.84 -25.70 8.43
C PHE A 619 19.75 -24.26 8.91
N MET A 620 20.22 -23.34 8.10
CA MET A 620 20.19 -21.93 8.46
C MET A 620 20.83 -21.64 9.81
N GLY A 621 21.89 -22.38 10.14
CA GLY A 621 22.58 -22.18 11.40
C GLY A 621 22.08 -23.04 12.55
N VAL A 622 20.96 -23.73 12.34
CA VAL A 622 20.37 -24.59 13.36
C VAL A 622 20.94 -26.01 13.26
N PRO A 623 21.52 -26.51 14.36
CA PRO A 623 22.09 -27.86 14.34
C PRO A 623 21.10 -29.00 14.46
N ALA A 624 21.60 -30.20 14.15
CA ALA A 624 20.82 -31.42 14.25
C ALA A 624 20.90 -31.73 15.74
N SER A 625 20.06 -32.64 16.23
CA SER A 625 20.11 -33.00 17.64
C SER A 625 19.37 -34.30 17.91
N ILE A 626 19.18 -34.60 19.19
CA ILE A 626 18.48 -35.82 19.59
C ILE A 626 17.27 -35.41 20.39
N VAL A 627 16.19 -36.16 20.26
CA VAL A 627 14.97 -35.85 20.99
C VAL A 627 14.35 -37.15 21.50
N ASN A 628 13.57 -37.08 22.57
CA ASN A 628 12.93 -38.26 23.14
C ASN A 628 11.84 -38.79 22.21
N ASP A 629 11.89 -40.11 21.96
CA ASP A 629 10.90 -40.74 21.09
C ASP A 629 9.98 -41.67 21.86
N GLU A 630 8.67 -41.48 21.69
CA GLU A 630 7.68 -42.29 22.37
C GLU A 630 6.52 -42.62 21.45
N SER A 631 6.75 -42.55 20.14
CA SER A 631 5.74 -42.83 19.13
C SER A 631 5.05 -44.15 19.46
N VAL A 632 5.82 -45.23 19.35
CA VAL A 632 5.34 -46.58 19.61
C VAL A 632 5.02 -46.79 21.08
N VAL A 633 4.09 -47.69 21.36
CA VAL A 633 3.70 -47.98 22.74
C VAL A 633 4.80 -48.81 23.39
N GLY A 634 5.22 -48.40 24.59
CA GLY A 634 6.28 -49.10 25.29
C GLY A 634 7.64 -48.63 24.82
N VAL A 635 7.95 -48.96 23.56
CA VAL A 635 9.22 -48.58 22.94
C VAL A 635 9.57 -47.11 23.15
N ARG A 636 10.63 -46.86 23.91
CA ARG A 636 11.06 -45.48 24.17
C ARG A 636 12.56 -45.33 23.93
N ALA A 637 12.91 -44.66 22.86
CA ALA A 637 14.32 -44.46 22.51
C ALA A 637 14.64 -43.00 22.20
N ALA A 638 15.85 -42.77 21.72
CA ALA A 638 16.28 -41.44 21.36
C ALA A 638 16.24 -41.40 19.84
N ARG A 639 15.89 -40.26 19.28
CA ARG A 639 15.82 -40.14 17.83
C ARG A 639 16.62 -38.99 17.24
N PRO A 640 17.53 -39.30 16.32
CA PRO A 640 18.33 -38.24 15.70
C PRO A 640 17.42 -37.46 14.74
N ILE A 641 17.40 -36.14 14.87
CA ILE A 641 16.59 -35.32 13.98
C ILE A 641 17.49 -34.28 13.32
N SER A 642 17.05 -33.77 12.17
CA SER A 642 17.85 -32.77 11.45
C SER A 642 17.70 -31.38 12.07
N GLY A 643 18.50 -30.43 11.58
CA GLY A 643 18.41 -29.08 12.10
C GLY A 643 17.05 -28.52 11.73
N MET A 644 16.61 -28.87 10.52
CA MET A 644 15.31 -28.43 10.04
C MET A 644 14.25 -28.91 11.02
N GLN A 645 14.40 -30.16 11.47
CA GLN A 645 13.47 -30.76 12.42
C GLN A 645 13.62 -30.12 13.79
N ASN A 646 14.84 -29.71 14.11
CA ASN A 646 15.11 -29.08 15.37
C ASN A 646 14.30 -27.80 15.42
N MET A 647 14.22 -27.10 14.28
CA MET A 647 13.46 -25.86 14.20
C MET A 647 11.99 -26.13 14.54
N ILE A 648 11.37 -27.07 13.83
CA ILE A 648 9.98 -27.40 14.07
C ILE A 648 9.81 -27.75 15.54
N GLN A 649 10.81 -28.46 16.06
CA GLN A 649 10.84 -28.89 17.45
C GLN A 649 10.73 -27.65 18.36
N HIS A 650 11.56 -26.65 18.13
CA HIS A 650 11.51 -25.43 18.94
C HIS A 650 10.29 -24.55 18.65
N LEU A 651 9.86 -24.51 17.39
CA LEU A 651 8.71 -23.71 17.01
C LEU A 651 7.46 -24.30 17.64
N SER A 652 7.40 -25.64 17.66
CA SER A 652 6.26 -26.35 18.23
C SER A 652 6.13 -26.02 19.71
N LYS A 653 7.27 -25.85 20.37
CA LYS A 653 7.24 -25.55 21.79
C LYS A 653 6.58 -24.19 22.00
N LEU A 654 6.87 -23.25 21.12
CA LEU A 654 6.29 -21.91 21.21
C LEU A 654 4.81 -21.89 20.84
N TYR A 655 4.45 -22.51 19.71
CA TYR A 655 3.04 -22.55 19.30
C TYR A 655 2.19 -23.21 20.37
N LYS A 656 2.74 -24.21 21.06
CA LYS A 656 1.98 -24.90 22.10
C LYS A 656 1.73 -24.01 23.32
N ARG A 657 2.79 -23.38 23.82
CA ARG A 657 2.68 -22.53 24.99
C ARG A 657 1.81 -21.30 24.74
N GLY A 658 2.08 -20.62 23.62
CA GLY A 658 1.35 -19.42 23.29
C GLY A 658 2.34 -18.28 23.28
N PHE A 659 1.86 -17.07 22.98
CA PHE A 659 2.74 -15.91 22.94
C PHE A 659 2.49 -14.98 24.13
N SER A 660 3.56 -14.58 24.80
CA SER A 660 3.46 -13.67 25.93
C SER A 660 3.52 -12.25 25.39
N TYR A 661 2.35 -11.65 25.21
CA TYR A 661 2.27 -10.31 24.68
C TYR A 661 2.43 -9.27 25.80
N ARG A 662 3.51 -8.50 25.71
CA ARG A 662 3.80 -7.47 26.70
C ARG A 662 3.10 -6.17 26.30
N VAL A 663 2.11 -5.77 27.08
CA VAL A 663 1.33 -4.57 26.79
C VAL A 663 1.66 -3.34 27.65
N ASN A 664 2.32 -2.37 27.04
CA ASN A 664 2.67 -1.10 27.71
C ASN A 664 1.84 -0.03 27.01
N ASP A 665 0.63 0.17 27.52
CA ASP A 665 -0.36 1.11 26.97
C ASP A 665 -0.08 2.56 27.40
N SER A 666 0.66 3.31 26.57
CA SER A 666 0.99 4.69 26.89
C SER A 666 -0.18 5.67 26.87
N PHE A 667 -1.33 5.21 26.41
CA PHE A 667 -2.52 6.05 26.39
C PHE A 667 -3.31 5.84 27.69
N SER A 668 -3.09 4.72 28.36
CA SER A 668 -3.78 4.40 29.61
C SER A 668 -2.78 4.27 30.77
N PRO A 669 -2.57 5.36 31.52
CA PRO A 669 -1.63 5.38 32.66
C PRO A 669 -1.78 4.16 33.59
N GLY A 670 -0.68 3.46 33.79
CA GLY A 670 -0.70 2.30 34.66
C GLY A 670 -1.24 1.03 34.04
N ASN A 671 -1.41 0.98 32.73
CA ASN A 671 -1.90 -0.26 32.12
C ASN A 671 -0.73 -1.03 31.53
N ASP A 672 0.04 -1.66 32.42
CA ASP A 672 1.19 -2.46 32.05
C ASP A 672 0.89 -3.90 32.46
N PHE A 673 0.79 -4.78 31.48
CA PHE A 673 0.50 -6.18 31.76
C PHE A 673 0.99 -7.08 30.63
N THR A 674 1.22 -8.34 30.96
CA THR A 674 1.67 -9.32 29.99
C THR A 674 0.48 -10.25 29.81
N HIS A 675 0.01 -10.32 28.58
CA HIS A 675 -1.13 -11.14 28.25
C HIS A 675 -0.69 -12.36 27.46
N MET A 676 -1.10 -13.53 27.93
CA MET A 676 -0.74 -14.76 27.23
C MET A 676 -1.88 -15.04 26.26
N THR A 677 -1.54 -15.43 25.04
CA THR A 677 -2.58 -15.71 24.04
C THR A 677 -2.20 -16.85 23.11
N THR A 678 -3.20 -17.52 22.56
CA THR A 678 -2.97 -18.62 21.64
C THR A 678 -3.26 -18.19 20.20
N THR A 679 -3.52 -16.90 20.00
CA THR A 679 -3.80 -16.40 18.67
C THR A 679 -2.52 -16.42 17.87
N PHE A 680 -2.64 -16.71 16.58
CA PHE A 680 -1.48 -16.78 15.71
C PHE A 680 -0.84 -15.39 15.49
N PRO A 681 0.50 -15.33 15.47
CA PRO A 681 1.29 -14.11 15.25
C PRO A 681 1.12 -13.52 13.86
N SER A 682 1.07 -12.20 13.78
CA SER A 682 0.95 -11.53 12.49
C SER A 682 2.32 -11.16 11.95
N GLY A 683 3.18 -10.65 12.82
CA GLY A 683 4.51 -10.28 12.37
C GLY A 683 5.42 -11.42 11.96
N SER A 684 4.92 -12.65 11.96
CA SER A 684 5.73 -13.82 11.56
C SER A 684 5.91 -13.93 10.04
N THR A 685 7.08 -14.38 9.59
CA THR A 685 7.27 -14.54 8.14
C THR A 685 6.35 -15.64 7.61
N ALA A 686 5.78 -16.45 8.51
CA ALA A 686 4.94 -17.54 8.06
C ALA A 686 3.49 -17.14 7.86
N THR A 687 3.05 -16.19 8.65
CA THR A 687 1.66 -15.76 8.65
C THR A 687 0.89 -15.80 7.33
N SER A 688 1.14 -14.82 6.47
CA SER A 688 0.43 -14.75 5.20
C SER A 688 0.42 -16.04 4.38
N THR A 689 1.61 -16.52 4.05
CA THR A 689 1.71 -17.72 3.22
C THR A 689 1.05 -18.94 3.90
N GLU A 690 1.18 -19.03 5.21
CA GLU A 690 0.62 -20.12 6.02
C GLU A 690 -0.90 -20.18 5.89
N HIS A 691 -1.54 -19.05 6.14
CA HIS A 691 -2.98 -18.95 6.07
C HIS A 691 -3.50 -19.20 4.65
N THR A 692 -2.71 -18.81 3.67
CA THR A 692 -3.12 -19.03 2.28
C THR A 692 -3.15 -20.52 2.03
N ALA A 693 -2.13 -21.20 2.51
CA ALA A 693 -1.99 -22.63 2.32
C ALA A 693 -3.13 -23.41 2.98
N ASN A 694 -3.48 -23.06 4.21
CA ASN A 694 -4.57 -23.77 4.88
C ASN A 694 -5.89 -23.46 4.21
N ASN A 695 -6.06 -22.21 3.80
CA ASN A 695 -7.28 -21.80 3.12
C ASN A 695 -7.57 -22.77 1.97
N SER A 696 -6.67 -22.84 1.00
CA SER A 696 -6.85 -23.73 -0.15
C SER A 696 -6.93 -25.21 0.23
N THR A 697 -6.12 -25.62 1.19
CA THR A 697 -6.12 -27.02 1.63
C THR A 697 -7.49 -27.46 2.16
N MET A 698 -8.11 -26.64 2.99
CA MET A 698 -9.40 -27.00 3.53
C MET A 698 -10.49 -26.94 2.47
N MET A 699 -10.40 -25.96 1.57
CA MET A 699 -11.38 -25.81 0.50
C MET A 699 -11.27 -26.99 -0.44
N GLU A 700 -10.05 -27.47 -0.62
CA GLU A 700 -9.79 -28.63 -1.46
C GLU A 700 -10.45 -29.84 -0.78
N THR A 701 -10.18 -30.02 0.50
CA THR A 701 -10.73 -31.12 1.25
C THR A 701 -12.26 -31.11 1.23
N PHE A 702 -12.85 -29.92 1.27
CA PHE A 702 -14.28 -29.79 1.24
C PHE A 702 -14.83 -30.29 -0.10
N LEU A 703 -14.30 -29.73 -1.19
CA LEU A 703 -14.71 -30.09 -2.55
C LEU A 703 -14.44 -31.54 -2.94
N THR A 704 -13.39 -32.12 -2.35
CA THR A 704 -13.00 -33.48 -2.66
C THR A 704 -13.57 -34.55 -1.74
N VAL A 705 -13.72 -34.23 -0.46
CA VAL A 705 -14.19 -35.21 0.50
C VAL A 705 -15.47 -34.89 1.23
N TRP A 706 -15.38 -33.97 2.17
CA TRP A 706 -16.50 -33.57 2.99
C TRP A 706 -17.77 -33.31 2.18
N GLY A 707 -17.78 -32.25 1.40
CA GLY A 707 -18.94 -31.93 0.58
C GLY A 707 -19.64 -33.18 0.07
N PRO A 708 -19.04 -33.87 -0.90
CA PRO A 708 -19.58 -35.10 -1.50
C PRO A 708 -20.17 -36.08 -0.48
N GLU A 709 -19.50 -36.23 0.66
CA GLU A 709 -19.95 -37.13 1.70
C GLU A 709 -21.09 -36.59 2.56
N HIS A 710 -21.48 -35.34 2.34
CA HIS A 710 -22.54 -34.76 3.16
C HIS A 710 -23.78 -34.33 2.43
N THR A 711 -23.97 -34.86 1.24
CA THR A 711 -25.15 -34.53 0.45
C THR A 711 -25.25 -35.51 -0.71
N ASP A 712 -26.47 -35.75 -1.16
CA ASP A 712 -26.70 -36.65 -2.29
C ASP A 712 -27.45 -35.87 -3.38
N ASP A 713 -27.56 -34.56 -3.16
CA ASP A 713 -28.21 -33.65 -4.08
C ASP A 713 -27.36 -33.62 -5.35
N PRO A 714 -27.88 -34.20 -6.44
CA PRO A 714 -27.21 -34.27 -7.74
C PRO A 714 -26.64 -32.96 -8.30
N ASP A 715 -27.36 -31.86 -8.16
CA ASP A 715 -26.84 -30.61 -8.68
C ASP A 715 -25.64 -30.13 -7.87
N VAL A 716 -25.77 -30.18 -6.55
CA VAL A 716 -24.68 -29.76 -5.68
C VAL A 716 -23.49 -30.68 -5.94
N LEU A 717 -23.75 -31.98 -6.02
CA LEU A 717 -22.66 -32.92 -6.27
C LEU A 717 -22.01 -32.63 -7.61
N ARG A 718 -22.81 -32.18 -8.58
CA ARG A 718 -22.28 -31.88 -9.89
C ARG A 718 -21.50 -30.57 -9.83
N LEU A 719 -22.05 -29.59 -9.12
CA LEU A 719 -21.40 -28.29 -8.99
C LEU A 719 -20.04 -28.42 -8.32
N MET A 720 -19.99 -29.08 -7.16
CA MET A 720 -18.75 -29.26 -6.43
C MET A 720 -17.75 -30.01 -7.29
N LYS A 721 -18.21 -31.02 -8.01
CA LYS A 721 -17.31 -31.80 -8.83
C LYS A 721 -16.62 -30.95 -9.90
N SER A 722 -17.33 -29.93 -10.41
CA SER A 722 -16.79 -29.05 -11.45
C SER A 722 -15.89 -27.96 -10.90
N LEU A 723 -15.69 -27.94 -9.58
CA LEU A 723 -14.84 -26.92 -8.98
C LEU A 723 -13.53 -27.50 -8.50
N THR A 724 -12.44 -26.79 -8.74
CA THR A 724 -11.13 -27.28 -8.33
C THR A 724 -10.35 -26.14 -7.70
N ILE A 725 -9.58 -26.43 -6.67
CA ILE A 725 -8.81 -25.36 -6.04
C ILE A 725 -7.69 -24.90 -6.95
N GLN A 726 -7.49 -25.61 -8.05
CA GLN A 726 -6.43 -25.25 -9.00
C GLN A 726 -6.96 -24.41 -10.15
N ARG A 727 -8.28 -24.43 -10.35
CA ARG A 727 -8.90 -23.69 -11.43
C ARG A 727 -9.97 -22.70 -11.04
N ASN A 728 -10.69 -22.98 -9.96
CA ASN A 728 -11.79 -22.12 -9.56
C ASN A 728 -11.73 -21.41 -8.22
N TYR A 729 -10.62 -21.56 -7.49
CA TYR A 729 -10.52 -20.91 -6.19
C TYR A 729 -9.20 -20.16 -6.01
N VAL A 730 -9.29 -18.85 -5.91
CA VAL A 730 -8.10 -18.02 -5.74
C VAL A 730 -8.13 -17.47 -4.33
N CYS A 731 -7.00 -17.54 -3.62
CA CYS A 731 -6.98 -17.03 -2.27
C CYS A 731 -5.63 -16.46 -1.88
N GLN A 732 -5.68 -15.59 -0.88
CA GLN A 732 -4.49 -14.95 -0.29
C GLN A 732 -4.83 -14.74 1.18
N GLY A 733 -4.04 -15.33 2.06
CA GLY A 733 -4.31 -15.18 3.47
C GLY A 733 -5.66 -15.83 3.72
N ASP A 734 -6.61 -15.05 4.25
CA ASP A 734 -7.92 -15.57 4.55
C ASP A 734 -9.00 -15.07 3.59
N ASP A 735 -8.56 -14.53 2.45
CA ASP A 735 -9.52 -14.06 1.45
C ASP A 735 -9.64 -15.09 0.33
N GLY A 736 -10.88 -15.33 -0.09
CA GLY A 736 -11.09 -16.30 -1.14
C GLY A 736 -12.15 -15.89 -2.14
N LEU A 737 -11.92 -16.27 -3.39
CA LEU A 737 -12.84 -15.97 -4.47
C LEU A 737 -13.15 -17.25 -5.23
N MET A 738 -14.36 -17.76 -5.04
CA MET A 738 -14.79 -18.98 -5.72
C MET A 738 -15.44 -18.56 -7.04
N ILE A 739 -14.73 -18.79 -8.14
CA ILE A 739 -15.20 -18.43 -9.47
C ILE A 739 -15.93 -19.55 -10.19
N ILE A 740 -17.25 -19.38 -10.33
CA ILE A 740 -18.06 -20.38 -11.03
C ILE A 740 -18.25 -19.93 -12.47
N ASP A 741 -17.45 -20.50 -13.37
CA ASP A 741 -17.57 -20.16 -14.78
C ASP A 741 -18.99 -20.42 -15.24
N GLY A 742 -19.41 -19.72 -16.28
CA GLY A 742 -20.75 -19.90 -16.81
C GLY A 742 -20.74 -20.69 -18.09
N THR A 743 -21.90 -21.22 -18.47
CA THR A 743 -22.04 -22.00 -19.70
C THR A 743 -22.82 -21.18 -20.72
N THR A 744 -23.20 -21.80 -21.85
CA THR A 744 -23.98 -21.12 -22.88
C THR A 744 -25.44 -21.12 -22.40
N ALA A 745 -25.75 -22.07 -21.52
CA ALA A 745 -27.08 -22.20 -20.94
C ALA A 745 -27.25 -21.10 -19.89
N GLY A 746 -26.29 -20.19 -19.85
CA GLY A 746 -26.33 -19.09 -18.89
C GLY A 746 -25.41 -19.36 -17.71
N LYS A 747 -25.87 -19.01 -16.52
CA LYS A 747 -25.09 -19.22 -15.30
C LYS A 747 -25.68 -20.37 -14.47
N VAL A 748 -24.87 -20.94 -13.58
CA VAL A 748 -25.31 -22.05 -12.73
C VAL A 748 -26.41 -21.65 -11.76
N ASN A 749 -27.37 -22.55 -11.54
CA ASN A 749 -28.50 -22.29 -10.64
C ASN A 749 -28.11 -21.70 -9.28
N SER A 750 -28.79 -20.63 -8.92
CA SER A 750 -28.55 -19.93 -7.65
C SER A 750 -28.88 -20.77 -6.43
N GLU A 751 -29.91 -21.59 -6.54
CA GLU A 751 -30.34 -22.44 -5.42
C GLU A 751 -29.31 -23.54 -5.14
N THR A 752 -28.75 -24.11 -6.21
CA THR A 752 -27.73 -25.15 -6.06
C THR A 752 -26.50 -24.51 -5.41
N ILE A 753 -26.18 -23.29 -5.82
CA ILE A 753 -25.02 -22.59 -5.26
C ILE A 753 -25.28 -22.35 -3.78
N GLN A 754 -26.48 -21.90 -3.45
CA GLN A 754 -26.82 -21.63 -2.07
C GLN A 754 -26.69 -22.87 -1.19
N ASN A 755 -26.93 -24.05 -1.77
CA ASN A 755 -26.81 -25.30 -1.03
C ASN A 755 -25.33 -25.57 -0.74
N ASP A 756 -24.49 -25.41 -1.77
CA ASP A 756 -23.05 -25.63 -1.66
C ASP A 756 -22.50 -24.74 -0.54
N LEU A 757 -22.84 -23.46 -0.59
CA LEU A 757 -22.35 -22.51 0.43
C LEU A 757 -22.71 -22.88 1.85
N GLU A 758 -23.97 -23.27 2.07
CA GLU A 758 -24.42 -23.63 3.41
C GLU A 758 -23.61 -24.80 3.96
N LEU A 759 -23.22 -25.71 3.07
CA LEU A 759 -22.42 -26.88 3.45
C LEU A 759 -21.01 -26.46 3.80
N ILE A 760 -20.48 -25.46 3.08
CA ILE A 760 -19.15 -24.97 3.34
C ILE A 760 -19.16 -24.38 4.75
N SER A 761 -20.17 -23.55 5.01
CA SER A 761 -20.32 -22.90 6.30
C SER A 761 -20.35 -23.93 7.44
N LYS A 762 -21.21 -24.93 7.30
CA LYS A 762 -21.32 -25.98 8.32
C LYS A 762 -20.01 -26.72 8.45
N TYR A 763 -19.34 -26.90 7.33
CA TYR A 763 -18.06 -27.59 7.27
C TYR A 763 -16.98 -26.96 8.16
N GLY A 764 -16.83 -25.64 8.10
CA GLY A 764 -15.80 -24.96 8.89
C GLY A 764 -15.97 -24.97 10.40
N GLU A 765 -17.22 -25.13 10.86
CA GLU A 765 -17.51 -25.16 12.29
C GLU A 765 -16.79 -26.34 12.91
N GLU A 766 -16.51 -27.34 12.07
CA GLU A 766 -15.85 -28.55 12.53
C GLU A 766 -14.40 -28.37 12.97
N PHE A 767 -13.76 -27.29 12.53
CA PHE A 767 -12.37 -27.06 12.91
C PHE A 767 -12.07 -25.64 13.34
N GLY A 768 -13.11 -24.96 13.85
CA GLY A 768 -12.96 -23.60 14.34
C GLY A 768 -12.92 -22.45 13.36
N TRP A 769 -13.40 -22.65 12.14
CA TRP A 769 -13.41 -21.58 11.14
C TRP A 769 -14.82 -21.10 10.84
N LYS A 770 -15.03 -19.80 11.02
CA LYS A 770 -16.33 -19.19 10.74
C LYS A 770 -16.19 -18.52 9.38
N TYR A 771 -16.72 -19.18 8.35
CA TYR A 771 -16.63 -18.64 7.01
C TYR A 771 -17.56 -17.46 6.83
N ASP A 772 -17.02 -16.39 6.29
CA ASP A 772 -17.80 -15.20 5.99
C ASP A 772 -17.96 -15.31 4.48
N ILE A 773 -19.04 -15.99 4.08
CA ILE A 773 -19.34 -16.20 2.67
C ILE A 773 -20.30 -15.14 2.19
N ALA A 774 -20.12 -14.69 0.95
CA ALA A 774 -21.00 -13.69 0.39
C ALA A 774 -21.36 -14.00 -1.05
N TYR A 775 -22.65 -14.19 -1.30
CA TYR A 775 -23.15 -14.48 -2.63
C TYR A 775 -24.15 -13.34 -2.88
N ASP A 776 -23.73 -12.36 -3.68
CA ASP A 776 -24.55 -11.18 -3.96
C ASP A 776 -24.46 -10.62 -5.39
N GLY A 777 -23.92 -11.40 -6.32
CA GLY A 777 -23.79 -10.92 -7.70
C GLY A 777 -22.59 -10.01 -7.87
N THR A 778 -21.75 -9.97 -6.85
CA THR A 778 -20.57 -9.12 -6.83
C THR A 778 -19.30 -9.92 -6.60
N ALA A 779 -18.16 -9.31 -6.89
CA ALA A 779 -16.87 -9.95 -6.67
C ALA A 779 -16.05 -9.01 -5.78
N GLU A 780 -15.54 -9.53 -4.69
CA GLU A 780 -14.77 -8.73 -3.76
C GLU A 780 -13.57 -9.56 -3.32
N TYR A 781 -12.38 -9.07 -3.66
CA TYR A 781 -11.14 -9.75 -3.36
C TYR A 781 -10.06 -8.73 -3.03
N LEU A 782 -9.41 -8.89 -1.89
CA LEU A 782 -8.34 -7.97 -1.47
C LEU A 782 -8.75 -6.48 -1.52
N LYS A 783 -9.93 -6.18 -0.98
CA LYS A 783 -10.46 -4.82 -0.94
C LYS A 783 -10.62 -4.15 -2.31
N LEU A 784 -10.87 -4.98 -3.32
CA LEU A 784 -11.11 -4.52 -4.67
C LEU A 784 -12.54 -4.98 -4.95
N TYR A 785 -13.38 -4.07 -5.45
CA TYR A 785 -14.79 -4.38 -5.69
C TYR A 785 -15.16 -4.48 -7.16
N PHE A 786 -15.94 -5.50 -7.49
CA PHE A 786 -16.35 -5.75 -8.87
C PHE A 786 -17.81 -6.13 -9.07
N ILE A 787 -18.42 -5.60 -10.13
CA ILE A 787 -19.78 -5.94 -10.49
C ILE A 787 -19.95 -5.96 -12.02
N PHE A 788 -20.44 -7.08 -12.53
CA PHE A 788 -20.65 -7.23 -13.97
C PHE A 788 -19.42 -6.84 -14.77
N GLY A 789 -18.26 -7.26 -14.27
CA GLY A 789 -17.02 -6.98 -14.96
C GLY A 789 -16.51 -5.56 -14.82
N CYS A 790 -17.14 -4.75 -13.97
CA CYS A 790 -16.70 -3.37 -13.77
C CYS A 790 -16.12 -3.15 -12.38
N ARG A 791 -14.94 -2.56 -12.33
CA ARG A 791 -14.30 -2.29 -11.06
C ARG A 791 -14.92 -1.04 -10.45
N ILE A 792 -15.21 -1.12 -9.15
CA ILE A 792 -15.81 -0.03 -8.41
C ILE A 792 -14.83 0.50 -7.38
N PRO A 793 -14.08 1.56 -7.71
CA PRO A 793 -13.14 2.09 -6.73
C PRO A 793 -13.89 2.50 -5.46
N ASN A 794 -13.27 2.28 -4.30
CA ASN A 794 -13.87 2.63 -3.02
C ASN A 794 -13.13 3.87 -2.50
N LEU A 795 -13.66 5.06 -2.75
CA LEU A 795 -13.01 6.30 -2.35
C LEU A 795 -12.95 6.47 -0.82
N SER A 796 -13.85 5.79 -0.13
CA SER A 796 -13.97 5.78 1.32
C SER A 796 -12.71 5.34 2.05
N ARG A 797 -12.07 4.32 1.48
CA ARG A 797 -10.86 3.75 2.06
C ARG A 797 -9.61 4.55 1.78
N HIS A 798 -9.74 5.63 1.01
CA HIS A 798 -8.58 6.46 0.69
C HIS A 798 -8.76 7.89 1.18
N PRO A 799 -8.98 8.06 2.50
CA PRO A 799 -9.18 9.36 3.12
C PRO A 799 -8.13 10.36 2.67
N ILE A 800 -8.58 11.46 2.08
CA ILE A 800 -7.66 12.48 1.61
C ILE A 800 -6.90 13.12 2.75
N VAL A 801 -7.59 13.40 3.85
CA VAL A 801 -6.96 14.05 5.00
C VAL A 801 -6.48 13.06 6.05
N GLY A 802 -6.86 11.80 5.89
CA GLY A 802 -6.51 10.81 6.88
C GLY A 802 -5.12 10.22 6.87
N LYS A 803 -4.66 9.84 8.05
CA LYS A 803 -3.37 9.19 8.19
C LYS A 803 -3.32 8.42 9.49
N GLU A 804 -3.04 7.12 9.39
CA GLU A 804 -2.95 6.30 10.58
C GLU A 804 -1.79 6.75 11.45
N ARG A 805 -2.00 6.77 12.76
CA ARG A 805 -0.98 7.14 13.73
C ARG A 805 -1.27 6.31 14.98
N ALA A 806 -0.60 5.17 15.10
CA ALA A 806 -0.83 4.32 16.26
C ALA A 806 -0.11 4.88 17.48
N ASN A 807 1.19 5.11 17.35
CA ASN A 807 2.02 5.64 18.43
C ASN A 807 1.74 7.10 18.78
N SER A 808 2.48 7.58 19.78
CA SER A 808 2.35 8.96 20.25
C SER A 808 3.40 9.85 19.59
N SER A 809 4.46 9.24 19.08
CA SER A 809 5.54 9.99 18.43
C SER A 809 4.98 11.06 17.48
N ALA A 810 5.71 12.17 17.37
CA ALA A 810 5.30 13.28 16.53
C ALA A 810 5.44 12.95 15.05
N GLU A 811 4.73 13.69 14.21
CA GLU A 811 4.79 13.47 12.77
C GLU A 811 6.17 13.87 12.25
N GLU A 812 6.56 13.29 11.13
CA GLU A 812 7.86 13.59 10.53
C GLU A 812 7.96 15.07 10.15
N PRO A 813 9.17 15.65 10.26
CA PRO A 813 9.41 17.08 9.94
C PRO A 813 8.94 17.43 8.53
N TRP A 814 8.41 18.65 8.40
CA TRP A 814 7.87 19.16 7.15
C TRP A 814 8.06 18.39 5.86
N PRO A 815 9.20 18.59 5.18
CA PRO A 815 9.43 17.89 3.91
C PRO A 815 8.58 16.63 3.71
N ALA A 816 8.64 15.71 4.66
CA ALA A 816 7.91 14.44 4.57
C ALA A 816 6.47 14.53 4.08
N ILE A 817 5.73 15.55 4.49
CA ILE A 817 4.34 15.71 4.10
C ILE A 817 4.13 15.74 2.59
N LEU A 818 5.11 16.25 1.85
CA LEU A 818 4.98 16.33 0.41
C LEU A 818 4.80 14.96 -0.25
N ASP A 819 5.53 13.94 0.23
CA ASP A 819 5.38 12.62 -0.36
C ASP A 819 3.95 12.13 -0.15
N GLN A 820 3.38 12.47 1.01
CA GLN A 820 2.02 12.09 1.35
C GLN A 820 1.01 12.80 0.46
N ILE A 821 1.27 14.07 0.17
CA ILE A 821 0.38 14.84 -0.68
C ILE A 821 0.44 14.27 -2.10
N MET A 822 1.63 13.86 -2.52
CA MET A 822 1.78 13.28 -3.86
C MET A 822 1.03 11.95 -3.91
N GLY A 823 1.08 11.21 -2.80
CA GLY A 823 0.39 9.94 -2.71
C GLY A 823 -1.12 10.16 -2.81
N VAL A 824 -1.60 11.27 -2.25
CA VAL A 824 -3.01 11.61 -2.31
C VAL A 824 -3.36 11.89 -3.77
N PHE A 825 -2.46 12.54 -4.49
CA PHE A 825 -2.72 12.81 -5.90
C PHE A 825 -2.77 11.50 -6.68
N PHE A 826 -1.76 10.64 -6.50
CA PHE A 826 -1.71 9.38 -7.21
C PHE A 826 -2.92 8.48 -6.92
N ASN A 827 -3.45 8.54 -5.71
CA ASN A 827 -4.63 7.75 -5.38
C ASN A 827 -5.81 8.22 -6.23
N GLY A 828 -5.93 9.53 -6.41
CA GLY A 828 -7.03 10.06 -7.19
C GLY A 828 -6.94 9.59 -8.64
N VAL A 829 -5.70 9.43 -9.13
CA VAL A 829 -5.50 8.97 -10.49
C VAL A 829 -5.93 7.51 -10.60
N HIS A 830 -5.65 6.72 -9.58
CA HIS A 830 -6.01 5.31 -9.58
C HIS A 830 -7.49 5.11 -9.27
N ASP A 831 -8.07 6.06 -8.53
CA ASP A 831 -9.48 5.98 -8.16
C ASP A 831 -10.37 6.59 -9.23
N GLY A 832 -9.74 7.16 -10.24
CA GLY A 832 -10.45 7.76 -11.35
C GLY A 832 -11.29 9.00 -11.11
N LEU A 833 -10.79 9.95 -10.34
CA LEU A 833 -11.54 11.18 -10.11
C LEU A 833 -11.60 12.00 -11.41
N GLN A 834 -12.34 13.11 -11.40
CA GLN A 834 -12.45 13.96 -12.59
C GLN A 834 -11.07 14.59 -12.81
N TRP A 835 -10.34 14.12 -13.81
CA TRP A 835 -8.98 14.60 -14.03
C TRP A 835 -8.72 16.08 -13.86
N GLN A 836 -9.47 16.95 -14.56
CA GLN A 836 -9.21 18.37 -14.40
C GLN A 836 -9.44 18.87 -12.98
N ARG A 837 -10.62 18.62 -12.43
CA ARG A 837 -10.91 19.08 -11.08
C ARG A 837 -9.84 18.58 -10.11
N TRP A 838 -9.45 17.32 -10.27
CA TRP A 838 -8.44 16.71 -9.40
C TRP A 838 -7.05 17.31 -9.56
N ILE A 839 -6.65 17.53 -10.81
CA ILE A 839 -5.35 18.09 -11.09
C ILE A 839 -5.26 19.50 -10.54
N ARG A 840 -6.29 20.30 -10.78
CA ARG A 840 -6.30 21.68 -10.29
C ARG A 840 -6.21 21.72 -8.77
N TYR A 841 -7.04 20.90 -8.12
CA TYR A 841 -7.03 20.86 -6.67
C TYR A 841 -5.65 20.44 -6.14
N SER A 842 -5.04 19.45 -6.79
CA SER A 842 -3.73 18.96 -6.39
C SER A 842 -2.66 20.05 -6.48
N TRP A 843 -2.79 20.93 -7.47
CA TRP A 843 -1.84 22.02 -7.61
C TRP A 843 -2.03 22.97 -6.43
N ALA A 844 -3.28 23.17 -6.03
CA ALA A 844 -3.58 24.05 -4.90
C ALA A 844 -3.02 23.45 -3.62
N LEU A 845 -3.30 22.17 -3.40
CA LEU A 845 -2.84 21.47 -2.22
C LEU A 845 -1.32 21.52 -2.16
N CYS A 846 -0.68 21.13 -3.27
CA CYS A 846 0.79 21.13 -3.34
C CYS A 846 1.36 22.50 -3.02
N CYS A 847 0.80 23.52 -3.67
CA CYS A 847 1.26 24.87 -3.43
C CYS A 847 1.14 25.19 -1.93
N ALA A 848 0.05 24.76 -1.31
CA ALA A 848 -0.19 25.03 0.11
C ALA A 848 0.71 24.27 1.09
N PHE A 849 1.61 23.44 0.58
CA PHE A 849 2.51 22.68 1.43
C PHE A 849 3.95 22.81 0.94
N SER A 850 4.12 23.60 -0.11
CA SER A 850 5.43 23.83 -0.75
C SER A 850 6.38 24.79 -0.06
N ARG A 851 5.96 25.38 1.05
CA ARG A 851 6.78 26.36 1.73
C ARG A 851 6.88 26.08 3.22
N GLN A 852 8.08 26.21 3.77
CA GLN A 852 8.30 25.97 5.20
C GLN A 852 9.24 26.99 5.81
N ARG A 853 8.92 27.42 7.02
CA ARG A 853 9.76 28.37 7.75
C ARG A 853 10.96 27.62 8.33
N THR A 854 12.17 28.13 8.08
CA THR A 854 13.38 27.47 8.59
C THR A 854 14.14 28.32 9.58
N MET A 855 14.86 27.65 10.47
CA MET A 855 15.66 28.30 11.51
C MET A 855 17.09 27.80 11.50
N ILE A 856 18.03 28.73 11.67
CA ILE A 856 19.45 28.41 11.72
C ILE A 856 20.09 29.20 12.87
N GLY A 857 19.23 29.79 13.72
CA GLY A 857 19.70 30.58 14.85
C GLY A 857 19.38 32.03 14.56
N GLU A 858 18.09 32.37 14.66
CA GLU A 858 17.59 33.72 14.39
C GLU A 858 17.72 33.94 12.86
N SER A 859 18.29 32.95 12.19
CA SER A 859 18.46 32.97 10.75
C SER A 859 17.15 32.51 10.15
N VAL A 860 16.11 33.33 10.31
CA VAL A 860 14.78 33.01 9.81
C VAL A 860 14.67 33.18 8.30
N GLY A 861 14.76 32.07 7.59
CA GLY A 861 14.62 32.09 6.14
C GLY A 861 13.41 31.26 5.77
N TYR A 862 13.27 30.92 4.50
CA TYR A 862 12.15 30.12 4.05
C TYR A 862 12.53 29.13 2.97
N LEU A 863 12.05 27.91 3.12
CA LEU A 863 12.29 26.86 2.15
C LEU A 863 11.10 26.84 1.20
N GLN A 864 11.39 26.99 -0.09
CA GLN A 864 10.33 27.02 -1.08
C GLN A 864 10.64 26.07 -2.22
N TYR A 865 9.69 25.18 -2.53
CA TYR A 865 9.86 24.26 -3.64
C TYR A 865 9.20 24.90 -4.87
N PRO A 866 9.95 25.00 -5.98
CA PRO A 866 9.37 25.60 -7.19
C PRO A 866 8.24 24.70 -7.70
N MET A 867 7.34 25.24 -8.49
CA MET A 867 6.24 24.44 -9.04
C MET A 867 6.81 23.25 -9.82
N TRP A 868 7.94 23.49 -10.47
CA TRP A 868 8.62 22.50 -11.27
C TRP A 868 9.03 21.21 -10.52
N SER A 869 9.14 21.29 -9.20
CA SER A 869 9.51 20.10 -8.44
C SER A 869 8.35 19.11 -8.46
N PHE A 870 7.13 19.65 -8.39
CA PHE A 870 5.94 18.81 -8.41
C PHE A 870 5.78 18.15 -9.77
N VAL A 871 6.13 18.87 -10.84
CA VAL A 871 6.03 18.27 -12.16
C VAL A 871 6.96 17.06 -12.15
N TYR A 872 8.18 17.27 -11.69
CA TYR A 872 9.16 16.19 -11.61
C TYR A 872 8.59 15.00 -10.84
N TRP A 873 7.86 15.27 -9.76
CA TRP A 873 7.25 14.22 -8.95
C TRP A 873 6.06 13.54 -9.61
N GLY A 874 5.54 14.12 -10.68
CA GLY A 874 4.43 13.51 -11.39
C GLY A 874 3.20 14.35 -11.63
N LEU A 875 3.17 15.57 -11.08
CA LEU A 875 2.00 16.44 -11.24
C LEU A 875 2.05 17.16 -12.58
N PRO A 876 1.08 16.86 -13.47
CA PRO A 876 1.03 17.49 -14.79
C PRO A 876 0.71 18.97 -14.81
N LEU A 877 1.35 19.68 -15.73
CA LEU A 877 1.15 21.10 -15.91
C LEU A 877 -0.24 21.31 -16.48
N VAL A 878 -0.87 22.42 -16.12
CA VAL A 878 -2.20 22.74 -16.62
C VAL A 878 -2.02 23.54 -17.91
N LYS A 879 -1.12 24.51 -17.87
CA LYS A 879 -0.87 25.35 -19.03
C LYS A 879 0.43 26.11 -18.81
N ALA A 880 1.33 26.02 -19.79
CA ALA A 880 2.63 26.70 -19.71
C ALA A 880 3.18 27.09 -21.07
N PHE A 881 4.05 28.10 -21.07
CA PHE A 881 4.73 28.61 -22.26
C PHE A 881 3.81 29.02 -23.41
N GLY A 882 2.61 29.50 -23.09
CA GLY A 882 1.68 29.92 -24.12
C GLY A 882 0.98 28.75 -24.81
N SER A 883 0.96 27.59 -24.17
CA SER A 883 0.31 26.42 -24.78
C SER A 883 -1.18 26.41 -24.52
N ASP A 884 -1.89 25.47 -25.13
CA ASP A 884 -3.30 25.39 -24.89
C ASP A 884 -3.44 24.80 -23.50
N PRO A 885 -4.61 25.00 -22.87
CA PRO A 885 -4.78 24.46 -21.52
C PRO A 885 -5.18 22.99 -21.51
N TRP A 886 -4.79 22.30 -20.43
CA TRP A 886 -5.10 20.90 -20.20
C TRP A 886 -4.64 19.92 -21.26
N ILE A 887 -3.47 20.18 -21.84
CA ILE A 887 -2.95 19.29 -22.84
C ILE A 887 -2.16 18.16 -22.20
N PHE A 888 -1.86 18.28 -20.91
CA PHE A 888 -1.10 17.25 -20.20
C PHE A 888 -1.98 16.36 -19.33
N SER A 889 -1.85 15.04 -19.53
CA SER A 889 -2.62 14.04 -18.79
C SER A 889 -1.90 13.64 -17.52
N TRP A 890 -2.65 13.14 -16.53
CA TRP A 890 -2.00 12.70 -15.31
C TRP A 890 -1.23 11.40 -15.51
N TYR A 891 -1.24 10.85 -16.73
CA TYR A 891 -0.48 9.64 -16.97
C TYR A 891 0.92 10.04 -17.41
N MET A 892 1.24 11.32 -17.26
CA MET A 892 2.57 11.80 -17.60
C MET A 892 3.53 11.05 -16.68
N PRO A 893 4.62 10.48 -17.23
CA PRO A 893 5.56 9.75 -16.37
C PRO A 893 6.15 10.61 -15.26
N THR A 894 6.96 9.97 -14.42
CA THR A 894 7.62 10.63 -13.31
C THR A 894 9.07 10.89 -13.72
N GLY A 895 9.76 11.76 -12.99
CA GLY A 895 11.17 12.04 -13.27
C GLY A 895 11.58 12.44 -14.68
N ASP A 896 12.82 12.10 -15.05
CA ASP A 896 13.32 12.45 -16.37
C ASP A 896 12.41 12.03 -17.53
N LEU A 897 11.85 10.83 -17.45
CA LEU A 897 11.00 10.38 -18.54
C LEU A 897 9.82 11.33 -18.71
N GLY A 898 9.23 11.74 -17.58
CA GLY A 898 8.11 12.64 -17.60
C GLY A 898 8.52 14.04 -18.04
N MET A 899 9.70 14.49 -17.59
CA MET A 899 10.19 15.82 -17.97
C MET A 899 10.40 15.86 -19.48
N TYR A 900 10.94 14.78 -20.01
CA TYR A 900 11.19 14.65 -21.43
C TYR A 900 9.87 14.74 -22.17
N SER A 901 8.89 13.99 -21.69
CA SER A 901 7.56 13.94 -22.31
C SER A 901 6.86 15.29 -22.45
N TRP A 902 6.65 15.99 -21.33
CA TRP A 902 5.95 17.26 -21.44
C TRP A 902 6.77 18.30 -22.18
N ILE A 903 8.10 18.24 -22.05
CA ILE A 903 8.93 19.20 -22.76
C ILE A 903 8.93 18.99 -24.28
N SER A 904 8.90 17.74 -24.72
CA SER A 904 8.89 17.42 -26.14
C SER A 904 7.55 17.75 -26.80
N LEU A 905 6.47 17.63 -26.04
CA LEU A 905 5.14 17.94 -26.57
C LEU A 905 5.01 19.42 -26.91
N ILE A 906 5.86 20.26 -26.33
CA ILE A 906 5.77 21.68 -26.62
C ILE A 906 7.13 22.31 -26.87
N ARG A 907 8.11 21.50 -27.26
CA ARG A 907 9.45 22.00 -27.55
C ARG A 907 9.37 23.34 -28.31
N PRO A 908 8.68 23.37 -29.46
CA PRO A 908 8.54 24.59 -30.28
C PRO A 908 7.89 25.75 -29.54
N LEU A 909 6.78 25.49 -28.85
CA LEU A 909 6.09 26.51 -28.11
C LEU A 909 7.09 27.14 -27.14
N MET A 910 7.87 26.30 -26.47
CA MET A 910 8.85 26.75 -25.50
C MET A 910 9.92 27.63 -26.14
N THR A 911 10.54 27.13 -27.20
CA THR A 911 11.56 27.87 -27.93
C THR A 911 11.04 29.25 -28.35
N ARG A 912 9.82 29.27 -28.86
CA ARG A 912 9.20 30.51 -29.32
C ARG A 912 8.96 31.44 -28.16
N TRP A 913 8.39 30.89 -27.09
CA TRP A 913 8.11 31.70 -25.92
C TRP A 913 9.40 32.29 -25.36
N MET A 914 10.44 31.47 -25.25
CA MET A 914 11.71 31.93 -24.71
C MET A 914 12.31 33.10 -25.48
N VAL A 915 12.31 32.99 -26.81
CA VAL A 915 12.85 34.06 -27.65
C VAL A 915 12.02 35.32 -27.52
N ALA A 916 10.70 35.19 -27.64
CA ALA A 916 9.82 36.34 -27.55
C ALA A 916 9.87 37.02 -26.19
N ASN A 917 10.62 36.45 -25.24
CA ASN A 917 10.73 37.05 -23.92
C ASN A 917 12.16 37.42 -23.56
N GLY A 918 12.98 37.65 -24.58
CA GLY A 918 14.37 38.05 -24.36
C GLY A 918 15.41 36.95 -24.18
N TYR A 919 14.98 35.71 -24.00
CA TYR A 919 15.92 34.61 -23.82
C TYR A 919 16.42 34.13 -25.19
N VAL A 920 17.27 34.94 -25.80
CA VAL A 920 17.81 34.66 -27.13
C VAL A 920 19.33 34.54 -27.14
N THR A 921 19.86 33.79 -28.10
CA THR A 921 21.30 33.63 -28.24
C THR A 921 21.64 33.35 -29.70
N ASP A 922 22.92 33.43 -30.04
CA ASP A 922 23.38 33.19 -31.40
C ASP A 922 23.69 31.71 -31.59
N ARG A 923 24.01 31.05 -30.48
CA ARG A 923 24.31 29.63 -30.50
C ARG A 923 22.99 28.91 -30.77
N CYS A 924 22.98 28.00 -31.74
CA CYS A 924 21.75 27.30 -32.05
C CYS A 924 21.67 25.97 -31.30
N SER A 925 20.82 25.93 -30.28
CA SER A 925 20.63 24.73 -29.48
C SER A 925 19.97 23.63 -30.29
N THR A 926 20.43 22.42 -30.05
CA THR A 926 19.91 21.25 -30.73
C THR A 926 18.47 20.95 -30.34
N VAL A 927 18.11 21.30 -29.10
CA VAL A 927 16.76 21.06 -28.61
C VAL A 927 15.91 22.31 -28.75
N PHE A 928 16.42 23.43 -28.23
CA PHE A 928 15.69 24.68 -28.21
C PHE A 928 16.11 25.76 -29.19
N GLY A 929 16.76 25.35 -30.29
CA GLY A 929 17.18 26.31 -31.28
C GLY A 929 17.93 27.51 -30.72
N ASN A 930 17.55 28.71 -31.13
CA ASN A 930 18.24 29.90 -30.68
C ASN A 930 17.69 30.51 -29.39
N ALA A 931 17.12 29.66 -28.55
CA ALA A 931 16.57 30.12 -27.27
C ALA A 931 17.63 29.95 -26.19
N ASP A 932 17.80 30.98 -25.37
CA ASP A 932 18.77 30.95 -24.30
C ASP A 932 18.18 30.15 -23.15
N TYR A 933 17.95 28.86 -23.41
CA TYR A 933 17.33 27.97 -22.41
C TYR A 933 18.00 27.95 -21.04
N ARG A 934 19.33 28.02 -21.02
CA ARG A 934 20.06 27.99 -19.75
C ARG A 934 19.67 29.17 -18.85
N ARG A 935 19.62 30.36 -19.42
CA ARG A 935 19.24 31.52 -18.63
C ARG A 935 17.77 31.42 -18.23
N CYS A 936 16.92 31.02 -19.17
CA CYS A 936 15.49 30.90 -18.88
C CYS A 936 15.20 29.92 -17.75
N PHE A 937 15.71 28.69 -17.86
CA PHE A 937 15.44 27.69 -16.82
C PHE A 937 16.00 27.98 -15.43
N ASN A 938 17.01 28.84 -15.34
CA ASN A 938 17.58 29.18 -14.04
C ASN A 938 16.71 30.25 -13.40
N GLU A 939 16.23 31.16 -14.24
CA GLU A 939 15.37 32.25 -13.79
C GLU A 939 13.98 31.77 -13.42
N LEU A 940 13.40 30.85 -14.19
CA LEU A 940 12.07 30.34 -13.85
C LEU A 940 12.11 29.36 -12.68
N LYS A 941 13.32 28.93 -12.30
CA LYS A 941 13.55 27.97 -11.23
C LYS A 941 13.21 26.55 -11.64
N LEU A 942 13.18 26.31 -12.95
CA LEU A 942 12.88 24.99 -13.50
C LEU A 942 14.06 24.05 -13.22
N TYR A 943 15.28 24.55 -13.30
CA TYR A 943 16.42 23.70 -12.99
C TYR A 943 16.40 23.48 -11.49
N GLN A 944 16.26 24.57 -10.75
CA GLN A 944 16.23 24.49 -9.31
C GLN A 944 15.21 23.46 -8.83
N GLY A 945 13.97 23.62 -9.24
CA GLY A 945 12.94 22.70 -8.81
C GLY A 945 13.26 21.28 -9.25
N TYR A 946 13.79 21.17 -10.45
CA TYR A 946 14.17 19.89 -11.02
C TYR A 946 15.15 19.13 -10.13
N TYR A 947 16.16 19.84 -9.63
CA TYR A 947 17.18 19.26 -8.78
C TYR A 947 16.74 19.13 -7.32
N MET A 948 15.94 20.09 -6.86
CA MET A 948 15.46 20.04 -5.48
C MET A 948 14.59 18.82 -5.24
N ALA A 949 13.84 18.44 -6.28
CA ALA A 949 12.94 17.29 -6.21
C ALA A 949 13.68 15.99 -5.97
N GLN A 950 14.95 15.96 -6.36
CA GLN A 950 15.78 14.77 -6.21
C GLN A 950 16.58 14.70 -4.93
N LEU A 951 16.33 15.63 -4.00
CA LEU A 951 17.05 15.63 -2.75
C LEU A 951 16.20 15.04 -1.62
N PRO A 952 16.85 14.37 -0.65
CA PRO A 952 16.25 13.72 0.51
C PRO A 952 15.23 14.60 1.21
N ARG A 953 14.02 14.07 1.42
CA ARG A 953 12.97 14.84 2.08
C ARG A 953 12.90 14.51 3.56
N ASN A 954 13.99 13.97 4.09
CA ASN A 954 14.08 13.66 5.51
C ASN A 954 15.55 13.68 5.94
N PRO A 955 15.81 14.02 7.22
CA PRO A 955 17.15 14.10 7.80
C PRO A 955 17.96 12.83 7.62
N LYS A 956 19.26 12.97 7.53
CA LYS A 956 20.14 11.82 7.39
C LYS A 956 20.93 11.64 8.69
N LYS A 957 21.22 10.40 9.05
CA LYS A 957 21.98 10.12 10.27
C LYS A 957 23.39 9.67 9.93
N SER A 958 23.65 9.42 8.65
CA SER A 958 24.99 9.02 8.23
C SER A 958 25.88 10.22 8.59
N GLY A 959 27.15 9.97 8.88
CA GLY A 959 28.02 11.08 9.22
C GLY A 959 28.07 11.30 10.73
N ARG A 960 27.27 10.55 11.47
CA ARG A 960 27.30 10.68 12.92
C ARG A 960 28.63 10.07 13.32
N ALA A 961 29.36 10.72 14.22
CA ALA A 961 30.65 10.21 14.67
C ALA A 961 30.52 8.75 15.09
N ALA A 962 31.20 7.88 14.36
CA ALA A 962 31.18 6.44 14.63
C ALA A 962 32.57 5.93 14.98
N SER A 963 32.79 5.67 16.27
CA SER A 963 34.07 5.16 16.74
C SER A 963 34.51 3.90 15.98
N ARG A 964 35.35 4.14 14.97
CA ARG A 964 35.87 3.11 14.08
C ARG A 964 35.95 1.67 14.59
N GLU A 965 36.46 1.48 15.80
CA GLU A 965 36.61 0.13 16.35
C GLU A 965 35.29 -0.62 16.57
N VAL A 966 34.34 0.01 17.27
CA VAL A 966 33.07 -0.64 17.51
C VAL A 966 32.28 -0.71 16.22
N ARG A 967 32.58 0.24 15.33
CA ARG A 967 31.94 0.31 14.03
C ARG A 967 32.35 -0.91 13.21
N GLU A 968 33.61 -1.33 13.35
CA GLU A 968 34.11 -2.50 12.62
C GLU A 968 33.66 -3.82 13.27
N GLN A 969 33.51 -3.80 14.59
CA GLN A 969 33.06 -4.99 15.32
C GLN A 969 31.66 -5.34 14.86
N PHE A 970 30.83 -4.31 14.77
CA PHE A 970 29.43 -4.42 14.36
C PHE A 970 29.28 -4.99 12.96
N THR A 971 29.91 -4.32 11.98
CA THR A 971 29.85 -4.75 10.60
C THR A 971 30.48 -6.12 10.41
N GLN A 972 31.33 -6.50 11.36
CA GLN A 972 31.98 -7.81 11.33
C GLN A 972 30.96 -8.84 11.78
N ALA A 973 30.21 -8.49 12.82
CA ALA A 973 29.19 -9.37 13.34
C ALA A 973 28.18 -9.60 12.23
N LEU A 974 27.73 -8.52 11.59
CA LEU A 974 26.79 -8.65 10.50
C LEU A 974 27.35 -9.58 9.45
N SER A 975 28.61 -9.38 9.08
CA SER A 975 29.25 -10.23 8.08
C SER A 975 29.24 -11.71 8.46
N ASP A 976 29.56 -12.02 9.72
CA ASP A 976 29.59 -13.42 10.18
C ASP A 976 28.21 -14.05 10.13
N TYR A 977 27.20 -13.24 10.43
CA TYR A 977 25.82 -13.71 10.43
C TYR A 977 25.49 -14.16 9.02
N LEU A 978 25.82 -13.32 8.05
CA LEU A 978 25.55 -13.59 6.66
C LEU A 978 26.48 -14.65 6.08
N MET A 979 27.78 -14.49 6.32
CA MET A 979 28.78 -15.42 5.80
C MET A 979 29.05 -16.62 6.69
N GLN A 980 28.03 -17.02 7.44
CA GLN A 980 28.16 -18.19 8.31
C GLN A 980 28.86 -19.31 7.54
N ASN A 981 28.20 -19.76 6.48
CA ASN A 981 28.68 -20.85 5.64
C ASN A 981 29.89 -20.47 4.77
N PRO A 982 31.06 -21.06 5.06
CA PRO A 982 32.30 -20.79 4.30
C PRO A 982 32.13 -20.96 2.79
N GLU A 983 31.24 -21.87 2.38
CA GLU A 983 31.01 -22.15 0.97
C GLU A 983 30.51 -20.90 0.26
N LEU A 984 29.60 -20.20 0.90
CA LEU A 984 29.03 -18.97 0.34
C LEU A 984 30.15 -17.96 0.17
N LYS A 985 30.89 -17.72 1.24
CA LYS A 985 31.99 -16.77 1.25
C LYS A 985 33.00 -17.08 0.15
N SER A 986 33.38 -18.35 0.07
CA SER A 986 34.33 -18.78 -0.94
C SER A 986 33.82 -18.39 -2.33
N ARG A 987 32.50 -18.46 -2.50
CA ARG A 987 31.88 -18.10 -3.77
C ARG A 987 32.08 -16.62 -4.10
N VAL A 988 31.91 -15.75 -3.10
CA VAL A 988 32.05 -14.32 -3.33
C VAL A 988 33.50 -13.94 -3.61
N LEU A 989 34.42 -14.52 -2.86
CA LEU A 989 35.84 -14.25 -3.04
C LEU A 989 36.23 -14.59 -4.47
N ARG A 990 35.63 -15.65 -5.00
CA ARG A 990 35.92 -16.07 -6.37
C ARG A 990 35.42 -14.97 -7.31
N GLY A 991 34.16 -14.59 -7.14
CA GLY A 991 33.61 -13.54 -7.99
C GLY A 991 34.50 -12.33 -7.93
N ARG A 992 35.02 -12.04 -6.74
CA ARG A 992 35.88 -10.89 -6.55
C ARG A 992 37.12 -10.87 -7.43
N SER A 993 38.02 -11.82 -7.25
CA SER A 993 39.22 -11.84 -8.07
C SER A 993 38.87 -11.99 -9.54
N GLU A 994 37.76 -12.67 -9.83
CA GLU A 994 37.33 -12.84 -11.21
C GLU A 994 36.88 -11.48 -11.75
N TRP A 995 36.32 -10.66 -10.87
CA TRP A 995 35.84 -9.36 -11.27
C TRP A 995 36.99 -8.44 -11.66
N GLU A 996 38.05 -8.42 -10.85
CA GLU A 996 39.20 -7.57 -11.14
C GLU A 996 39.78 -7.81 -12.54
N LYS A 997 39.58 -9.02 -13.05
CA LYS A 997 40.10 -9.38 -14.36
C LYS A 997 39.15 -9.05 -15.51
N TYR A 998 37.88 -9.46 -15.39
CA TYR A 998 36.93 -9.24 -16.48
C TYR A 998 35.86 -8.15 -16.35
N GLY A 999 35.52 -7.75 -15.14
CA GLY A 999 34.50 -6.74 -14.98
C GLY A 999 34.95 -5.40 -14.45
N ALA A 1000 35.97 -5.40 -13.59
CA ALA A 1000 36.47 -4.17 -13.00
C ALA A 1000 36.77 -3.15 -14.11
N GLY A 1001 36.23 -1.95 -13.96
CA GLY A 1001 36.47 -0.93 -14.95
C GLY A 1001 35.30 -0.70 -15.89
N ILE A 1002 34.63 -1.78 -16.30
CA ILE A 1002 33.49 -1.66 -17.20
C ILE A 1002 32.35 -0.92 -16.48
N ILE A 1003 31.89 -1.45 -15.34
CA ILE A 1003 30.86 -0.75 -14.57
C ILE A 1003 31.44 -0.51 -13.19
N HIS A 1004 30.81 0.38 -12.43
CA HIS A 1004 31.28 0.72 -11.10
C HIS A 1004 30.26 0.41 -10.01
N ASN A 1005 29.13 -0.16 -10.40
CA ASN A 1005 28.06 -0.53 -9.47
C ASN A 1005 28.00 -2.02 -9.13
N PRO A 1006 29.13 -2.76 -9.22
CA PRO A 1006 29.02 -4.18 -8.89
C PRO A 1006 28.32 -4.52 -7.58
N PRO A 1007 27.10 -5.09 -7.64
CA PRO A 1007 26.37 -5.47 -6.42
C PRO A 1007 27.16 -6.64 -5.84
N SER A 1008 27.29 -6.69 -4.53
CA SER A 1008 28.04 -7.76 -3.92
C SER A 1008 27.51 -8.12 -2.54
N LEU A 1009 27.60 -9.40 -2.17
CA LEU A 1009 27.15 -9.82 -0.85
C LEU A 1009 27.98 -9.07 0.17
N PHE A 1010 29.24 -8.77 -0.18
CA PHE A 1010 30.12 -8.05 0.73
C PHE A 1010 29.63 -6.64 1.08
N ASP A 1011 28.64 -6.15 0.36
CA ASP A 1011 28.10 -4.82 0.62
C ASP A 1011 27.00 -4.88 1.69
N VAL A 1012 26.27 -5.99 1.68
CA VAL A 1012 25.16 -6.17 2.62
C VAL A 1012 25.43 -5.75 4.05
N PRO A 1013 26.59 -6.12 4.61
CA PRO A 1013 26.82 -5.69 5.98
C PRO A 1013 26.77 -4.16 6.08
N HIS A 1014 27.34 -3.49 5.09
CA HIS A 1014 27.37 -2.03 5.05
C HIS A 1014 25.98 -1.45 4.82
N LYS A 1015 25.20 -2.06 3.93
CA LYS A 1015 23.87 -1.57 3.69
C LYS A 1015 23.01 -1.78 4.94
N TRP A 1016 23.25 -2.89 5.64
CA TRP A 1016 22.51 -3.19 6.86
C TRP A 1016 22.80 -2.16 7.94
N TYR A 1017 24.07 -1.81 8.08
CA TYR A 1017 24.50 -0.81 9.06
C TYR A 1017 23.80 0.52 8.75
N GLN A 1018 23.86 0.94 7.49
CA GLN A 1018 23.22 2.18 7.08
C GLN A 1018 21.73 2.15 7.45
N GLY A 1019 21.08 1.03 7.16
CA GLY A 1019 19.68 0.90 7.49
C GLY A 1019 19.37 1.07 8.97
N ALA A 1020 20.19 0.48 9.83
CA ALA A 1020 19.99 0.60 11.27
C ALA A 1020 20.24 2.05 11.68
N GLN A 1021 21.15 2.72 10.98
CA GLN A 1021 21.45 4.12 11.25
C GLN A 1021 20.24 4.98 10.91
N GLU A 1022 19.88 4.98 9.63
CA GLU A 1022 18.77 5.79 9.16
C GLU A 1022 17.44 5.50 9.84
N ALA A 1023 17.43 4.52 10.75
CA ALA A 1023 16.20 4.17 11.45
C ALA A 1023 16.04 4.95 12.76
N ALA A 1024 17.18 5.36 13.32
CA ALA A 1024 17.20 6.13 14.56
C ALA A 1024 16.59 7.53 14.41
N ILE A 1025 16.22 8.14 15.54
CA ILE A 1025 15.66 9.49 15.55
C ILE A 1025 16.72 10.51 15.11
N ALA A 1026 16.32 11.47 14.28
CA ALA A 1026 17.25 12.49 13.81
C ALA A 1026 17.35 13.62 14.84
N THR A 1027 18.44 14.39 14.75
CA THR A 1027 18.68 15.52 15.65
C THR A 1027 18.24 16.81 14.96
N ARG A 1028 18.06 17.89 15.71
CA ARG A 1028 17.64 19.15 15.10
C ARG A 1028 18.74 19.68 14.18
N GLU A 1029 19.96 19.24 14.43
CA GLU A 1029 21.11 19.65 13.62
C GLU A 1029 21.04 18.95 12.28
N GLU A 1030 20.85 17.63 12.30
CA GLU A 1030 20.75 16.87 11.07
C GLU A 1030 19.61 17.40 10.24
N LEU A 1031 18.61 17.97 10.91
CA LEU A 1031 17.44 18.55 10.26
C LEU A 1031 17.87 19.81 9.52
N ALA A 1032 18.62 20.67 10.21
CA ALA A 1032 19.11 21.90 9.61
C ALA A 1032 19.93 21.52 8.38
N GLU A 1033 20.80 20.52 8.54
CA GLU A 1033 21.64 20.09 7.44
C GLU A 1033 20.78 19.72 6.23
N MET A 1034 19.66 19.04 6.47
CA MET A 1034 18.77 18.65 5.37
C MET A 1034 18.22 19.90 4.68
N ASP A 1035 17.85 20.90 5.47
CA ASP A 1035 17.31 22.12 4.90
C ASP A 1035 18.36 22.87 4.08
N GLU A 1036 19.53 23.03 4.67
CA GLU A 1036 20.64 23.72 4.02
C GLU A 1036 20.90 23.11 2.64
N THR A 1037 20.80 21.78 2.55
CA THR A 1037 21.02 21.06 1.31
C THR A 1037 20.01 21.49 0.24
N LEU A 1038 18.74 21.49 0.63
CA LEU A 1038 17.66 21.91 -0.25
C LEU A 1038 17.81 23.38 -0.62
N MET A 1039 18.23 24.17 0.36
CA MET A 1039 18.41 25.60 0.14
C MET A 1039 19.63 25.94 -0.71
N ARG A 1040 20.63 25.07 -0.70
CA ARG A 1040 21.83 25.30 -1.46
C ARG A 1040 21.53 24.99 -2.91
N ALA A 1041 20.72 23.96 -3.13
CA ALA A 1041 20.35 23.57 -4.47
C ALA A 1041 19.51 24.67 -5.10
N ARG A 1042 18.71 25.35 -4.28
CA ARG A 1042 17.85 26.44 -4.77
C ARG A 1042 18.65 27.69 -5.14
N ARG A 1043 19.78 27.89 -4.47
CA ARG A 1043 20.64 29.03 -4.74
C ARG A 1043 21.49 28.81 -5.99
N HIS A 1044 22.06 27.61 -6.07
CA HIS A 1044 22.93 27.23 -7.17
C HIS A 1044 22.23 27.45 -8.52
N SER A 1045 23.01 27.69 -9.56
CA SER A 1045 22.47 27.89 -10.90
C SER A 1045 23.01 26.73 -11.73
N TYR A 1046 22.25 26.24 -12.70
CA TYR A 1046 22.70 25.09 -13.50
C TYR A 1046 22.81 25.39 -15.00
N SER A 1047 23.38 24.46 -15.74
CA SER A 1047 23.53 24.64 -17.17
C SER A 1047 22.96 23.46 -17.98
N SER A 1048 22.36 22.49 -17.30
CA SER A 1048 21.78 21.35 -17.97
C SER A 1048 20.97 20.47 -17.03
N PHE A 1049 20.29 19.48 -17.59
CA PHE A 1049 19.52 18.53 -16.81
C PHE A 1049 20.48 17.36 -16.58
N SER A 1050 19.94 16.21 -16.18
CA SER A 1050 20.76 15.03 -15.96
C SER A 1050 21.33 14.54 -17.29
N LYS A 1051 22.40 13.74 -17.23
CA LYS A 1051 22.99 13.22 -18.46
C LYS A 1051 22.00 12.39 -19.27
N LEU A 1052 21.08 11.72 -18.59
CA LEU A 1052 20.09 10.89 -19.26
C LEU A 1052 19.00 11.73 -19.91
N LEU A 1053 18.54 12.78 -19.22
CA LEU A 1053 17.51 13.66 -19.78
C LEU A 1053 18.04 14.47 -20.99
N GLU A 1054 19.31 14.86 -20.95
CA GLU A 1054 19.88 15.59 -22.08
C GLU A 1054 19.98 14.64 -23.27
N ALA A 1055 20.20 13.36 -23.00
CA ALA A 1055 20.29 12.38 -24.06
C ALA A 1055 18.91 12.09 -24.68
N TYR A 1056 17.86 12.00 -23.86
CA TYR A 1056 16.52 11.72 -24.41
C TYR A 1056 16.04 12.89 -25.28
N LEU A 1057 16.38 14.10 -24.86
CA LEU A 1057 15.97 15.32 -25.57
C LEU A 1057 16.49 15.41 -27.01
N LEU A 1058 17.51 14.64 -27.34
CA LEU A 1058 18.06 14.64 -28.69
C LEU A 1058 17.12 13.89 -29.64
N VAL A 1059 16.19 13.14 -29.06
CA VAL A 1059 15.21 12.34 -29.82
C VAL A 1059 13.89 13.06 -30.04
N LYS A 1060 13.47 13.15 -31.30
CA LYS A 1060 12.22 13.80 -31.68
C LYS A 1060 11.25 12.82 -32.35
N TRP A 1061 9.95 13.11 -32.24
CA TRP A 1061 8.93 12.23 -32.80
C TRP A 1061 7.87 13.00 -33.58
N ARG A 1062 6.96 12.23 -34.16
CA ARG A 1062 5.83 12.79 -34.88
C ARG A 1062 4.63 12.01 -34.37
N MET A 1063 3.71 12.74 -33.74
CA MET A 1063 2.48 12.15 -33.20
C MET A 1063 1.52 12.06 -34.39
N CYS A 1064 0.89 10.91 -34.57
CA CYS A 1064 0.01 10.77 -35.72
C CYS A 1064 -1.42 10.37 -35.43
N GLU A 1065 -1.94 9.47 -36.25
CA GLU A 1065 -3.32 9.01 -36.16
C GLU A 1065 -3.70 8.41 -34.81
N ALA A 1066 -4.88 8.78 -34.32
CA ALA A 1066 -5.37 8.23 -33.07
C ALA A 1066 -5.53 6.73 -33.26
N ARG A 1067 -5.26 5.96 -32.21
CA ARG A 1067 -5.39 4.52 -32.29
C ARG A 1067 -6.88 4.15 -32.34
N GLU A 1068 -7.16 2.95 -32.82
CA GLU A 1068 -8.53 2.48 -32.88
C GLU A 1068 -8.83 1.94 -31.48
N PRO A 1069 -10.12 1.83 -31.13
CA PRO A 1069 -10.50 1.31 -29.81
C PRO A 1069 -9.98 -0.11 -29.55
N SER A 1070 -9.47 -0.33 -28.35
CA SER A 1070 -8.94 -1.64 -27.96
C SER A 1070 -10.05 -2.40 -27.25
N VAL A 1071 -11.05 -1.65 -26.79
CA VAL A 1071 -12.22 -2.23 -26.14
C VAL A 1071 -13.43 -1.35 -26.47
N ASP A 1072 -14.61 -1.95 -26.37
CA ASP A 1072 -15.86 -1.27 -26.68
C ASP A 1072 -16.13 -0.05 -25.79
N LEU A 1073 -16.44 1.08 -26.43
CA LEU A 1073 -16.71 2.34 -25.75
C LEU A 1073 -18.00 2.44 -24.94
N ARG A 1074 -18.82 1.38 -24.92
CA ARG A 1074 -20.05 1.38 -24.14
C ARG A 1074 -19.81 0.50 -22.92
N LEU A 1075 -18.57 0.04 -22.78
CA LEU A 1075 -18.18 -0.87 -21.72
C LEU A 1075 -17.68 -0.26 -20.41
N PRO A 1076 -18.43 -0.43 -19.31
CA PRO A 1076 -18.03 0.11 -18.01
C PRO A 1076 -16.87 -0.72 -17.43
N LEU A 1077 -15.66 -0.18 -17.45
CA LEU A 1077 -14.50 -0.91 -16.91
C LEU A 1077 -14.14 -0.50 -15.49
N CYS A 1078 -14.26 0.78 -15.21
CA CYS A 1078 -13.95 1.34 -13.89
C CYS A 1078 -14.91 2.50 -13.64
N ALA A 1079 -15.72 2.38 -12.59
CA ALA A 1079 -16.67 3.44 -12.30
C ALA A 1079 -15.92 4.75 -12.16
N GLY A 1080 -16.49 5.81 -12.70
CA GLY A 1080 -15.84 7.11 -12.64
C GLY A 1080 -15.06 7.33 -13.92
N ILE A 1081 -14.62 6.23 -14.52
CA ILE A 1081 -13.89 6.31 -15.77
C ILE A 1081 -14.91 6.08 -16.87
N ASP A 1082 -15.60 7.13 -17.26
CA ASP A 1082 -16.64 7.06 -18.29
C ASP A 1082 -16.53 8.28 -19.21
N PRO A 1083 -17.45 8.39 -20.18
CA PRO A 1083 -17.42 9.52 -21.11
C PRO A 1083 -17.49 10.90 -20.44
N LEU A 1084 -17.70 10.93 -19.14
CA LEU A 1084 -17.75 12.20 -18.41
C LEU A 1084 -16.37 12.57 -17.85
N ASN A 1085 -15.42 11.64 -18.00
CA ASN A 1085 -14.05 11.81 -17.52
C ASN A 1085 -13.13 11.54 -18.71
N SER A 1086 -13.27 12.39 -19.73
CA SER A 1086 -12.57 12.30 -21.02
C SER A 1086 -11.15 11.72 -21.12
N ASP A 1087 -10.16 12.34 -20.51
CA ASP A 1087 -8.81 11.81 -20.62
C ASP A 1087 -8.69 10.36 -20.11
N PRO A 1088 -9.03 10.10 -18.83
CA PRO A 1088 -8.94 8.73 -18.30
C PRO A 1088 -9.71 7.72 -19.16
N PHE A 1089 -10.91 8.11 -19.58
CA PHE A 1089 -11.77 7.26 -20.40
C PHE A 1089 -11.17 6.96 -21.78
N LEU A 1090 -10.67 8.01 -22.44
CA LEU A 1090 -10.07 7.88 -23.76
C LEU A 1090 -8.79 7.09 -23.70
N LYS A 1091 -8.05 7.21 -22.59
CA LYS A 1091 -6.80 6.47 -22.44
C LYS A 1091 -7.12 5.00 -22.23
N MET A 1092 -8.12 4.74 -21.38
CA MET A 1092 -8.55 3.38 -21.10
C MET A 1092 -9.00 2.67 -22.39
N VAL A 1093 -9.84 3.35 -23.16
CA VAL A 1093 -10.36 2.79 -24.39
C VAL A 1093 -9.37 2.58 -25.52
N SER A 1094 -8.51 3.56 -25.75
CA SER A 1094 -7.55 3.44 -26.84
C SER A 1094 -6.34 2.59 -26.52
N VAL A 1095 -5.82 2.73 -25.31
CA VAL A 1095 -4.64 1.98 -24.88
C VAL A 1095 -5.04 0.58 -24.45
N GLY A 1096 -6.20 0.49 -23.80
CA GLY A 1096 -6.71 -0.79 -23.35
C GLY A 1096 -6.32 -1.13 -21.93
N PRO A 1097 -7.16 -1.89 -21.21
CA PRO A 1097 -6.84 -2.25 -19.82
C PRO A 1097 -5.75 -3.32 -19.73
N MET A 1098 -5.03 -3.30 -18.61
CA MET A 1098 -3.99 -4.28 -18.33
C MET A 1098 -4.75 -5.57 -17.93
N LEU A 1099 -4.74 -6.58 -18.79
CA LEU A 1099 -5.46 -7.81 -18.48
C LEU A 1099 -4.65 -8.96 -17.90
N GLN A 1100 -3.45 -8.64 -17.40
CA GLN A 1100 -2.63 -9.65 -16.76
C GLN A 1100 -2.15 -9.15 -15.41
N SER A 1101 -1.89 -10.07 -14.50
CA SER A 1101 -1.38 -9.71 -13.19
C SER A 1101 -0.06 -8.99 -13.36
N THR A 1102 0.10 -7.84 -12.72
CA THR A 1102 1.34 -7.09 -12.82
C THR A 1102 2.50 -7.76 -12.11
N ARG A 1103 2.21 -8.68 -11.20
CA ARG A 1103 3.26 -9.38 -10.48
C ARG A 1103 3.83 -10.47 -11.40
N LYS A 1104 2.95 -11.14 -12.14
CA LYS A 1104 3.38 -12.19 -13.04
C LYS A 1104 4.14 -11.57 -14.21
N TYR A 1105 3.56 -10.53 -14.79
CA TYR A 1105 4.17 -9.85 -15.92
C TYR A 1105 5.60 -9.41 -15.60
N PHE A 1106 5.76 -8.68 -14.50
CA PHE A 1106 7.08 -8.18 -14.12
C PHE A 1106 8.04 -9.24 -13.63
N ALA A 1107 7.53 -10.39 -13.20
CA ALA A 1107 8.41 -11.44 -12.74
C ALA A 1107 9.18 -11.98 -13.96
N GLN A 1108 8.69 -11.64 -15.16
CA GLN A 1108 9.33 -12.06 -16.39
C GLN A 1108 10.32 -11.03 -16.93
N THR A 1109 10.64 -10.01 -16.13
CA THR A 1109 11.59 -8.98 -16.56
C THR A 1109 12.89 -8.99 -15.73
N LEU A 1110 13.13 -10.09 -15.02
CA LEU A 1110 14.32 -10.25 -14.19
C LEU A 1110 14.91 -11.64 -14.37
N PHE A 1111 16.23 -11.77 -14.26
CA PHE A 1111 16.86 -13.07 -14.40
C PHE A 1111 16.80 -13.80 -13.06
N MET A 1112 16.76 -13.03 -11.97
CA MET A 1112 16.68 -13.60 -10.62
C MET A 1112 15.56 -12.90 -9.86
N ALA A 1113 14.69 -13.69 -9.24
CA ALA A 1113 13.55 -13.18 -8.49
C ALA A 1113 13.89 -12.68 -7.10
N LYS A 1114 14.77 -13.40 -6.41
CA LYS A 1114 15.17 -13.00 -5.08
C LYS A 1114 16.68 -12.94 -4.90
N THR A 1115 17.08 -12.30 -3.81
CA THR A 1115 18.48 -12.17 -3.46
C THR A 1115 18.49 -11.82 -1.97
N VAL A 1116 19.67 -11.78 -1.36
CA VAL A 1116 19.74 -11.48 0.05
C VAL A 1116 19.11 -10.12 0.31
N SER A 1117 18.29 -10.04 1.36
CA SER A 1117 17.65 -8.77 1.70
C SER A 1117 18.80 -7.82 1.98
N GLY A 1118 18.79 -6.69 1.27
CA GLY A 1118 19.86 -5.71 1.43
C GLY A 1118 20.36 -5.35 0.04
N LEU A 1119 20.33 -6.33 -0.87
CA LEU A 1119 20.74 -6.10 -2.24
C LEU A 1119 19.47 -5.85 -3.05
N ASP A 1120 19.62 -5.20 -4.19
CA ASP A 1120 18.46 -4.88 -5.03
C ASP A 1120 18.43 -5.77 -6.26
N VAL A 1121 17.38 -6.57 -6.36
CA VAL A 1121 17.22 -7.47 -7.50
C VAL A 1121 17.26 -6.66 -8.80
N ASN A 1122 16.61 -5.51 -8.82
CA ASN A 1122 16.60 -4.68 -10.02
C ASN A 1122 17.99 -4.13 -10.29
N ALA A 1123 18.77 -3.97 -9.23
CA ALA A 1123 20.12 -3.47 -9.37
C ALA A 1123 20.98 -4.55 -10.00
N ILE A 1124 20.86 -5.77 -9.51
CA ILE A 1124 21.64 -6.88 -10.05
C ILE A 1124 21.32 -7.10 -11.52
N ASP A 1125 20.06 -6.97 -11.86
CA ASP A 1125 19.60 -7.16 -13.23
C ASP A 1125 20.17 -6.06 -14.14
N SER A 1126 20.28 -4.86 -13.58
CA SER A 1126 20.78 -3.71 -14.33
C SER A 1126 22.29 -3.81 -14.59
N ALA A 1127 23.02 -4.33 -13.61
CA ALA A 1127 24.45 -4.48 -13.73
C ALA A 1127 24.79 -5.50 -14.81
N LEU A 1128 24.07 -6.61 -14.80
CA LEU A 1128 24.29 -7.68 -15.76
C LEU A 1128 24.03 -7.19 -17.18
N LEU A 1129 22.90 -6.51 -17.37
CA LEU A 1129 22.56 -6.03 -18.69
C LEU A 1129 23.53 -4.91 -19.12
N ARG A 1130 23.92 -4.07 -18.18
CA ARG A 1130 24.84 -3.00 -18.50
C ARG A 1130 26.19 -3.59 -18.96
N LEU A 1131 26.72 -4.54 -18.19
CA LEU A 1131 27.98 -5.20 -18.55
C LEU A 1131 27.86 -5.74 -19.97
N ARG A 1132 26.73 -6.39 -20.26
CA ARG A 1132 26.52 -6.94 -21.60
C ARG A 1132 26.53 -5.83 -22.63
N THR A 1133 25.79 -4.76 -22.35
CA THR A 1133 25.69 -3.64 -23.28
C THR A 1133 27.02 -2.92 -23.45
N LEU A 1134 27.86 -2.97 -22.43
CA LEU A 1134 29.15 -2.30 -22.50
C LEU A 1134 30.24 -3.16 -23.12
N GLY A 1135 29.84 -4.24 -23.78
CA GLY A 1135 30.79 -5.13 -24.43
C GLY A 1135 31.54 -6.10 -23.52
N ALA A 1136 31.20 -6.14 -22.24
CA ALA A 1136 31.88 -7.05 -21.31
C ALA A 1136 31.79 -8.50 -21.75
N ASP A 1137 32.79 -9.28 -21.34
CA ASP A 1137 32.84 -10.70 -21.68
C ASP A 1137 32.01 -11.51 -20.69
N LYS A 1138 31.48 -12.64 -21.16
CA LYS A 1138 30.67 -13.51 -20.33
C LYS A 1138 31.28 -13.72 -18.94
N LYS A 1139 32.57 -14.00 -18.90
CA LYS A 1139 33.23 -14.22 -17.61
C LYS A 1139 32.97 -13.10 -16.62
N ALA A 1140 32.63 -11.93 -17.13
CA ALA A 1140 32.34 -10.77 -16.28
C ALA A 1140 30.95 -10.90 -15.67
N LEU A 1141 30.00 -11.46 -16.41
CA LEU A 1141 28.66 -11.62 -15.86
C LEU A 1141 28.75 -12.80 -14.89
N THR A 1142 29.58 -13.78 -15.23
CA THR A 1142 29.73 -14.92 -14.35
C THR A 1142 30.34 -14.43 -13.05
N ALA A 1143 31.21 -13.43 -13.15
CA ALA A 1143 31.83 -12.89 -11.94
C ALA A 1143 30.78 -12.16 -11.09
N GLN A 1144 29.97 -11.34 -11.76
CA GLN A 1144 28.92 -10.58 -11.07
C GLN A 1144 28.00 -11.53 -10.30
N LEU A 1145 27.62 -12.62 -10.95
CA LEU A 1145 26.74 -13.60 -10.34
C LEU A 1145 27.39 -14.30 -9.15
N LEU A 1146 28.68 -14.55 -9.22
CA LEU A 1146 29.38 -15.20 -8.10
C LEU A 1146 29.38 -14.28 -6.89
N MET A 1147 29.54 -12.98 -7.13
CA MET A 1147 29.56 -12.01 -6.04
C MET A 1147 28.23 -11.83 -5.31
N VAL A 1148 27.13 -12.26 -5.92
CA VAL A 1148 25.85 -12.17 -5.26
C VAL A 1148 25.40 -13.52 -4.71
N GLY A 1149 26.33 -14.47 -4.67
CA GLY A 1149 26.05 -15.77 -4.08
C GLY A 1149 25.87 -17.04 -4.90
N LEU A 1150 25.87 -16.95 -6.22
CA LEU A 1150 25.68 -18.16 -7.03
C LEU A 1150 26.89 -19.07 -7.16
N GLN A 1151 26.61 -20.36 -7.33
CA GLN A 1151 27.63 -21.39 -7.49
C GLN A 1151 28.15 -21.19 -8.92
N GLU A 1152 29.45 -21.43 -9.16
CA GLU A 1152 30.01 -21.23 -10.50
C GLU A 1152 29.21 -21.84 -11.64
N SER A 1153 28.69 -23.03 -11.44
CA SER A 1153 27.90 -23.71 -12.47
C SER A 1153 26.66 -22.90 -12.86
N GLU A 1154 25.89 -22.47 -11.87
CA GLU A 1154 24.69 -21.69 -12.14
C GLU A 1154 25.09 -20.34 -12.72
N ALA A 1155 26.14 -19.77 -12.14
CA ALA A 1155 26.66 -18.48 -12.57
C ALA A 1155 27.01 -18.50 -14.05
N ASP A 1156 27.86 -19.44 -14.45
CA ASP A 1156 28.28 -19.58 -15.85
C ASP A 1156 27.10 -19.84 -16.77
N ALA A 1157 26.14 -20.62 -16.29
CA ALA A 1157 24.95 -20.93 -17.08
C ALA A 1157 24.06 -19.71 -17.28
N LEU A 1158 23.71 -19.03 -16.19
CA LEU A 1158 22.88 -17.83 -16.31
C LEU A 1158 23.62 -16.75 -17.11
N ALA A 1159 24.93 -16.62 -16.86
CA ALA A 1159 25.74 -15.65 -17.58
C ALA A 1159 25.64 -15.95 -19.09
N GLY A 1160 25.97 -17.19 -19.47
CA GLY A 1160 25.91 -17.59 -20.86
C GLY A 1160 24.50 -17.44 -21.42
N LYS A 1161 23.51 -17.59 -20.55
CA LYS A 1161 22.12 -17.45 -20.97
C LYS A 1161 21.79 -15.98 -21.24
N ILE A 1162 22.25 -15.09 -20.36
CA ILE A 1162 22.00 -13.67 -20.50
C ILE A 1162 22.66 -13.10 -21.78
N MET A 1163 23.84 -13.59 -22.12
CA MET A 1163 24.55 -13.11 -23.30
C MET A 1163 23.80 -13.29 -24.62
N LEU A 1164 23.15 -14.43 -24.79
CA LEU A 1164 22.45 -14.71 -26.03
C LEU A 1164 20.96 -14.42 -26.01
N GLN A 1165 20.46 -13.85 -24.93
CA GLN A 1165 19.03 -13.60 -24.83
C GLN A 1165 18.49 -12.34 -25.49
N ASP A 1166 17.27 -12.47 -26.03
CA ASP A 1166 16.60 -11.32 -26.62
C ASP A 1166 15.81 -10.74 -25.46
N VAL A 1167 16.35 -9.69 -24.86
CA VAL A 1167 15.74 -9.04 -23.71
C VAL A 1167 14.56 -8.12 -24.06
N ASN A 1168 13.46 -8.27 -23.32
CA ASN A 1168 12.24 -7.49 -23.54
C ASN A 1168 12.41 -6.02 -23.20
N THR A 1169 11.60 -5.19 -23.84
CA THR A 1169 11.58 -3.75 -23.65
C THR A 1169 11.71 -3.29 -22.20
N VAL A 1170 10.82 -3.80 -21.34
CA VAL A 1170 10.82 -3.42 -19.94
C VAL A 1170 12.07 -3.81 -19.19
N GLN A 1171 12.54 -5.03 -19.38
CA GLN A 1171 13.72 -5.46 -18.66
C GLN A 1171 14.97 -4.75 -19.13
N LEU A 1172 15.03 -4.51 -20.44
CA LEU A 1172 16.18 -3.85 -21.03
C LEU A 1172 16.27 -2.38 -20.65
N ALA A 1173 15.12 -1.73 -20.53
CA ALA A 1173 15.09 -0.31 -20.19
C ALA A 1173 15.73 0.00 -18.84
N ARG A 1174 15.94 -1.01 -18.00
CA ARG A 1174 16.56 -0.76 -16.70
C ARG A 1174 18.05 -0.40 -16.84
N VAL A 1175 18.65 -0.69 -17.99
CA VAL A 1175 20.07 -0.37 -18.16
C VAL A 1175 20.25 1.13 -18.01
N VAL A 1176 19.14 1.86 -18.05
CA VAL A 1176 19.22 3.30 -17.92
C VAL A 1176 18.19 3.83 -16.91
N ASN A 1177 17.77 2.94 -16.02
CA ASN A 1177 16.82 3.27 -14.97
C ASN A 1177 15.46 3.78 -15.43
N LEU A 1178 14.91 3.20 -16.50
CA LEU A 1178 13.60 3.59 -16.96
C LEU A 1178 12.63 2.54 -16.42
N ALA A 1179 11.59 2.97 -15.74
CA ALA A 1179 10.62 2.05 -15.18
C ALA A 1179 9.21 2.34 -15.65
N VAL A 1180 8.39 1.31 -15.75
CA VAL A 1180 7.00 1.51 -16.14
C VAL A 1180 6.37 2.35 -15.05
N PRO A 1181 5.75 3.47 -15.43
CA PRO A 1181 5.11 4.33 -14.42
C PRO A 1181 4.00 3.60 -13.66
N ASP A 1182 3.85 3.91 -12.38
CA ASP A 1182 2.79 3.28 -11.59
C ASP A 1182 1.43 3.63 -12.13
N THR A 1183 1.24 4.88 -12.53
CA THR A 1183 -0.03 5.29 -13.05
C THR A 1183 -0.44 4.52 -14.30
N TRP A 1184 0.55 3.96 -14.99
CA TRP A 1184 0.31 3.19 -16.20
C TRP A 1184 -0.13 1.75 -15.96
N MET A 1185 0.18 1.23 -14.77
CA MET A 1185 -0.12 -0.16 -14.42
C MET A 1185 -1.51 -0.72 -14.76
N SER A 1186 -2.53 0.11 -14.77
CA SER A 1186 -3.86 -0.39 -15.05
C SER A 1186 -4.14 -0.46 -16.55
N LEU A 1187 -3.15 -0.08 -17.35
CA LEU A 1187 -3.30 -0.07 -18.81
C LEU A 1187 -2.40 -1.07 -19.52
N ASP A 1188 -2.67 -1.29 -20.80
CA ASP A 1188 -1.90 -2.24 -21.58
C ASP A 1188 -0.68 -1.54 -22.20
N PHE A 1189 0.31 -1.27 -21.36
CA PHE A 1189 1.54 -0.60 -21.79
C PHE A 1189 2.42 -1.51 -22.65
N ASP A 1190 2.31 -2.81 -22.44
CA ASP A 1190 3.08 -3.79 -23.20
C ASP A 1190 2.75 -3.63 -24.68
N SER A 1191 1.46 -3.50 -25.00
CA SER A 1191 1.02 -3.34 -26.39
C SER A 1191 1.43 -2.00 -26.96
N MET A 1192 1.45 -0.97 -26.12
CA MET A 1192 1.84 0.32 -26.61
C MET A 1192 3.30 0.25 -27.06
N PHE A 1193 4.17 -0.32 -26.22
CA PHE A 1193 5.59 -0.42 -26.56
C PHE A 1193 5.79 -1.22 -27.85
N LYS A 1194 5.10 -2.35 -28.00
CA LYS A 1194 5.25 -3.22 -29.17
C LYS A 1194 4.60 -2.82 -30.48
N HIS A 1195 3.40 -2.26 -30.45
CA HIS A 1195 2.73 -1.95 -31.70
C HIS A 1195 2.36 -0.49 -31.97
N HIS A 1196 2.66 0.41 -31.04
CA HIS A 1196 2.23 1.77 -31.29
C HIS A 1196 3.28 2.85 -31.10
N VAL A 1197 4.53 2.42 -31.11
CA VAL A 1197 5.67 3.31 -31.00
C VAL A 1197 6.60 2.85 -32.11
N LYS A 1198 6.34 3.37 -33.30
CA LYS A 1198 7.13 3.02 -34.47
C LYS A 1198 8.50 3.68 -34.42
N LEU A 1199 9.55 2.86 -34.58
CA LEU A 1199 10.92 3.34 -34.58
C LEU A 1199 11.36 3.62 -36.02
N LEU A 1200 10.53 3.25 -36.98
CA LEU A 1200 10.79 3.46 -38.40
C LEU A 1200 10.01 4.71 -38.77
N PRO A 1201 10.68 5.81 -39.13
CA PRO A 1201 10.02 7.07 -39.50
C PRO A 1201 8.79 6.84 -40.36
N LYS A 1202 7.78 7.68 -40.23
CA LYS A 1202 6.57 7.49 -41.01
C LYS A 1202 6.80 7.53 -42.52
N ASP A 1203 7.75 8.37 -42.95
CA ASP A 1203 8.06 8.48 -44.37
C ASP A 1203 9.33 7.71 -44.74
N GLY A 1204 9.54 6.56 -44.11
CA GLY A 1204 10.71 5.76 -44.41
C GLY A 1204 11.93 6.02 -43.54
N ARG A 1205 13.01 5.32 -43.84
CA ARG A 1205 14.25 5.43 -43.09
C ARG A 1205 15.00 6.76 -43.17
N HIS A 1206 15.60 7.13 -42.03
CA HIS A 1206 16.38 8.35 -41.90
C HIS A 1206 17.77 7.94 -41.44
N LEU A 1207 18.79 8.66 -41.90
CA LEU A 1207 20.16 8.31 -41.51
C LEU A 1207 20.35 8.34 -40.00
N ASN A 1208 19.75 9.33 -39.35
CA ASN A 1208 19.85 9.47 -37.90
C ASN A 1208 19.05 8.42 -37.12
N THR A 1209 17.89 8.03 -37.64
CA THR A 1209 17.04 7.05 -36.96
C THR A 1209 17.50 5.60 -37.06
N ASP A 1210 18.32 5.27 -38.04
CA ASP A 1210 18.77 3.88 -38.15
C ASP A 1210 19.44 3.44 -36.87
N ILE A 1211 19.15 2.22 -36.43
CA ILE A 1211 19.72 1.66 -35.22
C ILE A 1211 20.92 0.80 -35.56
N PRO A 1212 22.11 1.18 -35.05
CA PRO A 1212 23.36 0.43 -35.28
C PRO A 1212 23.22 -1.05 -34.97
N PRO A 1213 23.99 -1.89 -35.67
CA PRO A 1213 23.97 -3.34 -35.49
C PRO A 1213 24.08 -3.82 -34.05
N ARG A 1214 25.13 -3.38 -33.36
CA ARG A 1214 25.34 -3.81 -31.98
C ARG A 1214 24.58 -3.01 -30.91
N MET A 1215 23.80 -2.03 -31.33
CA MET A 1215 23.06 -1.20 -30.39
C MET A 1215 21.54 -1.42 -30.44
N GLY A 1216 21.14 -2.68 -30.54
CA GLY A 1216 19.72 -2.99 -30.61
C GLY A 1216 19.01 -2.64 -29.32
N TRP A 1217 19.76 -2.60 -28.23
CA TRP A 1217 19.19 -2.28 -26.94
C TRP A 1217 18.58 -0.88 -26.97
N LEU A 1218 18.96 -0.06 -27.96
CA LEU A 1218 18.42 1.28 -28.09
C LEU A 1218 16.91 1.29 -28.28
N ARG A 1219 16.41 0.28 -29.01
CA ARG A 1219 14.98 0.21 -29.30
C ARG A 1219 14.10 0.17 -28.07
N ALA A 1220 14.59 -0.39 -26.98
CA ALA A 1220 13.83 -0.48 -25.74
C ALA A 1220 13.73 0.90 -25.10
N ILE A 1221 14.86 1.60 -25.07
CA ILE A 1221 14.90 2.93 -24.49
C ILE A 1221 14.03 3.85 -25.32
N LEU A 1222 14.16 3.74 -26.63
CA LEU A 1222 13.38 4.56 -27.53
C LEU A 1222 11.88 4.29 -27.38
N ARG A 1223 11.52 3.08 -26.99
CA ARG A 1223 10.09 2.79 -26.85
C ARG A 1223 9.49 3.52 -25.68
N PHE A 1224 10.26 3.63 -24.61
CA PHE A 1224 9.77 4.34 -23.44
C PHE A 1224 9.55 5.82 -23.75
N LEU A 1225 10.46 6.44 -24.50
CA LEU A 1225 10.36 7.86 -24.81
C LEU A 1225 9.12 8.20 -25.66
N GLY A 1226 8.84 7.34 -26.63
CA GLY A 1226 7.68 7.56 -27.47
C GLY A 1226 6.45 7.40 -26.62
N ALA A 1227 6.40 6.31 -25.85
CA ALA A 1227 5.25 6.06 -25.00
C ALA A 1227 5.01 7.25 -24.09
N GLY A 1228 6.10 7.80 -23.54
CA GLY A 1228 5.99 8.93 -22.65
C GLY A 1228 5.16 10.06 -23.25
N MET A 1229 5.51 10.47 -24.46
CA MET A 1229 4.79 11.57 -25.10
C MET A 1229 3.34 11.22 -25.38
N VAL A 1230 3.07 9.98 -25.78
CA VAL A 1230 1.72 9.56 -26.07
C VAL A 1230 0.87 9.60 -24.81
N MET A 1231 1.37 9.00 -23.74
CA MET A 1231 0.63 8.95 -22.49
C MET A 1231 0.48 10.31 -21.82
N THR A 1232 1.43 11.21 -22.05
CA THR A 1232 1.41 12.54 -21.45
C THR A 1232 0.45 13.49 -22.16
N ALA A 1233 0.12 13.18 -23.41
CA ALA A 1233 -0.80 14.03 -24.18
C ALA A 1233 -2.27 13.71 -23.87
N THR A 1234 -3.01 14.74 -23.49
CA THR A 1234 -4.43 14.56 -23.18
C THR A 1234 -5.18 13.94 -24.36
N GLY A 1235 -6.18 13.14 -24.06
CA GLY A 1235 -6.98 12.53 -25.11
C GLY A 1235 -6.72 11.07 -25.40
N VAL A 1236 -6.99 10.69 -26.65
CA VAL A 1236 -6.79 9.32 -27.10
C VAL A 1236 -5.31 9.01 -27.33
N ALA A 1237 -4.94 7.75 -27.12
CA ALA A 1237 -3.57 7.33 -27.33
C ALA A 1237 -3.42 7.47 -28.83
N VAL A 1238 -2.29 7.99 -29.24
CA VAL A 1238 -2.00 8.22 -30.64
C VAL A 1238 -0.81 7.33 -31.03
N ASP A 1239 -0.67 7.02 -32.31
CA ASP A 1239 0.49 6.25 -32.74
C ASP A 1239 1.58 7.29 -32.90
N ILE A 1240 2.77 6.99 -32.42
CA ILE A 1240 3.87 7.95 -32.53
C ILE A 1240 5.01 7.35 -33.38
N TYR A 1241 5.64 8.19 -34.20
CA TYR A 1241 6.73 7.74 -35.08
C TYR A 1241 8.06 8.46 -34.84
N LEU A 1242 9.13 7.67 -34.68
CA LEU A 1242 10.45 8.25 -34.46
C LEU A 1242 10.75 9.12 -35.66
N GLU A 1243 10.98 10.41 -35.40
CA GLU A 1243 11.26 11.37 -36.47
C GLU A 1243 12.74 11.72 -36.58
N ASP A 1244 13.44 11.81 -35.44
CA ASP A 1244 14.84 12.19 -35.50
C ASP A 1244 15.66 11.95 -34.22
N ILE A 1245 16.96 11.78 -34.41
CA ILE A 1245 17.90 11.61 -33.31
C ILE A 1245 19.04 12.54 -33.73
N HIS A 1246 19.13 13.70 -33.08
CA HIS A 1246 20.13 14.68 -33.45
C HIS A 1246 21.44 14.21 -34.04
N GLY A 1247 22.27 13.53 -33.25
CA GLY A 1247 23.55 13.09 -33.76
C GLY A 1247 23.57 11.67 -34.29
N GLY A 1248 22.39 11.11 -34.49
CA GLY A 1248 22.30 9.75 -35.01
C GLY A 1248 22.23 8.72 -33.90
N GLY A 1249 21.72 7.54 -34.23
CA GLY A 1249 21.59 6.47 -33.27
C GLY A 1249 22.90 6.08 -32.62
N ARG A 1250 23.94 5.96 -33.42
CA ARG A 1250 25.25 5.56 -32.91
C ARG A 1250 25.77 6.48 -31.82
N SER A 1251 25.73 7.79 -32.06
CA SER A 1251 26.24 8.70 -31.04
C SER A 1251 25.32 8.72 -29.83
N LEU A 1252 24.04 8.45 -30.06
CA LEU A 1252 23.11 8.41 -28.93
C LEU A 1252 23.52 7.25 -28.00
N GLY A 1253 23.81 6.10 -28.61
CA GLY A 1253 24.21 4.95 -27.83
C GLY A 1253 25.47 5.14 -27.01
N GLN A 1254 26.50 5.75 -27.62
CA GLN A 1254 27.74 5.99 -26.89
C GLN A 1254 27.42 6.86 -25.69
N ARG A 1255 26.54 7.82 -25.93
CA ARG A 1255 26.13 8.76 -24.91
C ARG A 1255 25.48 8.01 -23.73
N PHE A 1256 24.63 7.03 -24.02
CA PHE A 1256 24.01 6.25 -22.96
C PHE A 1256 25.06 5.33 -22.32
N MET A 1257 25.98 4.81 -23.14
CA MET A 1257 27.03 3.92 -22.64
C MET A 1257 27.97 4.65 -21.69
N THR A 1258 28.14 5.96 -21.89
CA THR A 1258 29.00 6.74 -21.01
C THR A 1258 28.26 6.83 -19.67
N TRP A 1259 26.96 7.13 -19.73
CA TRP A 1259 26.19 7.22 -18.50
C TRP A 1259 26.29 5.89 -17.76
N MET A 1260 26.11 4.80 -18.50
CA MET A 1260 26.14 3.47 -17.92
C MET A 1260 27.42 3.16 -17.17
N ARG A 1261 28.56 3.36 -17.83
CA ARG A 1261 29.84 3.05 -17.21
C ARG A 1261 30.28 4.04 -16.16
N GLN A 1262 29.53 5.11 -15.98
CA GLN A 1262 29.91 6.10 -14.98
C GLN A 1262 29.10 6.03 -13.70
N GLU A 1263 28.04 5.23 -13.69
CA GLU A 1263 27.21 5.10 -12.50
C GLU A 1263 27.98 4.65 -11.28
N GLY A 1264 28.00 5.49 -10.25
CA GLY A 1264 28.71 5.15 -9.04
C GLY A 1264 30.23 5.28 -9.17
N ARG A 1265 30.70 6.51 -9.35
CA ARG A 1265 32.12 6.81 -9.48
C ARG A 1265 32.51 7.83 -8.40
#